data_3C71
# 
_entry.id   3C71 
# 
_audit_conform.dict_name       mmcif_pdbx.dic 
_audit_conform.dict_version    5.387 
_audit_conform.dict_location   http://mmcif.pdb.org/dictionaries/ascii/mmcif_pdbx.dic 
# 
loop_
_database_2.database_id 
_database_2.database_code 
_database_2.pdbx_database_accession 
_database_2.pdbx_DOI 
PDB   3C71         pdb_00003c71 10.2210/pdb3c71/pdb 
RCSB  RCSB046421   ?            ?                   
WWPDB D_1000046421 ?            ?                   
# 
loop_
_pdbx_audit_revision_history.ordinal 
_pdbx_audit_revision_history.data_content_type 
_pdbx_audit_revision_history.major_revision 
_pdbx_audit_revision_history.minor_revision 
_pdbx_audit_revision_history.revision_date 
1 'Structure model' 1 0 2008-08-12 
2 'Structure model' 1 1 2011-07-13 
3 'Structure model' 1 2 2016-12-14 
4 'Structure model' 1 3 2017-10-25 
5 'Structure model' 1 4 2021-10-20 
6 'Structure model' 1 5 2024-02-21 
# 
_pdbx_audit_revision_details.ordinal             1 
_pdbx_audit_revision_details.revision_ordinal    1 
_pdbx_audit_revision_details.data_content_type   'Structure model' 
_pdbx_audit_revision_details.provider            repository 
_pdbx_audit_revision_details.type                'Initial release' 
_pdbx_audit_revision_details.description         ? 
_pdbx_audit_revision_details.details             ? 
# 
loop_
_pdbx_audit_revision_group.ordinal 
_pdbx_audit_revision_group.revision_ordinal 
_pdbx_audit_revision_group.data_content_type 
_pdbx_audit_revision_group.group 
1 2 'Structure model' 'Version format compliance' 
2 3 'Structure model' 'Structure summary'         
3 4 'Structure model' 'Refinement description'    
4 5 'Structure model' 'Database references'       
5 5 'Structure model' 'Derived calculations'      
6 6 'Structure model' 'Data collection'           
# 
loop_
_pdbx_audit_revision_category.ordinal 
_pdbx_audit_revision_category.revision_ordinal 
_pdbx_audit_revision_category.data_content_type 
_pdbx_audit_revision_category.category 
1 4 'Structure model' software           
2 5 'Structure model' database_2         
3 5 'Structure model' struct_ref_seq_dif 
4 5 'Structure model' struct_site        
5 6 'Structure model' chem_comp_atom     
6 6 'Structure model' chem_comp_bond     
# 
loop_
_pdbx_audit_revision_item.ordinal 
_pdbx_audit_revision_item.revision_ordinal 
_pdbx_audit_revision_item.data_content_type 
_pdbx_audit_revision_item.item 
1 5 'Structure model' '_database_2.pdbx_DOI'                
2 5 'Structure model' '_database_2.pdbx_database_accession' 
3 5 'Structure model' '_struct_ref_seq_dif.details'         
4 5 'Structure model' '_struct_site.pdbx_auth_asym_id'      
5 5 'Structure model' '_struct_site.pdbx_auth_comp_id'      
6 5 'Structure model' '_struct_site.pdbx_auth_seq_id'       
# 
_pdbx_database_status.status_code                     REL 
_pdbx_database_status.entry_id                        3C71 
_pdbx_database_status.recvd_initial_deposition_date   2008-02-06 
_pdbx_database_status.deposit_site                    RCSB 
_pdbx_database_status.process_site                    RCSB 
_pdbx_database_status.status_code_sf                  REL 
_pdbx_database_status.status_code_mr                  ? 
_pdbx_database_status.SG_entry                        ? 
_pdbx_database_status.status_code_cs                  ? 
_pdbx_database_status.methods_development_category    ? 
_pdbx_database_status.pdb_format_compatible           Y 
_pdbx_database_status.status_code_nmr_data            ? 
# 
loop_
_pdbx_database_related.db_name 
_pdbx_database_related.db_id 
_pdbx_database_related.details 
_pdbx_database_related.content_type 
PDB 1ST9 'Structure of Oxidised ResA (wild-type)' unspecified 
PDB 1SU9 'Structure of Reduced ResA (wild-type)'  unspecified 
# 
_audit_author.name           'Crow, A.' 
_audit_author.pdbx_ordinal   1 
# 
_citation.id                        primary 
_citation.title                     
'Effects of substitutions in the CXXC active-site motif of the extracytoplasmic thioredoxin ResA.' 
_citation.journal_abbrev            Biochem.J. 
_citation.journal_volume            414 
_citation.page_first                81 
_citation.page_last                 91 
_citation.year                      2008 
_citation.journal_id_ASTM           BIJOAK 
_citation.country                   UK 
_citation.journal_id_ISSN           0264-6021 
_citation.journal_id_CSD            0043 
_citation.book_publisher            ? 
_citation.pdbx_database_id_PubMed   18422485 
_citation.pdbx_database_id_DOI      10.1042/BJ20080356 
# 
loop_
_citation_author.citation_id 
_citation_author.name 
_citation_author.ordinal 
_citation_author.identifier_ORCID 
primary 'Lewin, A.'      1 ? 
primary 'Crow, A.'       2 ? 
primary 'Hodson, C.T.'   3 ? 
primary 'Hederstedt, L.' 4 ? 
primary 'Le Brun, N.E.'  5 ? 
# 
loop_
_entity.id 
_entity.type 
_entity.src_method 
_entity.pdbx_description 
_entity.formula_weight 
_entity.pdbx_number_of_molecules 
_entity.pdbx_ec 
_entity.pdbx_mutation 
_entity.pdbx_fragment 
_entity.details 
1 polymer     man 'Thiol-disulfide oxidoreductase resA' 15951.164 1   ? 'E75P, P76H' 'UNP residues 37-179' ? 
2 non-polymer syn 1,2-ETHANEDIOL                        62.068    1   ? ?            ?                     ? 
3 water       nat water                                 18.015    123 ? ?            ?                     ? 
# 
_entity_poly.entity_id                      1 
_entity_poly.type                           'polypeptide(L)' 
_entity_poly.nstd_linkage                   no 
_entity_poly.nstd_monomer                   no 
_entity_poly.pdbx_seq_one_letter_code       
;SEGSDAPNFVLEDTNGKRIELSDLKGKGVFLNFWGTWCPHCKKEFPYMANQYKHFKSQGVEIVAVNVGESKIAVHNFMKS
YGVNFPVVLDTDRQVLDAYDVSPLPTTFLINPEGKVVKVVTGTMTESMIHDYMNLIKPGETSG
;
_entity_poly.pdbx_seq_one_letter_code_can   
;SEGSDAPNFVLEDTNGKRIELSDLKGKGVFLNFWGTWCPHCKKEFPYMANQYKHFKSQGVEIVAVNVGESKIAVHNFMKS
YGVNFPVVLDTDRQVLDAYDVSPLPTTFLINPEGKVVKVVTGTMTESMIHDYMNLIKPGETSG
;
_entity_poly.pdbx_strand_id                 A 
_entity_poly.pdbx_target_identifier         ? 
# 
loop_
_pdbx_entity_nonpoly.entity_id 
_pdbx_entity_nonpoly.name 
_pdbx_entity_nonpoly.comp_id 
2 1,2-ETHANEDIOL EDO 
3 water          HOH 
# 
loop_
_entity_poly_seq.entity_id 
_entity_poly_seq.num 
_entity_poly_seq.mon_id 
_entity_poly_seq.hetero 
1 1   SER n 
1 2   GLU n 
1 3   GLY n 
1 4   SER n 
1 5   ASP n 
1 6   ALA n 
1 7   PRO n 
1 8   ASN n 
1 9   PHE n 
1 10  VAL n 
1 11  LEU n 
1 12  GLU n 
1 13  ASP n 
1 14  THR n 
1 15  ASN n 
1 16  GLY n 
1 17  LYS n 
1 18  ARG n 
1 19  ILE n 
1 20  GLU n 
1 21  LEU n 
1 22  SER n 
1 23  ASP n 
1 24  LEU n 
1 25  LYS n 
1 26  GLY n 
1 27  LYS n 
1 28  GLY n 
1 29  VAL n 
1 30  PHE n 
1 31  LEU n 
1 32  ASN n 
1 33  PHE n 
1 34  TRP n 
1 35  GLY n 
1 36  THR n 
1 37  TRP n 
1 38  CYS n 
1 39  PRO n 
1 40  HIS n 
1 41  CYS n 
1 42  LYS n 
1 43  LYS n 
1 44  GLU n 
1 45  PHE n 
1 46  PRO n 
1 47  TYR n 
1 48  MET n 
1 49  ALA n 
1 50  ASN n 
1 51  GLN n 
1 52  TYR n 
1 53  LYS n 
1 54  HIS n 
1 55  PHE n 
1 56  LYS n 
1 57  SER n 
1 58  GLN n 
1 59  GLY n 
1 60  VAL n 
1 61  GLU n 
1 62  ILE n 
1 63  VAL n 
1 64  ALA n 
1 65  VAL n 
1 66  ASN n 
1 67  VAL n 
1 68  GLY n 
1 69  GLU n 
1 70  SER n 
1 71  LYS n 
1 72  ILE n 
1 73  ALA n 
1 74  VAL n 
1 75  HIS n 
1 76  ASN n 
1 77  PHE n 
1 78  MET n 
1 79  LYS n 
1 80  SER n 
1 81  TYR n 
1 82  GLY n 
1 83  VAL n 
1 84  ASN n 
1 85  PHE n 
1 86  PRO n 
1 87  VAL n 
1 88  VAL n 
1 89  LEU n 
1 90  ASP n 
1 91  THR n 
1 92  ASP n 
1 93  ARG n 
1 94  GLN n 
1 95  VAL n 
1 96  LEU n 
1 97  ASP n 
1 98  ALA n 
1 99  TYR n 
1 100 ASP n 
1 101 VAL n 
1 102 SER n 
1 103 PRO n 
1 104 LEU n 
1 105 PRO n 
1 106 THR n 
1 107 THR n 
1 108 PHE n 
1 109 LEU n 
1 110 ILE n 
1 111 ASN n 
1 112 PRO n 
1 113 GLU n 
1 114 GLY n 
1 115 LYS n 
1 116 VAL n 
1 117 VAL n 
1 118 LYS n 
1 119 VAL n 
1 120 VAL n 
1 121 THR n 
1 122 GLY n 
1 123 THR n 
1 124 MET n 
1 125 THR n 
1 126 GLU n 
1 127 SER n 
1 128 MET n 
1 129 ILE n 
1 130 HIS n 
1 131 ASP n 
1 132 TYR n 
1 133 MET n 
1 134 ASN n 
1 135 LEU n 
1 136 ILE n 
1 137 LYS n 
1 138 PRO n 
1 139 GLY n 
1 140 GLU n 
1 141 THR n 
1 142 SER n 
1 143 GLY n 
# 
_entity_src_gen.entity_id                          1 
_entity_src_gen.pdbx_src_id                        1 
_entity_src_gen.pdbx_alt_source_flag               sample 
_entity_src_gen.pdbx_seq_type                      ? 
_entity_src_gen.pdbx_beg_seq_num                   ? 
_entity_src_gen.pdbx_end_seq_num                   ? 
_entity_src_gen.gene_src_common_name               ? 
_entity_src_gen.gene_src_genus                     ? 
_entity_src_gen.pdbx_gene_src_gene                 'resA, ypxA' 
_entity_src_gen.gene_src_species                   ? 
_entity_src_gen.gene_src_strain                    ? 
_entity_src_gen.gene_src_tissue                    ? 
_entity_src_gen.gene_src_tissue_fraction           ? 
_entity_src_gen.gene_src_details                   ? 
_entity_src_gen.pdbx_gene_src_fragment             ? 
_entity_src_gen.pdbx_gene_src_scientific_name      'Bacillus subtilis' 
_entity_src_gen.pdbx_gene_src_ncbi_taxonomy_id     1423 
_entity_src_gen.pdbx_gene_src_variant              ? 
_entity_src_gen.pdbx_gene_src_cell_line            ? 
_entity_src_gen.pdbx_gene_src_atcc                 ? 
_entity_src_gen.pdbx_gene_src_organ                ? 
_entity_src_gen.pdbx_gene_src_organelle            ? 
_entity_src_gen.pdbx_gene_src_cell                 ? 
_entity_src_gen.pdbx_gene_src_cellular_location    ? 
_entity_src_gen.host_org_common_name               ? 
_entity_src_gen.pdbx_host_org_scientific_name      'Escherichia coli' 
_entity_src_gen.pdbx_host_org_ncbi_taxonomy_id     562 
_entity_src_gen.host_org_genus                     ? 
_entity_src_gen.pdbx_host_org_gene                 ? 
_entity_src_gen.pdbx_host_org_organ                ? 
_entity_src_gen.host_org_species                   ? 
_entity_src_gen.pdbx_host_org_tissue               ? 
_entity_src_gen.pdbx_host_org_tissue_fraction      ? 
_entity_src_gen.pdbx_host_org_strain               ? 
_entity_src_gen.pdbx_host_org_variant              ? 
_entity_src_gen.pdbx_host_org_cell_line            ? 
_entity_src_gen.pdbx_host_org_atcc                 ? 
_entity_src_gen.pdbx_host_org_culture_collection   ? 
_entity_src_gen.pdbx_host_org_cell                 ? 
_entity_src_gen.pdbx_host_org_organelle            ? 
_entity_src_gen.pdbx_host_org_cellular_location    ? 
_entity_src_gen.pdbx_host_org_vector_type          ? 
_entity_src_gen.pdbx_host_org_vector               ? 
_entity_src_gen.host_org_details                   ? 
_entity_src_gen.expression_system_id               ? 
_entity_src_gen.plasmid_name                       ? 
_entity_src_gen.plasmid_details                    ? 
_entity_src_gen.pdbx_description                   ? 
# 
loop_
_chem_comp.id 
_chem_comp.type 
_chem_comp.mon_nstd_flag 
_chem_comp.name 
_chem_comp.pdbx_synonyms 
_chem_comp.formula 
_chem_comp.formula_weight 
ALA 'L-peptide linking' y ALANINE         ?                 'C3 H7 N O2'     89.093  
ARG 'L-peptide linking' y ARGININE        ?                 'C6 H15 N4 O2 1' 175.209 
ASN 'L-peptide linking' y ASPARAGINE      ?                 'C4 H8 N2 O3'    132.118 
ASP 'L-peptide linking' y 'ASPARTIC ACID' ?                 'C4 H7 N O4'     133.103 
CYS 'L-peptide linking' y CYSTEINE        ?                 'C3 H7 N O2 S'   121.158 
EDO non-polymer         . 1,2-ETHANEDIOL  'ETHYLENE GLYCOL' 'C2 H6 O2'       62.068  
GLN 'L-peptide linking' y GLUTAMINE       ?                 'C5 H10 N2 O3'   146.144 
GLU 'L-peptide linking' y 'GLUTAMIC ACID' ?                 'C5 H9 N O4'     147.129 
GLY 'peptide linking'   y GLYCINE         ?                 'C2 H5 N O2'     75.067  
HIS 'L-peptide linking' y HISTIDINE       ?                 'C6 H10 N3 O2 1' 156.162 
HOH non-polymer         . WATER           ?                 'H2 O'           18.015  
ILE 'L-peptide linking' y ISOLEUCINE      ?                 'C6 H13 N O2'    131.173 
LEU 'L-peptide linking' y LEUCINE         ?                 'C6 H13 N O2'    131.173 
LYS 'L-peptide linking' y LYSINE          ?                 'C6 H15 N2 O2 1' 147.195 
MET 'L-peptide linking' y METHIONINE      ?                 'C5 H11 N O2 S'  149.211 
PHE 'L-peptide linking' y PHENYLALANINE   ?                 'C9 H11 N O2'    165.189 
PRO 'L-peptide linking' y PROLINE         ?                 'C5 H9 N O2'     115.130 
SER 'L-peptide linking' y SERINE          ?                 'C3 H7 N O3'     105.093 
THR 'L-peptide linking' y THREONINE       ?                 'C4 H9 N O3'     119.119 
TRP 'L-peptide linking' y TRYPTOPHAN      ?                 'C11 H12 N2 O2'  204.225 
TYR 'L-peptide linking' y TYROSINE        ?                 'C9 H11 N O3'    181.189 
VAL 'L-peptide linking' y VALINE          ?                 'C5 H11 N O2'    117.146 
# 
loop_
_pdbx_poly_seq_scheme.asym_id 
_pdbx_poly_seq_scheme.entity_id 
_pdbx_poly_seq_scheme.seq_id 
_pdbx_poly_seq_scheme.mon_id 
_pdbx_poly_seq_scheme.ndb_seq_num 
_pdbx_poly_seq_scheme.pdb_seq_num 
_pdbx_poly_seq_scheme.auth_seq_num 
_pdbx_poly_seq_scheme.pdb_mon_id 
_pdbx_poly_seq_scheme.auth_mon_id 
_pdbx_poly_seq_scheme.pdb_strand_id 
_pdbx_poly_seq_scheme.pdb_ins_code 
_pdbx_poly_seq_scheme.hetero 
A 1 1   SER 1   37  ?   ?   ?   A . n 
A 1 2   GLU 2   38  ?   ?   ?   A . n 
A 1 3   GLY 3   39  ?   ?   ?   A . n 
A 1 4   SER 4   40  40  SER SER A . n 
A 1 5   ASP 5   41  41  ASP ASP A . n 
A 1 6   ALA 6   42  42  ALA ALA A . n 
A 1 7   PRO 7   43  43  PRO PRO A . n 
A 1 8   ASN 8   44  44  ASN ASN A . n 
A 1 9   PHE 9   45  45  PHE PHE A . n 
A 1 10  VAL 10  46  46  VAL VAL A . n 
A 1 11  LEU 11  47  47  LEU LEU A . n 
A 1 12  GLU 12  48  48  GLU GLU A . n 
A 1 13  ASP 13  49  49  ASP ASP A . n 
A 1 14  THR 14  50  50  THR THR A . n 
A 1 15  ASN 15  51  51  ASN ASN A . n 
A 1 16  GLY 16  52  52  GLY GLY A . n 
A 1 17  LYS 17  53  53  LYS LYS A . n 
A 1 18  ARG 18  54  54  ARG ARG A . n 
A 1 19  ILE 19  55  55  ILE ILE A . n 
A 1 20  GLU 20  56  56  GLU GLU A . n 
A 1 21  LEU 21  57  57  LEU LEU A . n 
A 1 22  SER 22  58  58  SER SER A . n 
A 1 23  ASP 23  59  59  ASP ASP A . n 
A 1 24  LEU 24  60  60  LEU LEU A . n 
A 1 25  LYS 25  61  61  LYS LYS A . n 
A 1 26  GLY 26  62  62  GLY GLY A . n 
A 1 27  LYS 27  63  63  LYS LYS A . n 
A 1 28  GLY 28  64  64  GLY GLY A . n 
A 1 29  VAL 29  65  65  VAL VAL A . n 
A 1 30  PHE 30  66  66  PHE PHE A . n 
A 1 31  LEU 31  67  67  LEU LEU A . n 
A 1 32  ASN 32  68  68  ASN ASN A . n 
A 1 33  PHE 33  69  69  PHE PHE A . n 
A 1 34  TRP 34  70  70  TRP TRP A . n 
A 1 35  GLY 35  71  71  GLY GLY A . n 
A 1 36  THR 36  72  72  THR THR A . n 
A 1 37  TRP 37  73  73  TRP TRP A . n 
A 1 38  CYS 38  74  74  CYS CYS A . n 
A 1 39  PRO 39  75  75  PRO PRO A . n 
A 1 40  HIS 40  76  76  HIS HIS A . n 
A 1 41  CYS 41  77  77  CYS CYS A . n 
A 1 42  LYS 42  78  78  LYS LYS A . n 
A 1 43  LYS 43  79  79  LYS LYS A . n 
A 1 44  GLU 44  80  80  GLU GLU A . n 
A 1 45  PHE 45  81  81  PHE PHE A . n 
A 1 46  PRO 46  82  82  PRO PRO A . n 
A 1 47  TYR 47  83  83  TYR TYR A . n 
A 1 48  MET 48  84  84  MET MET A . n 
A 1 49  ALA 49  85  85  ALA ALA A . n 
A 1 50  ASN 50  86  86  ASN ASN A . n 
A 1 51  GLN 51  87  87  GLN GLN A . n 
A 1 52  TYR 52  88  88  TYR TYR A . n 
A 1 53  LYS 53  89  89  LYS LYS A . n 
A 1 54  HIS 54  90  90  HIS HIS A . n 
A 1 55  PHE 55  91  91  PHE PHE A . n 
A 1 56  LYS 56  92  92  LYS LYS A . n 
A 1 57  SER 57  93  93  SER SER A . n 
A 1 58  GLN 58  94  94  GLN GLN A . n 
A 1 59  GLY 59  95  95  GLY GLY A . n 
A 1 60  VAL 60  96  96  VAL VAL A . n 
A 1 61  GLU 61  97  97  GLU GLU A . n 
A 1 62  ILE 62  98  98  ILE ILE A . n 
A 1 63  VAL 63  99  99  VAL VAL A . n 
A 1 64  ALA 64  100 100 ALA ALA A . n 
A 1 65  VAL 65  101 101 VAL VAL A . n 
A 1 66  ASN 66  102 102 ASN ASN A . n 
A 1 67  VAL 67  103 103 VAL VAL A . n 
A 1 68  GLY 68  104 104 GLY GLY A . n 
A 1 69  GLU 69  105 105 GLU GLU A . n 
A 1 70  SER 70  106 106 SER SER A . n 
A 1 71  LYS 71  107 107 LYS LYS A . n 
A 1 72  ILE 72  108 108 ILE ILE A . n 
A 1 73  ALA 73  109 109 ALA ALA A . n 
A 1 74  VAL 74  110 110 VAL VAL A . n 
A 1 75  HIS 75  111 111 HIS HIS A . n 
A 1 76  ASN 76  112 112 ASN ASN A . n 
A 1 77  PHE 77  113 113 PHE PHE A . n 
A 1 78  MET 78  114 114 MET MET A . n 
A 1 79  LYS 79  115 115 LYS LYS A . n 
A 1 80  SER 80  116 116 SER SER A . n 
A 1 81  TYR 81  117 117 TYR TYR A . n 
A 1 82  GLY 82  118 118 GLY GLY A . n 
A 1 83  VAL 83  119 119 VAL VAL A . n 
A 1 84  ASN 84  120 120 ASN ASN A . n 
A 1 85  PHE 85  121 121 PHE PHE A . n 
A 1 86  PRO 86  122 122 PRO PRO A . n 
A 1 87  VAL 87  123 123 VAL VAL A . n 
A 1 88  VAL 88  124 124 VAL VAL A . n 
A 1 89  LEU 89  125 125 LEU LEU A . n 
A 1 90  ASP 90  126 126 ASP ASP A . n 
A 1 91  THR 91  127 127 THR THR A . n 
A 1 92  ASP 92  128 128 ASP ASP A . n 
A 1 93  ARG 93  129 129 ARG ARG A . n 
A 1 94  GLN 94  130 130 GLN GLN A . n 
A 1 95  VAL 95  131 131 VAL VAL A . n 
A 1 96  LEU 96  132 132 LEU LEU A . n 
A 1 97  ASP 97  133 133 ASP ASP A . n 
A 1 98  ALA 98  134 134 ALA ALA A . n 
A 1 99  TYR 99  135 135 TYR TYR A . n 
A 1 100 ASP 100 136 136 ASP ASP A . n 
A 1 101 VAL 101 137 137 VAL VAL A . n 
A 1 102 SER 102 138 138 SER SER A . n 
A 1 103 PRO 103 139 139 PRO PRO A . n 
A 1 104 LEU 104 140 140 LEU LEU A . n 
A 1 105 PRO 105 141 141 PRO PRO A . n 
A 1 106 THR 106 142 142 THR THR A . n 
A 1 107 THR 107 143 143 THR THR A . n 
A 1 108 PHE 108 144 144 PHE PHE A . n 
A 1 109 LEU 109 145 145 LEU LEU A . n 
A 1 110 ILE 110 146 146 ILE ILE A . n 
A 1 111 ASN 111 147 147 ASN ASN A . n 
A 1 112 PRO 112 148 148 PRO PRO A . n 
A 1 113 GLU 113 149 149 GLU GLU A . n 
A 1 114 GLY 114 150 150 GLY GLY A . n 
A 1 115 LYS 115 151 151 LYS LYS A . n 
A 1 116 VAL 116 152 152 VAL VAL A . n 
A 1 117 VAL 117 153 153 VAL VAL A . n 
A 1 118 LYS 118 154 154 LYS LYS A . n 
A 1 119 VAL 119 155 155 VAL VAL A . n 
A 1 120 VAL 120 156 156 VAL VAL A . n 
A 1 121 THR 121 157 157 THR THR A . n 
A 1 122 GLY 122 158 158 GLY GLY A . n 
A 1 123 THR 123 159 159 THR THR A . n 
A 1 124 MET 124 160 160 MET MET A . n 
A 1 125 THR 125 161 161 THR THR A . n 
A 1 126 GLU 126 162 162 GLU GLU A . n 
A 1 127 SER 127 163 163 SER SER A . n 
A 1 128 MET 128 164 164 MET MET A . n 
A 1 129 ILE 129 165 165 ILE ILE A . n 
A 1 130 HIS 130 166 166 HIS HIS A . n 
A 1 131 ASP 131 167 167 ASP ASP A . n 
A 1 132 TYR 132 168 168 TYR TYR A . n 
A 1 133 MET 133 169 169 MET MET A . n 
A 1 134 ASN 134 170 170 ASN ASN A . n 
A 1 135 LEU 135 171 171 LEU LEU A . n 
A 1 136 ILE 136 172 172 ILE ILE A . n 
A 1 137 LYS 137 173 173 LYS LYS A . n 
A 1 138 PRO 138 174 174 PRO PRO A . n 
A 1 139 GLY 139 175 175 GLY GLY A . n 
A 1 140 GLU 140 176 176 GLU GLU A . n 
A 1 141 THR 141 177 177 THR THR A . n 
A 1 142 SER 142 178 178 SER SER A . n 
A 1 143 GLY 143 179 179 GLY GLY A . n 
# 
loop_
_pdbx_nonpoly_scheme.asym_id 
_pdbx_nonpoly_scheme.entity_id 
_pdbx_nonpoly_scheme.mon_id 
_pdbx_nonpoly_scheme.ndb_seq_num 
_pdbx_nonpoly_scheme.pdb_seq_num 
_pdbx_nonpoly_scheme.auth_seq_num 
_pdbx_nonpoly_scheme.pdb_mon_id 
_pdbx_nonpoly_scheme.auth_mon_id 
_pdbx_nonpoly_scheme.pdb_strand_id 
_pdbx_nonpoly_scheme.pdb_ins_code 
B 2 EDO 1   1   1   EDO EDO A . 
C 3 HOH 1   180 1   HOH HOH A . 
C 3 HOH 2   181 2   HOH HOH A . 
C 3 HOH 3   182 3   HOH HOH A . 
C 3 HOH 4   183 4   HOH HOH A . 
C 3 HOH 5   184 5   HOH HOH A . 
C 3 HOH 6   185 6   HOH HOH A . 
C 3 HOH 7   186 7   HOH HOH A . 
C 3 HOH 8   187 8   HOH HOH A . 
C 3 HOH 9   188 9   HOH HOH A . 
C 3 HOH 10  189 10  HOH HOH A . 
C 3 HOH 11  190 12  HOH HOH A . 
C 3 HOH 12  191 13  HOH HOH A . 
C 3 HOH 13  192 14  HOH HOH A . 
C 3 HOH 14  193 15  HOH HOH A . 
C 3 HOH 15  194 16  HOH HOH A . 
C 3 HOH 16  195 17  HOH HOH A . 
C 3 HOH 17  196 18  HOH HOH A . 
C 3 HOH 18  197 19  HOH HOH A . 
C 3 HOH 19  198 20  HOH HOH A . 
C 3 HOH 20  199 21  HOH HOH A . 
C 3 HOH 21  200 22  HOH HOH A . 
C 3 HOH 22  201 23  HOH HOH A . 
C 3 HOH 23  202 24  HOH HOH A . 
C 3 HOH 24  203 25  HOH HOH A . 
C 3 HOH 25  204 26  HOH HOH A . 
C 3 HOH 26  205 27  HOH HOH A . 
C 3 HOH 27  206 28  HOH HOH A . 
C 3 HOH 28  207 29  HOH HOH A . 
C 3 HOH 29  208 30  HOH HOH A . 
C 3 HOH 30  209 31  HOH HOH A . 
C 3 HOH 31  210 32  HOH HOH A . 
C 3 HOH 32  211 33  HOH HOH A . 
C 3 HOH 33  212 34  HOH HOH A . 
C 3 HOH 34  213 36  HOH HOH A . 
C 3 HOH 35  214 37  HOH HOH A . 
C 3 HOH 36  215 38  HOH HOH A . 
C 3 HOH 37  216 39  HOH HOH A . 
C 3 HOH 38  217 40  HOH HOH A . 
C 3 HOH 39  218 41  HOH HOH A . 
C 3 HOH 40  219 42  HOH HOH A . 
C 3 HOH 41  220 43  HOH HOH A . 
C 3 HOH 42  221 44  HOH HOH A . 
C 3 HOH 43  222 45  HOH HOH A . 
C 3 HOH 44  223 46  HOH HOH A . 
C 3 HOH 45  224 47  HOH HOH A . 
C 3 HOH 46  225 48  HOH HOH A . 
C 3 HOH 47  226 49  HOH HOH A . 
C 3 HOH 48  227 50  HOH HOH A . 
C 3 HOH 49  228 51  HOH HOH A . 
C 3 HOH 50  229 52  HOH HOH A . 
C 3 HOH 51  230 53  HOH HOH A . 
C 3 HOH 52  231 54  HOH HOH A . 
C 3 HOH 53  232 55  HOH HOH A . 
C 3 HOH 54  233 56  HOH HOH A . 
C 3 HOH 55  234 57  HOH HOH A . 
C 3 HOH 56  235 58  HOH HOH A . 
C 3 HOH 57  236 59  HOH HOH A . 
C 3 HOH 58  237 60  HOH HOH A . 
C 3 HOH 59  238 61  HOH HOH A . 
C 3 HOH 60  239 62  HOH HOH A . 
C 3 HOH 61  240 63  HOH HOH A . 
C 3 HOH 62  241 64  HOH HOH A . 
C 3 HOH 63  242 65  HOH HOH A . 
C 3 HOH 64  243 66  HOH HOH A . 
C 3 HOH 65  244 67  HOH HOH A . 
C 3 HOH 66  245 68  HOH HOH A . 
C 3 HOH 67  246 69  HOH HOH A . 
C 3 HOH 68  247 70  HOH HOH A . 
C 3 HOH 69  248 71  HOH HOH A . 
C 3 HOH 70  249 72  HOH HOH A . 
C 3 HOH 71  250 73  HOH HOH A . 
C 3 HOH 72  251 74  HOH HOH A . 
C 3 HOH 73  252 75  HOH HOH A . 
C 3 HOH 74  253 76  HOH HOH A . 
C 3 HOH 75  254 77  HOH HOH A . 
C 3 HOH 76  255 78  HOH HOH A . 
C 3 HOH 77  256 79  HOH HOH A . 
C 3 HOH 78  257 81  HOH HOH A . 
C 3 HOH 79  258 82  HOH HOH A . 
C 3 HOH 80  259 83  HOH HOH A . 
C 3 HOH 81  260 84  HOH HOH A . 
C 3 HOH 82  261 86  HOH HOH A . 
C 3 HOH 83  262 87  HOH HOH A . 
C 3 HOH 84  263 88  HOH HOH A . 
C 3 HOH 85  264 89  HOH HOH A . 
C 3 HOH 86  265 90  HOH HOH A . 
C 3 HOH 87  266 91  HOH HOH A . 
C 3 HOH 88  267 92  HOH HOH A . 
C 3 HOH 89  268 93  HOH HOH A . 
C 3 HOH 90  269 96  HOH HOH A . 
C 3 HOH 91  270 97  HOH HOH A . 
C 3 HOH 92  271 98  HOH HOH A . 
C 3 HOH 93  272 99  HOH HOH A . 
C 3 HOH 94  273 100 HOH HOH A . 
C 3 HOH 95  274 101 HOH HOH A . 
C 3 HOH 96  275 102 HOH HOH A . 
C 3 HOH 97  276 103 HOH HOH A . 
C 3 HOH 98  277 104 HOH HOH A . 
C 3 HOH 99  278 105 HOH HOH A . 
C 3 HOH 100 279 106 HOH HOH A . 
C 3 HOH 101 280 107 HOH HOH A . 
C 3 HOH 102 281 108 HOH HOH A . 
C 3 HOH 103 282 109 HOH HOH A . 
C 3 HOH 104 283 110 HOH HOH A . 
C 3 HOH 105 284 111 HOH HOH A . 
C 3 HOH 106 285 112 HOH HOH A . 
C 3 HOH 107 286 113 HOH HOH A . 
C 3 HOH 108 287 114 HOH HOH A . 
C 3 HOH 109 288 115 HOH HOH A . 
C 3 HOH 110 289 116 HOH HOH A . 
C 3 HOH 111 290 117 HOH HOH A . 
C 3 HOH 112 291 118 HOH HOH A . 
C 3 HOH 113 292 119 HOH HOH A . 
C 3 HOH 114 293 120 HOH HOH A . 
C 3 HOH 115 294 121 HOH HOH A . 
C 3 HOH 116 295 122 HOH HOH A . 
C 3 HOH 117 296 126 HOH HOH A . 
C 3 HOH 118 297 127 HOH HOH A . 
C 3 HOH 119 298 128 HOH HOH A . 
C 3 HOH 120 299 129 HOH HOH A . 
C 3 HOH 121 300 130 HOH HOH A . 
C 3 HOH 122 301 131 HOH HOH A . 
C 3 HOH 123 302 132 HOH HOH A . 
# 
loop_
_software.name 
_software.classification 
_software.version 
_software.citation_id 
_software.pdbx_ordinal 
REFMAC refinement       5.2.0019 ? 1 
MOSFLM 'data reduction' .        ? 2 
SCALA  'data scaling'   .        ? 3 
MOLREP phasing          .        ? 4 
# 
_cell.entry_id           3C71 
_cell.length_a           36.975 
_cell.length_b           36.975 
_cell.length_c           177.665 
_cell.angle_alpha        90.00 
_cell.angle_beta         90.00 
_cell.angle_gamma        120.00 
_cell.Z_PDB              6 
_cell.pdbx_unique_axis   ? 
_cell.length_a_esd       ? 
_cell.length_b_esd       ? 
_cell.length_c_esd       ? 
_cell.angle_alpha_esd    ? 
_cell.angle_beta_esd     ? 
_cell.angle_gamma_esd    ? 
# 
_symmetry.entry_id                         3C71 
_symmetry.space_group_name_H-M             'P 65' 
_symmetry.pdbx_full_space_group_name_H-M   ? 
_symmetry.cell_setting                     ? 
_symmetry.Int_Tables_number                170 
_symmetry.space_group_name_Hall            ? 
# 
_exptl.entry_id          3C71 
_exptl.method            'X-RAY DIFFRACTION' 
_exptl.crystals_number   1 
# 
_exptl_crystal.id                    1 
_exptl_crystal.density_meas          ? 
_exptl_crystal.density_Matthews      2.20 
_exptl_crystal.density_percent_sol   44.04 
_exptl_crystal.description           ? 
_exptl_crystal.F_000                 ? 
_exptl_crystal.preparation           ? 
# 
_exptl_crystal_grow.crystal_id      1 
_exptl_crystal_grow.method          'VAPOR DIFFUSION, SITTING DROP' 
_exptl_crystal_grow.temp            289 
_exptl_crystal_grow.temp_details    ? 
_exptl_crystal_grow.pH              5.6 
_exptl_crystal_grow.pdbx_details    
;27% PEG 4000, 0.1M tri-Sodium Citrate pH 5.6, 0.2 M Ammonium acetate, 10mM DTT.  
Protein concentration was 15 mg/ml, in 20 mM MOPS pH 7., VAPOR DIFFUSION, SITTING DROP, temperature 289K
;
_exptl_crystal_grow.pdbx_pH_range   . 
# 
_diffrn.id                     1 
_diffrn.ambient_temp           100 
_diffrn.ambient_temp_details   ? 
_diffrn.crystal_id             1 
# 
_diffrn_detector.diffrn_id              1 
_diffrn_detector.detector               CCD 
_diffrn_detector.type                   ESRF 
_diffrn_detector.pdbx_collection_date   2006-02-13 
_diffrn_detector.details                ? 
# 
_diffrn_radiation.diffrn_id                        1 
_diffrn_radiation.wavelength_id                    1 
_diffrn_radiation.pdbx_monochromatic_or_laue_m_l   M 
_diffrn_radiation.monochromator                    ? 
_diffrn_radiation.pdbx_diffrn_protocol             'SINGLE WAVELENGTH' 
_diffrn_radiation.pdbx_scattering_type             x-ray 
# 
_diffrn_radiation_wavelength.id           1 
_diffrn_radiation_wavelength.wavelength   0.97950 
_diffrn_radiation_wavelength.wt           1.0 
# 
_diffrn_source.diffrn_id                   1 
_diffrn_source.source                      SYNCHROTRON 
_diffrn_source.type                        'ESRF BEAMLINE ID23-1' 
_diffrn_source.pdbx_synchrotron_site       ESRF 
_diffrn_source.pdbx_synchrotron_beamline   ID23-1 
_diffrn_source.pdbx_wavelength             ? 
_diffrn_source.pdbx_wavelength_list        0.97950 
# 
_reflns.entry_id                     3C71 
_reflns.observed_criterion_sigma_F   1 
_reflns.observed_criterion_sigma_I   1 
_reflns.d_resolution_high            1.9 
_reflns.d_resolution_low             32.03 
_reflns.number_all                   10145 
_reflns.number_obs                   10145 
_reflns.percent_possible_obs         93.4 
_reflns.pdbx_Rmerge_I_obs            ? 
_reflns.pdbx_Rsym_value              0.087 
_reflns.pdbx_netI_over_sigmaI        15.8 
_reflns.B_iso_Wilson_estimate        ? 
_reflns.pdbx_redundancy              6.4 
_reflns.R_free_details               ? 
_reflns.limit_h_max                  ? 
_reflns.limit_h_min                  ? 
_reflns.limit_k_max                  ? 
_reflns.limit_k_min                  ? 
_reflns.limit_l_max                  ? 
_reflns.limit_l_min                  ? 
_reflns.observed_criterion_F_max     ? 
_reflns.observed_criterion_F_min     ? 
_reflns.pdbx_chi_squared             ? 
_reflns.pdbx_scaling_rejects         ? 
_reflns.pdbx_ordinal                 1 
_reflns.pdbx_diffrn_id               1 
# 
_reflns_shell.d_res_high             1.90 
_reflns_shell.d_res_low              2.00 
_reflns_shell.percent_possible_all   67.8 
_reflns_shell.Rmerge_I_obs           ? 
_reflns_shell.pdbx_Rsym_value        0.125 
_reflns_shell.meanI_over_sigI_obs    4.6 
_reflns_shell.pdbx_redundancy        1.5 
_reflns_shell.percent_possible_obs   ? 
_reflns_shell.number_unique_all      1071 
_reflns_shell.number_measured_all    ? 
_reflns_shell.number_measured_obs    ? 
_reflns_shell.number_unique_obs      ? 
_reflns_shell.pdbx_chi_squared       ? 
_reflns_shell.pdbx_ordinal           1 
_reflns_shell.pdbx_diffrn_id         1 
# 
_refine.entry_id                                 3C71 
_refine.ls_number_reflns_obs                     9612 
_refine.ls_number_reflns_all                     10145 
_refine.pdbx_ls_sigma_I                          ? 
_refine.pdbx_ls_sigma_F                          0 
_refine.pdbx_data_cutoff_high_absF               ? 
_refine.pdbx_data_cutoff_low_absF                ? 
_refine.pdbx_data_cutoff_high_rms_absF           ? 
_refine.ls_d_res_low                             21.74 
_refine.ls_d_res_high                            1.90 
_refine.ls_percent_reflns_obs                    93.34 
_refine.ls_R_factor_obs                          0.16651 
_refine.ls_R_factor_all                          ? 
_refine.ls_R_factor_R_work                       0.16416 
_refine.ls_R_factor_R_free                       0.21112 
_refine.ls_R_factor_R_free_error                 ? 
_refine.ls_R_factor_R_free_error_details         ? 
_refine.ls_percent_reflns_R_free                 4.7 
_refine.ls_number_reflns_R_free                  471 
_refine.ls_number_parameters                     ? 
_refine.ls_number_restraints                     ? 
_refine.occupancy_min                            ? 
_refine.occupancy_max                            ? 
_refine.correlation_coeff_Fo_to_Fc               0.958 
_refine.correlation_coeff_Fo_to_Fc_free          0.936 
_refine.B_iso_mean                               19.062 
_refine.aniso_B[1][1]                            0.38 
_refine.aniso_B[2][2]                            0.38 
_refine.aniso_B[3][3]                            -0.56 
_refine.aniso_B[1][2]                            0.19 
_refine.aniso_B[1][3]                            0.00 
_refine.aniso_B[2][3]                            0.00 
_refine.solvent_model_details                    MASK 
_refine.solvent_model_param_ksol                 ? 
_refine.solvent_model_param_bsol                 ? 
_refine.pdbx_solvent_vdw_probe_radii             1.40 
_refine.pdbx_solvent_ion_probe_radii             0.80 
_refine.pdbx_solvent_shrinkage_radii             0.80 
_refine.pdbx_ls_cross_valid_method               THROUGHOUT 
_refine.details                                  
;HYDROGENS HAVE BEEN ADDED IN THE RIDING POSITIONS.  Author states that the bad geometry of PRO A139 is caused by the fact that the preceding residue has an alternative 
conformation.
;
_refine.pdbx_starting_model                      ? 
_refine.pdbx_method_to_determine_struct          'MOLECULAR REPLACEMENT' 
_refine.pdbx_isotropic_thermal_model             ? 
_refine.pdbx_stereochemistry_target_values       'MAXIMUM LIKELIHOOD' 
_refine.pdbx_stereochem_target_val_spec_case     ? 
_refine.pdbx_R_Free_selection_details            'RANDOM 5%' 
_refine.pdbx_overall_ESU_R                       0.175 
_refine.pdbx_overall_ESU_R_Free                  0.153 
_refine.overall_SU_ML                            0.106 
_refine.overall_SU_B                             3.541 
_refine.ls_redundancy_reflns_obs                 ? 
_refine.B_iso_min                                ? 
_refine.B_iso_max                                ? 
_refine.overall_SU_R_Cruickshank_DPI             ? 
_refine.overall_SU_R_free                        ? 
_refine.ls_wR_factor_R_free                      ? 
_refine.ls_wR_factor_R_work                      ? 
_refine.overall_FOM_free_R_set                   ? 
_refine.overall_FOM_work_R_set                   ? 
_refine.pdbx_overall_phase_error                 ? 
_refine.pdbx_refine_id                           'X-RAY DIFFRACTION' 
_refine.pdbx_diffrn_id                           1 
_refine.pdbx_TLS_residual_ADP_flag               ? 
_refine.pdbx_overall_SU_R_free_Cruickshank_DPI   ? 
_refine.pdbx_overall_SU_R_Blow_DPI               ? 
_refine.pdbx_overall_SU_R_free_Blow_DPI          ? 
# 
_refine_hist.pdbx_refine_id                   'X-RAY DIFFRACTION' 
_refine_hist.cycle_id                         LAST 
_refine_hist.pdbx_number_atoms_protein        1101 
_refine_hist.pdbx_number_atoms_nucleic_acid   0 
_refine_hist.pdbx_number_atoms_ligand         4 
_refine_hist.number_atoms_solvent             123 
_refine_hist.number_atoms_total               1228 
_refine_hist.d_res_high                       1.90 
_refine_hist.d_res_low                        21.74 
# 
loop_
_refine_ls_restr.type 
_refine_ls_restr.dev_ideal 
_refine_ls_restr.dev_ideal_target 
_refine_ls_restr.weight 
_refine_ls_restr.number 
_refine_ls_restr.pdbx_refine_id 
_refine_ls_restr.pdbx_restraint_function 
r_bond_refined_d         0.012  0.022  ? 1206 'X-RAY DIFFRACTION' ? 
r_angle_refined_deg      2.364  1.953  ? 1643 'X-RAY DIFFRACTION' ? 
r_dihedral_angle_1_deg   10.909 5.000  ? 154  'X-RAY DIFFRACTION' ? 
r_dihedral_angle_2_deg   37.066 25.192 ? 52   'X-RAY DIFFRACTION' ? 
r_dihedral_angle_3_deg   13.786 15.000 ? 210  'X-RAY DIFFRACTION' ? 
r_dihedral_angle_4_deg   11.451 15.000 ? 3    'X-RAY DIFFRACTION' ? 
r_chiral_restr           0.129  0.200  ? 179  'X-RAY DIFFRACTION' ? 
r_gen_planes_refined     0.005  0.020  ? 927  'X-RAY DIFFRACTION' ? 
r_nbd_refined            0.203  0.200  ? 577  'X-RAY DIFFRACTION' ? 
r_nbtor_refined          0.314  0.200  ? 816  'X-RAY DIFFRACTION' ? 
r_xyhbond_nbd_refined    0.190  0.200  ? 106  'X-RAY DIFFRACTION' ? 
r_symmetry_vdw_refined   0.198  0.200  ? 39   'X-RAY DIFFRACTION' ? 
r_symmetry_hbond_refined 0.135  0.200  ? 14   'X-RAY DIFFRACTION' ? 
r_mcbond_it              0.877  1.500  ? 766  'X-RAY DIFFRACTION' ? 
r_mcangle_it             1.356  2.000  ? 1221 'X-RAY DIFFRACTION' ? 
r_scbond_it              2.212  3.000  ? 501  'X-RAY DIFFRACTION' ? 
r_scangle_it             3.577  4.500  ? 422  'X-RAY DIFFRACTION' ? 
# 
_refine_ls_shell.pdbx_total_number_of_bins_used   20 
_refine_ls_shell.d_res_high                       1.900 
_refine_ls_shell.d_res_low                        1.950 
_refine_ls_shell.number_reflns_R_work             451 
_refine_ls_shell.R_factor_R_work                  0.187 
_refine_ls_shell.percent_reflns_obs               55.83 
_refine_ls_shell.R_factor_R_free                  0.299 
_refine_ls_shell.R_factor_R_free_error            ? 
_refine_ls_shell.percent_reflns_R_free            ? 
_refine_ls_shell.number_reflns_R_free             18 
_refine_ls_shell.number_reflns_all                ? 
_refine_ls_shell.R_factor_all                     ? 
_refine_ls_shell.number_reflns_obs                ? 
_refine_ls_shell.redundancy_reflns_obs            ? 
_refine_ls_shell.pdbx_refine_id                   'X-RAY DIFFRACTION' 
# 
_struct.entry_id                  3C71 
_struct.title                     'Structure of a ResA variant with a DsbA-like active site motif (CPHC)' 
_struct.pdbx_model_details        ? 
_struct.pdbx_CASP_flag            ? 
_struct.pdbx_model_type_details   ? 
# 
_struct_keywords.entry_id        3C71 
_struct_keywords.pdbx_keywords   OXIDOREDUCTASE 
_struct_keywords.text            
'Thioredoxin-like fold, Cytochrome c-type biogenesis, Membrane, Oxidoreductase, Redox-active center, Signal-anchor, Transmembrane' 
# 
loop_
_struct_asym.id 
_struct_asym.pdbx_blank_PDB_chainid_flag 
_struct_asym.pdbx_modified 
_struct_asym.entity_id 
_struct_asym.details 
A N N 1 ? 
B N N 2 ? 
C N N 3 ? 
# 
_struct_ref.id                         1 
_struct_ref.db_name                    UNP 
_struct_ref.db_code                    RESA_BACSU 
_struct_ref.pdbx_db_accession          P35160 
_struct_ref.entity_id                  1 
_struct_ref.pdbx_seq_one_letter_code   
;SEGSDAPNFVLEDTNGKRIELSDLKGKGVFLNFWGTWCEPCKKEFPYMANQYKHFKSQGVEIVAVNVGESKIAVHNFMKS
YGVNFPVVLDTDRQVLDAYDVSPLPTTFLINPEGKVVKVVTGTMTESMIHDYMNLIKPGETSG
;
_struct_ref.pdbx_align_begin           37 
_struct_ref.pdbx_db_isoform            ? 
# 
_struct_ref_seq.align_id                      1 
_struct_ref_seq.ref_id                        1 
_struct_ref_seq.pdbx_PDB_id_code              3C71 
_struct_ref_seq.pdbx_strand_id                A 
_struct_ref_seq.seq_align_beg                 1 
_struct_ref_seq.pdbx_seq_align_beg_ins_code   ? 
_struct_ref_seq.seq_align_end                 143 
_struct_ref_seq.pdbx_seq_align_end_ins_code   ? 
_struct_ref_seq.pdbx_db_accession             P35160 
_struct_ref_seq.db_align_beg                  37 
_struct_ref_seq.pdbx_db_align_beg_ins_code    ? 
_struct_ref_seq.db_align_end                  179 
_struct_ref_seq.pdbx_db_align_end_ins_code    ? 
_struct_ref_seq.pdbx_auth_seq_align_beg       37 
_struct_ref_seq.pdbx_auth_seq_align_end       179 
# 
loop_
_struct_ref_seq_dif.align_id 
_struct_ref_seq_dif.pdbx_pdb_id_code 
_struct_ref_seq_dif.mon_id 
_struct_ref_seq_dif.pdbx_pdb_strand_id 
_struct_ref_seq_dif.seq_num 
_struct_ref_seq_dif.pdbx_pdb_ins_code 
_struct_ref_seq_dif.pdbx_seq_db_name 
_struct_ref_seq_dif.pdbx_seq_db_accession_code 
_struct_ref_seq_dif.db_mon_id 
_struct_ref_seq_dif.pdbx_seq_db_seq_num 
_struct_ref_seq_dif.details 
_struct_ref_seq_dif.pdbx_auth_seq_num 
_struct_ref_seq_dif.pdbx_ordinal 
1 3C71 PRO A 39 ? UNP P35160 GLU 75 'engineered mutation' 75 1 
1 3C71 HIS A 40 ? UNP P35160 PRO 76 'engineered mutation' 76 2 
# 
_pdbx_struct_assembly.id                   1 
_pdbx_struct_assembly.details              author_and_software_defined_assembly 
_pdbx_struct_assembly.method_details       PISA 
_pdbx_struct_assembly.oligomeric_details   monomeric 
_pdbx_struct_assembly.oligomeric_count     1 
# 
_pdbx_struct_assembly_gen.assembly_id       1 
_pdbx_struct_assembly_gen.oper_expression   1 
_pdbx_struct_assembly_gen.asym_id_list      A,B,C 
# 
_pdbx_struct_oper_list.id                   1 
_pdbx_struct_oper_list.type                 'identity operation' 
_pdbx_struct_oper_list.name                 1_555 
_pdbx_struct_oper_list.symmetry_operation   x,y,z 
_pdbx_struct_oper_list.matrix[1][1]         1.0000000000 
_pdbx_struct_oper_list.matrix[1][2]         0.0000000000 
_pdbx_struct_oper_list.matrix[1][3]         0.0000000000 
_pdbx_struct_oper_list.vector[1]            0.0000000000 
_pdbx_struct_oper_list.matrix[2][1]         0.0000000000 
_pdbx_struct_oper_list.matrix[2][2]         1.0000000000 
_pdbx_struct_oper_list.matrix[2][3]         0.0000000000 
_pdbx_struct_oper_list.vector[2]            0.0000000000 
_pdbx_struct_oper_list.matrix[3][1]         0.0000000000 
_pdbx_struct_oper_list.matrix[3][2]         0.0000000000 
_pdbx_struct_oper_list.matrix[3][3]         1.0000000000 
_pdbx_struct_oper_list.vector[3]            0.0000000000 
# 
_struct_biol.id        1 
_struct_biol.details   ? 
# 
loop_
_struct_conf.conf_type_id 
_struct_conf.id 
_struct_conf.pdbx_PDB_helix_id 
_struct_conf.beg_label_comp_id 
_struct_conf.beg_label_asym_id 
_struct_conf.beg_label_seq_id 
_struct_conf.pdbx_beg_PDB_ins_code 
_struct_conf.end_label_comp_id 
_struct_conf.end_label_asym_id 
_struct_conf.end_label_seq_id 
_struct_conf.pdbx_end_PDB_ins_code 
_struct_conf.beg_auth_comp_id 
_struct_conf.beg_auth_asym_id 
_struct_conf.beg_auth_seq_id 
_struct_conf.end_auth_comp_id 
_struct_conf.end_auth_asym_id 
_struct_conf.end_auth_seq_id 
_struct_conf.pdbx_PDB_helix_class 
_struct_conf.details 
_struct_conf.pdbx_PDB_helix_length 
HELX_P HELX_P1 1 SER A 22  ? LYS A 25  ? SER A 58  LYS A 61  5 ? 4  
HELX_P HELX_P2 2 CYS A 38  ? LYS A 56  ? CYS A 74  LYS A 92  1 ? 19 
HELX_P HELX_P3 3 SER A 70  ? TYR A 81  ? SER A 106 TYR A 117 1 ? 12 
HELX_P HELX_P4 4 ARG A 93  ? TYR A 99  ? ARG A 129 TYR A 135 1 ? 7  
HELX_P HELX_P5 5 THR A 125 ? LYS A 137 ? THR A 161 LYS A 173 1 ? 13 
# 
_struct_conf_type.id          HELX_P 
_struct_conf_type.criteria    ? 
_struct_conf_type.reference   ? 
# 
_struct_mon_prot_cis.pdbx_id                1 
_struct_mon_prot_cis.label_comp_id          LEU 
_struct_mon_prot_cis.label_seq_id           104 
_struct_mon_prot_cis.label_asym_id          A 
_struct_mon_prot_cis.label_alt_id           . 
_struct_mon_prot_cis.pdbx_PDB_ins_code      ? 
_struct_mon_prot_cis.auth_comp_id           LEU 
_struct_mon_prot_cis.auth_seq_id            140 
_struct_mon_prot_cis.auth_asym_id           A 
_struct_mon_prot_cis.pdbx_label_comp_id_2   PRO 
_struct_mon_prot_cis.pdbx_label_seq_id_2    105 
_struct_mon_prot_cis.pdbx_label_asym_id_2   A 
_struct_mon_prot_cis.pdbx_PDB_ins_code_2    ? 
_struct_mon_prot_cis.pdbx_auth_comp_id_2    PRO 
_struct_mon_prot_cis.pdbx_auth_seq_id_2     141 
_struct_mon_prot_cis.pdbx_auth_asym_id_2    A 
_struct_mon_prot_cis.pdbx_PDB_model_num     1 
_struct_mon_prot_cis.pdbx_omega_angle       -8.80 
# 
loop_
_struct_sheet.id 
_struct_sheet.type 
_struct_sheet.number_strands 
_struct_sheet.details 
A ? 2 ? 
B ? 5 ? 
# 
loop_
_struct_sheet_order.sheet_id 
_struct_sheet_order.range_id_1 
_struct_sheet_order.range_id_2 
_struct_sheet_order.offset 
_struct_sheet_order.sense 
A 1 2 ? anti-parallel 
B 1 2 ? parallel      
B 2 3 ? parallel      
B 3 4 ? anti-parallel 
B 4 5 ? anti-parallel 
# 
loop_
_struct_sheet_range.sheet_id 
_struct_sheet_range.id 
_struct_sheet_range.beg_label_comp_id 
_struct_sheet_range.beg_label_asym_id 
_struct_sheet_range.beg_label_seq_id 
_struct_sheet_range.pdbx_beg_PDB_ins_code 
_struct_sheet_range.end_label_comp_id 
_struct_sheet_range.end_label_asym_id 
_struct_sheet_range.end_label_seq_id 
_struct_sheet_range.pdbx_end_PDB_ins_code 
_struct_sheet_range.beg_auth_comp_id 
_struct_sheet_range.beg_auth_asym_id 
_struct_sheet_range.beg_auth_seq_id 
_struct_sheet_range.end_auth_comp_id 
_struct_sheet_range.end_auth_asym_id 
_struct_sheet_range.end_auth_seq_id 
A 1 VAL A 10  ? GLU A 12  ? VAL A 46  GLU A 48  
A 2 ARG A 18  ? GLU A 20  ? ARG A 54  GLU A 56  
B 1 VAL A 87  ? LEU A 89  ? VAL A 123 LEU A 125 
B 2 VAL A 60  ? ASN A 66  ? VAL A 96  ASN A 102 
B 3 GLY A 28  ? TRP A 34  ? GLY A 64  TRP A 70  
B 4 THR A 106 ? ILE A 110 ? THR A 142 ILE A 146 
B 5 VAL A 116 ? VAL A 120 ? VAL A 152 VAL A 156 
# 
loop_
_pdbx_struct_sheet_hbond.sheet_id 
_pdbx_struct_sheet_hbond.range_id_1 
_pdbx_struct_sheet_hbond.range_id_2 
_pdbx_struct_sheet_hbond.range_1_label_atom_id 
_pdbx_struct_sheet_hbond.range_1_label_comp_id 
_pdbx_struct_sheet_hbond.range_1_label_asym_id 
_pdbx_struct_sheet_hbond.range_1_label_seq_id 
_pdbx_struct_sheet_hbond.range_1_PDB_ins_code 
_pdbx_struct_sheet_hbond.range_1_auth_atom_id 
_pdbx_struct_sheet_hbond.range_1_auth_comp_id 
_pdbx_struct_sheet_hbond.range_1_auth_asym_id 
_pdbx_struct_sheet_hbond.range_1_auth_seq_id 
_pdbx_struct_sheet_hbond.range_2_label_atom_id 
_pdbx_struct_sheet_hbond.range_2_label_comp_id 
_pdbx_struct_sheet_hbond.range_2_label_asym_id 
_pdbx_struct_sheet_hbond.range_2_label_seq_id 
_pdbx_struct_sheet_hbond.range_2_PDB_ins_code 
_pdbx_struct_sheet_hbond.range_2_auth_atom_id 
_pdbx_struct_sheet_hbond.range_2_auth_comp_id 
_pdbx_struct_sheet_hbond.range_2_auth_asym_id 
_pdbx_struct_sheet_hbond.range_2_auth_seq_id 
A 1 2 N LEU A 11  ? N LEU A 47  O ILE A 19  ? O ILE A 55  
B 1 2 O VAL A 88  ? O VAL A 124 N ASN A 66  ? N ASN A 102 
B 2 3 O VAL A 65  ? O VAL A 101 N ASN A 32  ? N ASN A 68  
B 3 4 N LEU A 31  ? N LEU A 67  O PHE A 108 ? O PHE A 144 
B 4 5 N THR A 107 ? N THR A 143 O VAL A 120 ? O VAL A 156 
# 
_struct_site.id                   AC1 
_struct_site.pdbx_evidence_code   Software 
_struct_site.pdbx_auth_asym_id    A 
_struct_site.pdbx_auth_comp_id    EDO 
_struct_site.pdbx_auth_seq_id     1 
_struct_site.pdbx_auth_ins_code   ? 
_struct_site.pdbx_num_residues    7 
_struct_site.details              'BINDING SITE FOR RESIDUE EDO A 1' 
# 
loop_
_struct_site_gen.id 
_struct_site_gen.site_id 
_struct_site_gen.pdbx_num_res 
_struct_site_gen.label_comp_id 
_struct_site_gen.label_asym_id 
_struct_site_gen.label_seq_id 
_struct_site_gen.pdbx_auth_ins_code 
_struct_site_gen.auth_comp_id 
_struct_site_gen.auth_asym_id 
_struct_site_gen.auth_seq_id 
_struct_site_gen.label_atom_id 
_struct_site_gen.label_alt_id 
_struct_site_gen.symmetry 
_struct_site_gen.details 
1 AC1 7 ALA A 6  ? ALA A 42  . ? 1_555 ? 
2 AC1 7 ASN A 8  ? ASN A 44  . ? 1_555 ? 
3 AC1 7 LEU A 21 ? LEU A 57  . ? 1_555 ? 
4 AC1 7 SER A 22 ? SER A 58  . ? 1_555 ? 
5 AC1 7 LYS A 25 ? LYS A 61  . ? 1_555 ? 
6 AC1 7 HOH C .  ? HOH A 186 . ? 1_555 ? 
7 AC1 7 HOH C .  ? HOH A 300 . ? 1_555 ? 
# 
loop_
_pdbx_validate_close_contact.id 
_pdbx_validate_close_contact.PDB_model_num 
_pdbx_validate_close_contact.auth_atom_id_1 
_pdbx_validate_close_contact.auth_asym_id_1 
_pdbx_validate_close_contact.auth_comp_id_1 
_pdbx_validate_close_contact.auth_seq_id_1 
_pdbx_validate_close_contact.PDB_ins_code_1 
_pdbx_validate_close_contact.label_alt_id_1 
_pdbx_validate_close_contact.auth_atom_id_2 
_pdbx_validate_close_contact.auth_asym_id_2 
_pdbx_validate_close_contact.auth_comp_id_2 
_pdbx_validate_close_contact.auth_seq_id_2 
_pdbx_validate_close_contact.PDB_ins_code_2 
_pdbx_validate_close_contact.label_alt_id_2 
_pdbx_validate_close_contact.dist 
1 1 O A SER 138 ? B CD A PRO 139 ? ? 1.59 
2 1 C A SER 138 ? B CD A PRO 139 ? ? 1.62 
3 1 O A HOH 247 ? ? O  A HOH 268 ? ? 2.18 
# 
loop_
_pdbx_validate_rmsd_angle.id 
_pdbx_validate_rmsd_angle.PDB_model_num 
_pdbx_validate_rmsd_angle.auth_atom_id_1 
_pdbx_validate_rmsd_angle.auth_asym_id_1 
_pdbx_validate_rmsd_angle.auth_comp_id_1 
_pdbx_validate_rmsd_angle.auth_seq_id_1 
_pdbx_validate_rmsd_angle.PDB_ins_code_1 
_pdbx_validate_rmsd_angle.label_alt_id_1 
_pdbx_validate_rmsd_angle.auth_atom_id_2 
_pdbx_validate_rmsd_angle.auth_asym_id_2 
_pdbx_validate_rmsd_angle.auth_comp_id_2 
_pdbx_validate_rmsd_angle.auth_seq_id_2 
_pdbx_validate_rmsd_angle.PDB_ins_code_2 
_pdbx_validate_rmsd_angle.label_alt_id_2 
_pdbx_validate_rmsd_angle.auth_atom_id_3 
_pdbx_validate_rmsd_angle.auth_asym_id_3 
_pdbx_validate_rmsd_angle.auth_comp_id_3 
_pdbx_validate_rmsd_angle.auth_seq_id_3 
_pdbx_validate_rmsd_angle.PDB_ins_code_3 
_pdbx_validate_rmsd_angle.label_alt_id_3 
_pdbx_validate_rmsd_angle.angle_value 
_pdbx_validate_rmsd_angle.angle_target_value 
_pdbx_validate_rmsd_angle.angle_deviation 
_pdbx_validate_rmsd_angle.angle_standard_deviation 
_pdbx_validate_rmsd_angle.linker_flag 
1 1 C A SER 138 ? B N  A PRO 139 ? ? CA A PRO 139 ? ? 171.77 119.30 52.47  1.50 Y 
2 1 C A SER 138 ? B N  A PRO 139 ? ? CD A PRO 139 ? ? 69.56  128.40 -58.84 2.10 Y 
3 1 N A PRO 139 ? ? CA A PRO 139 ? ? C  A PRO 139 ? ? 95.56  112.10 -16.54 2.60 N 
4 1 N A LEU 140 ? ? CA A LEU 140 ? ? C  A LEU 140 ? ? 131.54 111.00 20.54  2.70 N 
# 
loop_
_pdbx_validate_torsion.id 
_pdbx_validate_torsion.PDB_model_num 
_pdbx_validate_torsion.auth_comp_id 
_pdbx_validate_torsion.auth_asym_id 
_pdbx_validate_torsion.auth_seq_id 
_pdbx_validate_torsion.PDB_ins_code 
_pdbx_validate_torsion.label_alt_id 
_pdbx_validate_torsion.phi 
_pdbx_validate_torsion.psi 
1 1 SER A 138 ? A -100.36 -89.39 
2 1 SER A 138 ? B -160.68 116.19 
3 1 PRO A 139 ? ? 69.18   126.50 
4 1 LEU A 140 ? ? -33.04  118.10 
# 
loop_
_pdbx_validate_peptide_omega.id 
_pdbx_validate_peptide_omega.PDB_model_num 
_pdbx_validate_peptide_omega.auth_comp_id_1 
_pdbx_validate_peptide_omega.auth_asym_id_1 
_pdbx_validate_peptide_omega.auth_seq_id_1 
_pdbx_validate_peptide_omega.PDB_ins_code_1 
_pdbx_validate_peptide_omega.label_alt_id_1 
_pdbx_validate_peptide_omega.auth_comp_id_2 
_pdbx_validate_peptide_omega.auth_asym_id_2 
_pdbx_validate_peptide_omega.auth_seq_id_2 
_pdbx_validate_peptide_omega.PDB_ins_code_2 
_pdbx_validate_peptide_omega.label_alt_id_2 
_pdbx_validate_peptide_omega.omega 
1 1 SER A 138 ? B PRO A 139 ? ? -127.97 
2 1 PRO A 139 ? ? LEU A 140 ? ? 102.70  
# 
loop_
_pdbx_unobs_or_zero_occ_residues.id 
_pdbx_unobs_or_zero_occ_residues.PDB_model_num 
_pdbx_unobs_or_zero_occ_residues.polymer_flag 
_pdbx_unobs_or_zero_occ_residues.occupancy_flag 
_pdbx_unobs_or_zero_occ_residues.auth_asym_id 
_pdbx_unobs_or_zero_occ_residues.auth_comp_id 
_pdbx_unobs_or_zero_occ_residues.auth_seq_id 
_pdbx_unobs_or_zero_occ_residues.PDB_ins_code 
_pdbx_unobs_or_zero_occ_residues.label_asym_id 
_pdbx_unobs_or_zero_occ_residues.label_comp_id 
_pdbx_unobs_or_zero_occ_residues.label_seq_id 
1 1 Y 1 A SER 37 ? A SER 1 
2 1 Y 1 A GLU 38 ? A GLU 2 
3 1 Y 1 A GLY 39 ? A GLY 3 
# 
loop_
_chem_comp_atom.comp_id 
_chem_comp_atom.atom_id 
_chem_comp_atom.type_symbol 
_chem_comp_atom.pdbx_aromatic_flag 
_chem_comp_atom.pdbx_stereo_config 
_chem_comp_atom.pdbx_ordinal 
ALA N    N N N 1   
ALA CA   C N S 2   
ALA C    C N N 3   
ALA O    O N N 4   
ALA CB   C N N 5   
ALA OXT  O N N 6   
ALA H    H N N 7   
ALA H2   H N N 8   
ALA HA   H N N 9   
ALA HB1  H N N 10  
ALA HB2  H N N 11  
ALA HB3  H N N 12  
ALA HXT  H N N 13  
ARG N    N N N 14  
ARG CA   C N S 15  
ARG C    C N N 16  
ARG O    O N N 17  
ARG CB   C N N 18  
ARG CG   C N N 19  
ARG CD   C N N 20  
ARG NE   N N N 21  
ARG CZ   C N N 22  
ARG NH1  N N N 23  
ARG NH2  N N N 24  
ARG OXT  O N N 25  
ARG H    H N N 26  
ARG H2   H N N 27  
ARG HA   H N N 28  
ARG HB2  H N N 29  
ARG HB3  H N N 30  
ARG HG2  H N N 31  
ARG HG3  H N N 32  
ARG HD2  H N N 33  
ARG HD3  H N N 34  
ARG HE   H N N 35  
ARG HH11 H N N 36  
ARG HH12 H N N 37  
ARG HH21 H N N 38  
ARG HH22 H N N 39  
ARG HXT  H N N 40  
ASN N    N N N 41  
ASN CA   C N S 42  
ASN C    C N N 43  
ASN O    O N N 44  
ASN CB   C N N 45  
ASN CG   C N N 46  
ASN OD1  O N N 47  
ASN ND2  N N N 48  
ASN OXT  O N N 49  
ASN H    H N N 50  
ASN H2   H N N 51  
ASN HA   H N N 52  
ASN HB2  H N N 53  
ASN HB3  H N N 54  
ASN HD21 H N N 55  
ASN HD22 H N N 56  
ASN HXT  H N N 57  
ASP N    N N N 58  
ASP CA   C N S 59  
ASP C    C N N 60  
ASP O    O N N 61  
ASP CB   C N N 62  
ASP CG   C N N 63  
ASP OD1  O N N 64  
ASP OD2  O N N 65  
ASP OXT  O N N 66  
ASP H    H N N 67  
ASP H2   H N N 68  
ASP HA   H N N 69  
ASP HB2  H N N 70  
ASP HB3  H N N 71  
ASP HD2  H N N 72  
ASP HXT  H N N 73  
CYS N    N N N 74  
CYS CA   C N R 75  
CYS C    C N N 76  
CYS O    O N N 77  
CYS CB   C N N 78  
CYS SG   S N N 79  
CYS OXT  O N N 80  
CYS H    H N N 81  
CYS H2   H N N 82  
CYS HA   H N N 83  
CYS HB2  H N N 84  
CYS HB3  H N N 85  
CYS HG   H N N 86  
CYS HXT  H N N 87  
EDO C1   C N N 88  
EDO O1   O N N 89  
EDO C2   C N N 90  
EDO O2   O N N 91  
EDO H11  H N N 92  
EDO H12  H N N 93  
EDO HO1  H N N 94  
EDO H21  H N N 95  
EDO H22  H N N 96  
EDO HO2  H N N 97  
GLN N    N N N 98  
GLN CA   C N S 99  
GLN C    C N N 100 
GLN O    O N N 101 
GLN CB   C N N 102 
GLN CG   C N N 103 
GLN CD   C N N 104 
GLN OE1  O N N 105 
GLN NE2  N N N 106 
GLN OXT  O N N 107 
GLN H    H N N 108 
GLN H2   H N N 109 
GLN HA   H N N 110 
GLN HB2  H N N 111 
GLN HB3  H N N 112 
GLN HG2  H N N 113 
GLN HG3  H N N 114 
GLN HE21 H N N 115 
GLN HE22 H N N 116 
GLN HXT  H N N 117 
GLU N    N N N 118 
GLU CA   C N S 119 
GLU C    C N N 120 
GLU O    O N N 121 
GLU CB   C N N 122 
GLU CG   C N N 123 
GLU CD   C N N 124 
GLU OE1  O N N 125 
GLU OE2  O N N 126 
GLU OXT  O N N 127 
GLU H    H N N 128 
GLU H2   H N N 129 
GLU HA   H N N 130 
GLU HB2  H N N 131 
GLU HB3  H N N 132 
GLU HG2  H N N 133 
GLU HG3  H N N 134 
GLU HE2  H N N 135 
GLU HXT  H N N 136 
GLY N    N N N 137 
GLY CA   C N N 138 
GLY C    C N N 139 
GLY O    O N N 140 
GLY OXT  O N N 141 
GLY H    H N N 142 
GLY H2   H N N 143 
GLY HA2  H N N 144 
GLY HA3  H N N 145 
GLY HXT  H N N 146 
HIS N    N N N 147 
HIS CA   C N S 148 
HIS C    C N N 149 
HIS O    O N N 150 
HIS CB   C N N 151 
HIS CG   C Y N 152 
HIS ND1  N Y N 153 
HIS CD2  C Y N 154 
HIS CE1  C Y N 155 
HIS NE2  N Y N 156 
HIS OXT  O N N 157 
HIS H    H N N 158 
HIS H2   H N N 159 
HIS HA   H N N 160 
HIS HB2  H N N 161 
HIS HB3  H N N 162 
HIS HD1  H N N 163 
HIS HD2  H N N 164 
HIS HE1  H N N 165 
HIS HE2  H N N 166 
HIS HXT  H N N 167 
HOH O    O N N 168 
HOH H1   H N N 169 
HOH H2   H N N 170 
ILE N    N N N 171 
ILE CA   C N S 172 
ILE C    C N N 173 
ILE O    O N N 174 
ILE CB   C N S 175 
ILE CG1  C N N 176 
ILE CG2  C N N 177 
ILE CD1  C N N 178 
ILE OXT  O N N 179 
ILE H    H N N 180 
ILE H2   H N N 181 
ILE HA   H N N 182 
ILE HB   H N N 183 
ILE HG12 H N N 184 
ILE HG13 H N N 185 
ILE HG21 H N N 186 
ILE HG22 H N N 187 
ILE HG23 H N N 188 
ILE HD11 H N N 189 
ILE HD12 H N N 190 
ILE HD13 H N N 191 
ILE HXT  H N N 192 
LEU N    N N N 193 
LEU CA   C N S 194 
LEU C    C N N 195 
LEU O    O N N 196 
LEU CB   C N N 197 
LEU CG   C N N 198 
LEU CD1  C N N 199 
LEU CD2  C N N 200 
LEU OXT  O N N 201 
LEU H    H N N 202 
LEU H2   H N N 203 
LEU HA   H N N 204 
LEU HB2  H N N 205 
LEU HB3  H N N 206 
LEU HG   H N N 207 
LEU HD11 H N N 208 
LEU HD12 H N N 209 
LEU HD13 H N N 210 
LEU HD21 H N N 211 
LEU HD22 H N N 212 
LEU HD23 H N N 213 
LEU HXT  H N N 214 
LYS N    N N N 215 
LYS CA   C N S 216 
LYS C    C N N 217 
LYS O    O N N 218 
LYS CB   C N N 219 
LYS CG   C N N 220 
LYS CD   C N N 221 
LYS CE   C N N 222 
LYS NZ   N N N 223 
LYS OXT  O N N 224 
LYS H    H N N 225 
LYS H2   H N N 226 
LYS HA   H N N 227 
LYS HB2  H N N 228 
LYS HB3  H N N 229 
LYS HG2  H N N 230 
LYS HG3  H N N 231 
LYS HD2  H N N 232 
LYS HD3  H N N 233 
LYS HE2  H N N 234 
LYS HE3  H N N 235 
LYS HZ1  H N N 236 
LYS HZ2  H N N 237 
LYS HZ3  H N N 238 
LYS HXT  H N N 239 
MET N    N N N 240 
MET CA   C N S 241 
MET C    C N N 242 
MET O    O N N 243 
MET CB   C N N 244 
MET CG   C N N 245 
MET SD   S N N 246 
MET CE   C N N 247 
MET OXT  O N N 248 
MET H    H N N 249 
MET H2   H N N 250 
MET HA   H N N 251 
MET HB2  H N N 252 
MET HB3  H N N 253 
MET HG2  H N N 254 
MET HG3  H N N 255 
MET HE1  H N N 256 
MET HE2  H N N 257 
MET HE3  H N N 258 
MET HXT  H N N 259 
PHE N    N N N 260 
PHE CA   C N S 261 
PHE C    C N N 262 
PHE O    O N N 263 
PHE CB   C N N 264 
PHE CG   C Y N 265 
PHE CD1  C Y N 266 
PHE CD2  C Y N 267 
PHE CE1  C Y N 268 
PHE CE2  C Y N 269 
PHE CZ   C Y N 270 
PHE OXT  O N N 271 
PHE H    H N N 272 
PHE H2   H N N 273 
PHE HA   H N N 274 
PHE HB2  H N N 275 
PHE HB3  H N N 276 
PHE HD1  H N N 277 
PHE HD2  H N N 278 
PHE HE1  H N N 279 
PHE HE2  H N N 280 
PHE HZ   H N N 281 
PHE HXT  H N N 282 
PRO N    N N N 283 
PRO CA   C N S 284 
PRO C    C N N 285 
PRO O    O N N 286 
PRO CB   C N N 287 
PRO CG   C N N 288 
PRO CD   C N N 289 
PRO OXT  O N N 290 
PRO H    H N N 291 
PRO HA   H N N 292 
PRO HB2  H N N 293 
PRO HB3  H N N 294 
PRO HG2  H N N 295 
PRO HG3  H N N 296 
PRO HD2  H N N 297 
PRO HD3  H N N 298 
PRO HXT  H N N 299 
SER N    N N N 300 
SER CA   C N S 301 
SER C    C N N 302 
SER O    O N N 303 
SER CB   C N N 304 
SER OG   O N N 305 
SER OXT  O N N 306 
SER H    H N N 307 
SER H2   H N N 308 
SER HA   H N N 309 
SER HB2  H N N 310 
SER HB3  H N N 311 
SER HG   H N N 312 
SER HXT  H N N 313 
THR N    N N N 314 
THR CA   C N S 315 
THR C    C N N 316 
THR O    O N N 317 
THR CB   C N R 318 
THR OG1  O N N 319 
THR CG2  C N N 320 
THR OXT  O N N 321 
THR H    H N N 322 
THR H2   H N N 323 
THR HA   H N N 324 
THR HB   H N N 325 
THR HG1  H N N 326 
THR HG21 H N N 327 
THR HG22 H N N 328 
THR HG23 H N N 329 
THR HXT  H N N 330 
TRP N    N N N 331 
TRP CA   C N S 332 
TRP C    C N N 333 
TRP O    O N N 334 
TRP CB   C N N 335 
TRP CG   C Y N 336 
TRP CD1  C Y N 337 
TRP CD2  C Y N 338 
TRP NE1  N Y N 339 
TRP CE2  C Y N 340 
TRP CE3  C Y N 341 
TRP CZ2  C Y N 342 
TRP CZ3  C Y N 343 
TRP CH2  C Y N 344 
TRP OXT  O N N 345 
TRP H    H N N 346 
TRP H2   H N N 347 
TRP HA   H N N 348 
TRP HB2  H N N 349 
TRP HB3  H N N 350 
TRP HD1  H N N 351 
TRP HE1  H N N 352 
TRP HE3  H N N 353 
TRP HZ2  H N N 354 
TRP HZ3  H N N 355 
TRP HH2  H N N 356 
TRP HXT  H N N 357 
TYR N    N N N 358 
TYR CA   C N S 359 
TYR C    C N N 360 
TYR O    O N N 361 
TYR CB   C N N 362 
TYR CG   C Y N 363 
TYR CD1  C Y N 364 
TYR CD2  C Y N 365 
TYR CE1  C Y N 366 
TYR CE2  C Y N 367 
TYR CZ   C Y N 368 
TYR OH   O N N 369 
TYR OXT  O N N 370 
TYR H    H N N 371 
TYR H2   H N N 372 
TYR HA   H N N 373 
TYR HB2  H N N 374 
TYR HB3  H N N 375 
TYR HD1  H N N 376 
TYR HD2  H N N 377 
TYR HE1  H N N 378 
TYR HE2  H N N 379 
TYR HH   H N N 380 
TYR HXT  H N N 381 
VAL N    N N N 382 
VAL CA   C N S 383 
VAL C    C N N 384 
VAL O    O N N 385 
VAL CB   C N N 386 
VAL CG1  C N N 387 
VAL CG2  C N N 388 
VAL OXT  O N N 389 
VAL H    H N N 390 
VAL H2   H N N 391 
VAL HA   H N N 392 
VAL HB   H N N 393 
VAL HG11 H N N 394 
VAL HG12 H N N 395 
VAL HG13 H N N 396 
VAL HG21 H N N 397 
VAL HG22 H N N 398 
VAL HG23 H N N 399 
VAL HXT  H N N 400 
# 
loop_
_chem_comp_bond.comp_id 
_chem_comp_bond.atom_id_1 
_chem_comp_bond.atom_id_2 
_chem_comp_bond.value_order 
_chem_comp_bond.pdbx_aromatic_flag 
_chem_comp_bond.pdbx_stereo_config 
_chem_comp_bond.pdbx_ordinal 
ALA N   CA   sing N N 1   
ALA N   H    sing N N 2   
ALA N   H2   sing N N 3   
ALA CA  C    sing N N 4   
ALA CA  CB   sing N N 5   
ALA CA  HA   sing N N 6   
ALA C   O    doub N N 7   
ALA C   OXT  sing N N 8   
ALA CB  HB1  sing N N 9   
ALA CB  HB2  sing N N 10  
ALA CB  HB3  sing N N 11  
ALA OXT HXT  sing N N 12  
ARG N   CA   sing N N 13  
ARG N   H    sing N N 14  
ARG N   H2   sing N N 15  
ARG CA  C    sing N N 16  
ARG CA  CB   sing N N 17  
ARG CA  HA   sing N N 18  
ARG C   O    doub N N 19  
ARG C   OXT  sing N N 20  
ARG CB  CG   sing N N 21  
ARG CB  HB2  sing N N 22  
ARG CB  HB3  sing N N 23  
ARG CG  CD   sing N N 24  
ARG CG  HG2  sing N N 25  
ARG CG  HG3  sing N N 26  
ARG CD  NE   sing N N 27  
ARG CD  HD2  sing N N 28  
ARG CD  HD3  sing N N 29  
ARG NE  CZ   sing N N 30  
ARG NE  HE   sing N N 31  
ARG CZ  NH1  sing N N 32  
ARG CZ  NH2  doub N N 33  
ARG NH1 HH11 sing N N 34  
ARG NH1 HH12 sing N N 35  
ARG NH2 HH21 sing N N 36  
ARG NH2 HH22 sing N N 37  
ARG OXT HXT  sing N N 38  
ASN N   CA   sing N N 39  
ASN N   H    sing N N 40  
ASN N   H2   sing N N 41  
ASN CA  C    sing N N 42  
ASN CA  CB   sing N N 43  
ASN CA  HA   sing N N 44  
ASN C   O    doub N N 45  
ASN C   OXT  sing N N 46  
ASN CB  CG   sing N N 47  
ASN CB  HB2  sing N N 48  
ASN CB  HB3  sing N N 49  
ASN CG  OD1  doub N N 50  
ASN CG  ND2  sing N N 51  
ASN ND2 HD21 sing N N 52  
ASN ND2 HD22 sing N N 53  
ASN OXT HXT  sing N N 54  
ASP N   CA   sing N N 55  
ASP N   H    sing N N 56  
ASP N   H2   sing N N 57  
ASP CA  C    sing N N 58  
ASP CA  CB   sing N N 59  
ASP CA  HA   sing N N 60  
ASP C   O    doub N N 61  
ASP C   OXT  sing N N 62  
ASP CB  CG   sing N N 63  
ASP CB  HB2  sing N N 64  
ASP CB  HB3  sing N N 65  
ASP CG  OD1  doub N N 66  
ASP CG  OD2  sing N N 67  
ASP OD2 HD2  sing N N 68  
ASP OXT HXT  sing N N 69  
CYS N   CA   sing N N 70  
CYS N   H    sing N N 71  
CYS N   H2   sing N N 72  
CYS CA  C    sing N N 73  
CYS CA  CB   sing N N 74  
CYS CA  HA   sing N N 75  
CYS C   O    doub N N 76  
CYS C   OXT  sing N N 77  
CYS CB  SG   sing N N 78  
CYS CB  HB2  sing N N 79  
CYS CB  HB3  sing N N 80  
CYS SG  HG   sing N N 81  
CYS OXT HXT  sing N N 82  
EDO C1  O1   sing N N 83  
EDO C1  C2   sing N N 84  
EDO C1  H11  sing N N 85  
EDO C1  H12  sing N N 86  
EDO O1  HO1  sing N N 87  
EDO C2  O2   sing N N 88  
EDO C2  H21  sing N N 89  
EDO C2  H22  sing N N 90  
EDO O2  HO2  sing N N 91  
GLN N   CA   sing N N 92  
GLN N   H    sing N N 93  
GLN N   H2   sing N N 94  
GLN CA  C    sing N N 95  
GLN CA  CB   sing N N 96  
GLN CA  HA   sing N N 97  
GLN C   O    doub N N 98  
GLN C   OXT  sing N N 99  
GLN CB  CG   sing N N 100 
GLN CB  HB2  sing N N 101 
GLN CB  HB3  sing N N 102 
GLN CG  CD   sing N N 103 
GLN CG  HG2  sing N N 104 
GLN CG  HG3  sing N N 105 
GLN CD  OE1  doub N N 106 
GLN CD  NE2  sing N N 107 
GLN NE2 HE21 sing N N 108 
GLN NE2 HE22 sing N N 109 
GLN OXT HXT  sing N N 110 
GLU N   CA   sing N N 111 
GLU N   H    sing N N 112 
GLU N   H2   sing N N 113 
GLU CA  C    sing N N 114 
GLU CA  CB   sing N N 115 
GLU CA  HA   sing N N 116 
GLU C   O    doub N N 117 
GLU C   OXT  sing N N 118 
GLU CB  CG   sing N N 119 
GLU CB  HB2  sing N N 120 
GLU CB  HB3  sing N N 121 
GLU CG  CD   sing N N 122 
GLU CG  HG2  sing N N 123 
GLU CG  HG3  sing N N 124 
GLU CD  OE1  doub N N 125 
GLU CD  OE2  sing N N 126 
GLU OE2 HE2  sing N N 127 
GLU OXT HXT  sing N N 128 
GLY N   CA   sing N N 129 
GLY N   H    sing N N 130 
GLY N   H2   sing N N 131 
GLY CA  C    sing N N 132 
GLY CA  HA2  sing N N 133 
GLY CA  HA3  sing N N 134 
GLY C   O    doub N N 135 
GLY C   OXT  sing N N 136 
GLY OXT HXT  sing N N 137 
HIS N   CA   sing N N 138 
HIS N   H    sing N N 139 
HIS N   H2   sing N N 140 
HIS CA  C    sing N N 141 
HIS CA  CB   sing N N 142 
HIS CA  HA   sing N N 143 
HIS C   O    doub N N 144 
HIS C   OXT  sing N N 145 
HIS CB  CG   sing N N 146 
HIS CB  HB2  sing N N 147 
HIS CB  HB3  sing N N 148 
HIS CG  ND1  sing Y N 149 
HIS CG  CD2  doub Y N 150 
HIS ND1 CE1  doub Y N 151 
HIS ND1 HD1  sing N N 152 
HIS CD2 NE2  sing Y N 153 
HIS CD2 HD2  sing N N 154 
HIS CE1 NE2  sing Y N 155 
HIS CE1 HE1  sing N N 156 
HIS NE2 HE2  sing N N 157 
HIS OXT HXT  sing N N 158 
HOH O   H1   sing N N 159 
HOH O   H2   sing N N 160 
ILE N   CA   sing N N 161 
ILE N   H    sing N N 162 
ILE N   H2   sing N N 163 
ILE CA  C    sing N N 164 
ILE CA  CB   sing N N 165 
ILE CA  HA   sing N N 166 
ILE C   O    doub N N 167 
ILE C   OXT  sing N N 168 
ILE CB  CG1  sing N N 169 
ILE CB  CG2  sing N N 170 
ILE CB  HB   sing N N 171 
ILE CG1 CD1  sing N N 172 
ILE CG1 HG12 sing N N 173 
ILE CG1 HG13 sing N N 174 
ILE CG2 HG21 sing N N 175 
ILE CG2 HG22 sing N N 176 
ILE CG2 HG23 sing N N 177 
ILE CD1 HD11 sing N N 178 
ILE CD1 HD12 sing N N 179 
ILE CD1 HD13 sing N N 180 
ILE OXT HXT  sing N N 181 
LEU N   CA   sing N N 182 
LEU N   H    sing N N 183 
LEU N   H2   sing N N 184 
LEU CA  C    sing N N 185 
LEU CA  CB   sing N N 186 
LEU CA  HA   sing N N 187 
LEU C   O    doub N N 188 
LEU C   OXT  sing N N 189 
LEU CB  CG   sing N N 190 
LEU CB  HB2  sing N N 191 
LEU CB  HB3  sing N N 192 
LEU CG  CD1  sing N N 193 
LEU CG  CD2  sing N N 194 
LEU CG  HG   sing N N 195 
LEU CD1 HD11 sing N N 196 
LEU CD1 HD12 sing N N 197 
LEU CD1 HD13 sing N N 198 
LEU CD2 HD21 sing N N 199 
LEU CD2 HD22 sing N N 200 
LEU CD2 HD23 sing N N 201 
LEU OXT HXT  sing N N 202 
LYS N   CA   sing N N 203 
LYS N   H    sing N N 204 
LYS N   H2   sing N N 205 
LYS CA  C    sing N N 206 
LYS CA  CB   sing N N 207 
LYS CA  HA   sing N N 208 
LYS C   O    doub N N 209 
LYS C   OXT  sing N N 210 
LYS CB  CG   sing N N 211 
LYS CB  HB2  sing N N 212 
LYS CB  HB3  sing N N 213 
LYS CG  CD   sing N N 214 
LYS CG  HG2  sing N N 215 
LYS CG  HG3  sing N N 216 
LYS CD  CE   sing N N 217 
LYS CD  HD2  sing N N 218 
LYS CD  HD3  sing N N 219 
LYS CE  NZ   sing N N 220 
LYS CE  HE2  sing N N 221 
LYS CE  HE3  sing N N 222 
LYS NZ  HZ1  sing N N 223 
LYS NZ  HZ2  sing N N 224 
LYS NZ  HZ3  sing N N 225 
LYS OXT HXT  sing N N 226 
MET N   CA   sing N N 227 
MET N   H    sing N N 228 
MET N   H2   sing N N 229 
MET CA  C    sing N N 230 
MET CA  CB   sing N N 231 
MET CA  HA   sing N N 232 
MET C   O    doub N N 233 
MET C   OXT  sing N N 234 
MET CB  CG   sing N N 235 
MET CB  HB2  sing N N 236 
MET CB  HB3  sing N N 237 
MET CG  SD   sing N N 238 
MET CG  HG2  sing N N 239 
MET CG  HG3  sing N N 240 
MET SD  CE   sing N N 241 
MET CE  HE1  sing N N 242 
MET CE  HE2  sing N N 243 
MET CE  HE3  sing N N 244 
MET OXT HXT  sing N N 245 
PHE N   CA   sing N N 246 
PHE N   H    sing N N 247 
PHE N   H2   sing N N 248 
PHE CA  C    sing N N 249 
PHE CA  CB   sing N N 250 
PHE CA  HA   sing N N 251 
PHE C   O    doub N N 252 
PHE C   OXT  sing N N 253 
PHE CB  CG   sing N N 254 
PHE CB  HB2  sing N N 255 
PHE CB  HB3  sing N N 256 
PHE CG  CD1  doub Y N 257 
PHE CG  CD2  sing Y N 258 
PHE CD1 CE1  sing Y N 259 
PHE CD1 HD1  sing N N 260 
PHE CD2 CE2  doub Y N 261 
PHE CD2 HD2  sing N N 262 
PHE CE1 CZ   doub Y N 263 
PHE CE1 HE1  sing N N 264 
PHE CE2 CZ   sing Y N 265 
PHE CE2 HE2  sing N N 266 
PHE CZ  HZ   sing N N 267 
PHE OXT HXT  sing N N 268 
PRO N   CA   sing N N 269 
PRO N   CD   sing N N 270 
PRO N   H    sing N N 271 
PRO CA  C    sing N N 272 
PRO CA  CB   sing N N 273 
PRO CA  HA   sing N N 274 
PRO C   O    doub N N 275 
PRO C   OXT  sing N N 276 
PRO CB  CG   sing N N 277 
PRO CB  HB2  sing N N 278 
PRO CB  HB3  sing N N 279 
PRO CG  CD   sing N N 280 
PRO CG  HG2  sing N N 281 
PRO CG  HG3  sing N N 282 
PRO CD  HD2  sing N N 283 
PRO CD  HD3  sing N N 284 
PRO OXT HXT  sing N N 285 
SER N   CA   sing N N 286 
SER N   H    sing N N 287 
SER N   H2   sing N N 288 
SER CA  C    sing N N 289 
SER CA  CB   sing N N 290 
SER CA  HA   sing N N 291 
SER C   O    doub N N 292 
SER C   OXT  sing N N 293 
SER CB  OG   sing N N 294 
SER CB  HB2  sing N N 295 
SER CB  HB3  sing N N 296 
SER OG  HG   sing N N 297 
SER OXT HXT  sing N N 298 
THR N   CA   sing N N 299 
THR N   H    sing N N 300 
THR N   H2   sing N N 301 
THR CA  C    sing N N 302 
THR CA  CB   sing N N 303 
THR CA  HA   sing N N 304 
THR C   O    doub N N 305 
THR C   OXT  sing N N 306 
THR CB  OG1  sing N N 307 
THR CB  CG2  sing N N 308 
THR CB  HB   sing N N 309 
THR OG1 HG1  sing N N 310 
THR CG2 HG21 sing N N 311 
THR CG2 HG22 sing N N 312 
THR CG2 HG23 sing N N 313 
THR OXT HXT  sing N N 314 
TRP N   CA   sing N N 315 
TRP N   H    sing N N 316 
TRP N   H2   sing N N 317 
TRP CA  C    sing N N 318 
TRP CA  CB   sing N N 319 
TRP CA  HA   sing N N 320 
TRP C   O    doub N N 321 
TRP C   OXT  sing N N 322 
TRP CB  CG   sing N N 323 
TRP CB  HB2  sing N N 324 
TRP CB  HB3  sing N N 325 
TRP CG  CD1  doub Y N 326 
TRP CG  CD2  sing Y N 327 
TRP CD1 NE1  sing Y N 328 
TRP CD1 HD1  sing N N 329 
TRP CD2 CE2  doub Y N 330 
TRP CD2 CE3  sing Y N 331 
TRP NE1 CE2  sing Y N 332 
TRP NE1 HE1  sing N N 333 
TRP CE2 CZ2  sing Y N 334 
TRP CE3 CZ3  doub Y N 335 
TRP CE3 HE3  sing N N 336 
TRP CZ2 CH2  doub Y N 337 
TRP CZ2 HZ2  sing N N 338 
TRP CZ3 CH2  sing Y N 339 
TRP CZ3 HZ3  sing N N 340 
TRP CH2 HH2  sing N N 341 
TRP OXT HXT  sing N N 342 
TYR N   CA   sing N N 343 
TYR N   H    sing N N 344 
TYR N   H2   sing N N 345 
TYR CA  C    sing N N 346 
TYR CA  CB   sing N N 347 
TYR CA  HA   sing N N 348 
TYR C   O    doub N N 349 
TYR C   OXT  sing N N 350 
TYR CB  CG   sing N N 351 
TYR CB  HB2  sing N N 352 
TYR CB  HB3  sing N N 353 
TYR CG  CD1  doub Y N 354 
TYR CG  CD2  sing Y N 355 
TYR CD1 CE1  sing Y N 356 
TYR CD1 HD1  sing N N 357 
TYR CD2 CE2  doub Y N 358 
TYR CD2 HD2  sing N N 359 
TYR CE1 CZ   doub Y N 360 
TYR CE1 HE1  sing N N 361 
TYR CE2 CZ   sing Y N 362 
TYR CE2 HE2  sing N N 363 
TYR CZ  OH   sing N N 364 
TYR OH  HH   sing N N 365 
TYR OXT HXT  sing N N 366 
VAL N   CA   sing N N 367 
VAL N   H    sing N N 368 
VAL N   H2   sing N N 369 
VAL CA  C    sing N N 370 
VAL CA  CB   sing N N 371 
VAL CA  HA   sing N N 372 
VAL C   O    doub N N 373 
VAL C   OXT  sing N N 374 
VAL CB  CG1  sing N N 375 
VAL CB  CG2  sing N N 376 
VAL CB  HB   sing N N 377 
VAL CG1 HG11 sing N N 378 
VAL CG1 HG12 sing N N 379 
VAL CG1 HG13 sing N N 380 
VAL CG2 HG21 sing N N 381 
VAL CG2 HG22 sing N N 382 
VAL CG2 HG23 sing N N 383 
VAL OXT HXT  sing N N 384 
# 
_atom_sites.entry_id                    3C71 
_atom_sites.fract_transf_matrix[1][1]   -0.01844815 
_atom_sites.fract_transf_matrix[1][2]   0.01174033 
_atom_sites.fract_transf_matrix[1][3]   0.02229482 
_atom_sites.fract_transf_matrix[2][1]   0.00109195 
_atom_sites.fract_transf_matrix[2][2]   0.03047659 
_atom_sites.fract_transf_matrix[2][3]   0.00672572 
_atom_sites.fract_transf_matrix[3][1]   -0.00400226 
_atom_sites.fract_transf_matrix[3][2]   0.00098920 
_atom_sites.fract_transf_matrix[3][3]   -0.00383263 
_atom_sites.fract_transf_vector[1]      -0.318614 
_atom_sites.fract_transf_vector[2]      0.085314 
_atom_sites.fract_transf_vector[3]      0.001847 
# 
loop_
_atom_type.symbol 
C 
N 
O 
S 
# 
loop_
_atom_site.group_PDB 
_atom_site.id 
_atom_site.type_symbol 
_atom_site.label_atom_id 
_atom_site.label_alt_id 
_atom_site.label_comp_id 
_atom_site.label_asym_id 
_atom_site.label_entity_id 
_atom_site.label_seq_id 
_atom_site.pdbx_PDB_ins_code 
_atom_site.Cartn_x 
_atom_site.Cartn_y 
_atom_site.Cartn_z 
_atom_site.occupancy 
_atom_site.B_iso_or_equiv 
_atom_site.pdbx_formal_charge 
_atom_site.auth_seq_id 
_atom_site.auth_comp_id 
_atom_site.auth_asym_id 
_atom_site.auth_atom_id 
_atom_site.pdbx_PDB_model_num 
ATOM   1    N N   . SER A 1 4   ? 0.321   -6.850  -16.487 1.00 33.03 ? 40  SER A N   1 
ATOM   2    C CA  . SER A 1 4   ? 0.010   -5.435  -16.170 1.00 32.36 ? 40  SER A CA  1 
ATOM   3    C C   . SER A 1 4   ? -1.135  -5.303  -15.176 1.00 31.37 ? 40  SER A C   1 
ATOM   4    O O   . SER A 1 4   ? -1.125  -4.388  -14.364 1.00 31.67 ? 40  SER A O   1 
ATOM   5    C CB  . SER A 1 4   ? -0.292  -4.621  -17.434 1.00 32.68 ? 40  SER A CB  1 
ATOM   6    O OG  . SER A 1 4   ? 0.774   -3.735  -17.711 1.00 35.08 ? 40  SER A OG  1 
ATOM   7    N N   . ASP A 1 5   ? -2.120  -6.192  -15.221 1.00 29.98 ? 41  ASP A N   1 
ATOM   8    C CA  . ASP A 1 5   ? -3.196  -6.086  -14.238 1.00 28.61 ? 41  ASP A CA  1 
ATOM   9    C C   . ASP A 1 5   ? -2.823  -6.637  -12.892 1.00 27.07 ? 41  ASP A C   1 
ATOM   10   O O   . ASP A 1 5   ? -2.217  -7.694  -12.789 1.00 26.45 ? 41  ASP A O   1 
ATOM   11   C CB  . ASP A 1 5   ? -4.491  -6.694  -14.729 1.00 29.68 ? 41  ASP A CB  1 
ATOM   12   C CG  . ASP A 1 5   ? -5.171  -5.808  -15.728 1.00 32.31 ? 41  ASP A CG  1 
ATOM   13   O OD1 . ASP A 1 5   ? -6.019  -6.303  -16.491 1.00 34.89 ? 41  ASP A OD1 1 
ATOM   14   O OD2 . ASP A 1 5   ? -4.826  -4.603  -15.755 1.00 35.55 ? 41  ASP A OD2 1 
ATOM   15   N N   . ALA A 1 6   ? -3.172  -5.875  -11.866 1.00 24.74 ? 42  ALA A N   1 
ATOM   16   C CA  . ALA A 1 6   ? -2.904  -6.246  -10.495 1.00 22.40 ? 42  ALA A CA  1 
ATOM   17   C C   . ALA A 1 6   ? -3.778  -7.437  -10.144 1.00 20.97 ? 42  ALA A C   1 
ATOM   18   O O   . ALA A 1 6   ? -5.012  -7.365  -10.301 1.00 20.94 ? 42  ALA A O   1 
ATOM   19   C CB  . ALA A 1 6   ? -3.210  -5.089  -9.566  1.00 21.93 ? 42  ALA A CB  1 
ATOM   20   N N   . PRO A 1 7   ? -3.153  -8.537  -9.685  1.00 19.28 ? 43  PRO A N   1 
ATOM   21   C CA  . PRO A 1 7   ? -3.921  -9.691  -9.212  1.00 18.55 ? 43  PRO A CA  1 
ATOM   22   C C   . PRO A 1 7   ? -4.881  -9.298  -8.105  1.00 17.96 ? 43  PRO A C   1 
ATOM   23   O O   . PRO A 1 7   ? -4.511  -8.572  -7.173  1.00 15.91 ? 43  PRO A O   1 
ATOM   24   C CB  . PRO A 1 7   ? -2.849  -10.622 -8.643  1.00 18.21 ? 43  PRO A CB  1 
ATOM   25   C CG  . PRO A 1 7   ? -1.616  -10.272 -9.414  1.00 18.70 ? 43  PRO A CG  1 
ATOM   26   C CD  . PRO A 1 7   ? -1.699  -8.782  -9.607  1.00 19.55 ? 43  PRO A CD  1 
ATOM   27   N N   . ASN A 1 8   ? -6.102  -9.803  -8.188  1.00 17.46 ? 44  ASN A N   1 
ATOM   28   C CA  . ASN A 1 8   ? -7.089  -9.478  -7.179  1.00 17.52 ? 44  ASN A CA  1 
ATOM   29   C C   . ASN A 1 8   ? -6.813  -10.281 -5.920  1.00 17.22 ? 44  ASN A C   1 
ATOM   30   O O   . ASN A 1 8   ? -6.261  -11.384 -5.982  1.00 17.41 ? 44  ASN A O   1 
ATOM   31   C CB  . ASN A 1 8   ? -8.497  -9.741  -7.726  1.00 18.21 ? 44  ASN A CB  1 
ATOM   32   C CG  . ASN A 1 8   ? -9.588  -9.200  -6.829  1.00 19.38 ? 44  ASN A CG  1 
ATOM   33   O OD1 . ASN A 1 8   ? -10.702 -9.722  -6.832  1.00 23.57 ? 44  ASN A OD1 1 
ATOM   34   N ND2 . ASN A 1 8   ? -9.286  -8.156  -6.057  1.00 13.96 ? 44  ASN A ND2 1 
ATOM   35   N N   . PHE A 1 9   ? -7.161  -9.731  -4.767  1.00 16.23 ? 45  PHE A N   1 
ATOM   36   C CA  . PHE A 1 9   ? -7.015  -10.465 -3.526  1.00 15.78 ? 45  PHE A CA  1 
ATOM   37   C C   . PHE A 1 9   ? -7.985  -9.958  -2.497  1.00 15.49 ? 45  PHE A C   1 
ATOM   38   O O   . PHE A 1 9   ? -8.567  -8.870  -2.647  1.00 15.52 ? 45  PHE A O   1 
ATOM   39   C CB  . PHE A 1 9   ? -5.578  -10.391 -2.971  1.00 16.28 ? 45  PHE A CB  1 
ATOM   40   C CG  . PHE A 1 9   ? -5.147  -9.002  -2.571  1.00 16.93 ? 45  PHE A CG  1 
ATOM   41   C CD1 . PHE A 1 9   ? -5.492  -8.486  -1.325  1.00 17.98 ? 45  PHE A CD1 1 
ATOM   42   C CD2 . PHE A 1 9   ? -4.393  -8.221  -3.446  1.00 17.05 ? 45  PHE A CD2 1 
ATOM   43   C CE1 . PHE A 1 9   ? -5.101  -7.202  -0.947  1.00 18.43 ? 45  PHE A CE1 1 
ATOM   44   C CE2 . PHE A 1 9   ? -3.995  -6.951  -3.088  1.00 15.62 ? 45  PHE A CE2 1 
ATOM   45   C CZ  . PHE A 1 9   ? -4.355  -6.430  -1.832  1.00 17.30 ? 45  PHE A CZ  1 
ATOM   46   N N   . VAL A 1 10  ? -8.164  -10.764 -1.455  1.00 14.61 ? 46  VAL A N   1 
ATOM   47   C CA  . VAL A 1 10  ? -9.014  -10.424 -0.340  1.00 15.66 ? 46  VAL A CA  1 
ATOM   48   C C   . VAL A 1 10  ? -8.258  -10.708 0.939   1.00 15.74 ? 46  VAL A C   1 
ATOM   49   O O   . VAL A 1 10  ? -7.856  -11.859 1.180   1.00 15.41 ? 46  VAL A O   1 
ATOM   50   C CB  . VAL A 1 10  ? -10.347 -11.266 -0.324  1.00 15.71 ? 46  VAL A CB  1 
ATOM   51   C CG1 . VAL A 1 10  ? -11.261 -10.778 0.798   1.00 16.64 ? 46  VAL A CG1 1 
ATOM   52   C CG2 . VAL A 1 10  ? -11.081 -11.191 -1.677  1.00 15.98 ? 46  VAL A CG2 1 
ATOM   53   N N   . LEU A 1 11  ? -8.047  -9.671  1.755   1.00 15.86 ? 47  LEU A N   1 
ATOM   54   C CA  . LEU A 1 11  ? -7.407  -9.853  3.067   1.00 16.21 ? 47  LEU A CA  1 
ATOM   55   C C   . LEU A 1 11  ? -8.132  -9.029  4.114   1.00 17.17 ? 47  LEU A C   1 
ATOM   56   O O   . LEU A 1 11  ? -8.840  -8.107  3.759   1.00 17.91 ? 47  LEU A O   1 
ATOM   57   C CB  . LEU A 1 11  ? -5.935  -9.420  3.028   1.00 15.66 ? 47  LEU A CB  1 
ATOM   58   C CG  . LEU A 1 11  ? -4.973  -10.147 2.090   1.00 14.72 ? 47  LEU A CG  1 
ATOM   59   C CD1 . LEU A 1 11  ? -3.615  -9.453  2.098   1.00 16.56 ? 47  LEU A CD1 1 
ATOM   60   C CD2 . LEU A 1 11  ? -4.825  -11.587 2.531   1.00 15.25 ? 47  LEU A CD2 1 
ATOM   61   N N   . GLU A 1 12  ? -7.967  -9.372  5.390   1.00 17.96 ? 48  GLU A N   1 
ATOM   62   C CA  . GLU A 1 12  ? -8.549  -8.603  6.479   1.00 20.29 ? 48  GLU A CA  1 
ATOM   63   C C   . GLU A 1 12  ? -7.614  -7.465  6.875   1.00 19.05 ? 48  GLU A C   1 
ATOM   64   O O   . GLU A 1 12  ? -6.386  -7.644  6.931   1.00 17.98 ? 48  GLU A O   1 
ATOM   65   C CB  . GLU A 1 12  ? -8.818  -9.487  7.710   1.00 20.83 ? 48  GLU A CB  1 
ATOM   66   C CG  . GLU A 1 12  ? -10.063 -10.387 7.591   1.00 25.18 ? 48  GLU A CG  1 
ATOM   67   C CD  . GLU A 1 12  ? -10.423 -11.137 8.896   1.00 25.97 ? 48  GLU A CD  1 
ATOM   68   O OE1 . GLU A 1 12  ? -9.534  -11.323 9.774   1.00 31.97 ? 48  GLU A OE1 1 
ATOM   69   O OE2 . GLU A 1 12  ? -11.611 -11.544 9.034   1.00 32.21 ? 48  GLU A OE2 1 
ATOM   70   N N   . ASP A 1 13  ? -8.186  -6.299  7.140   1.00 18.23 ? 49  ASP A N   1 
ATOM   71   C CA  . ASP A 1 13  ? -7.414  -5.204  7.709   1.00 18.74 ? 49  ASP A CA  1 
ATOM   72   C C   . ASP A 1 13  ? -7.237  -5.412  9.220   1.00 18.76 ? 49  ASP A C   1 
ATOM   73   O O   . ASP A 1 13  ? -7.752  -6.376  9.784   1.00 17.80 ? 49  ASP A O   1 
ATOM   74   C CB  . ASP A 1 13  ? -7.989  -3.821  7.336   1.00 18.93 ? 49  ASP A CB  1 
ATOM   75   C CG  . ASP A 1 13  ? -9.294  -3.473  8.072   1.00 22.67 ? 49  ASP A CG  1 
ATOM   76   O OD1 . ASP A 1 13  ? -9.657  -4.147  9.070   1.00 23.75 ? 49  ASP A OD1 1 
ATOM   77   O OD2 . ASP A 1 13  ? -9.945  -2.481  7.649   1.00 24.94 ? 49  ASP A OD2 1 
ATOM   78   N N   . THR A 1 14  ? -6.503  -4.511  9.861   1.00 18.64 ? 50  THR A N   1 
ATOM   79   C CA  . THR A 1 14  ? -6.137  -4.682  11.252  1.00 19.72 ? 50  THR A CA  1 
ATOM   80   C C   . THR A 1 14  ? -7.335  -4.435  12.196  1.00 21.25 ? 50  THR A C   1 
ATOM   81   O O   . THR A 1 14  ? -7.195  -4.630  13.392  1.00 21.01 ? 50  THR A O   1 
ATOM   82   C CB  . THR A 1 14  ? -4.963  -3.784  11.625  1.00 18.91 ? 50  THR A CB  1 
ATOM   83   O OG1 . THR A 1 14  ? -5.289  -2.459  11.222  1.00 20.04 ? 50  THR A OG1 1 
ATOM   84   C CG2 . THR A 1 14  ? -3.679  -4.237  10.893  1.00 17.16 ? 50  THR A CG2 1 
ATOM   85   N N   . ASN A 1 15  ? -8.482  -4.017  11.643  1.00 22.91 ? 51  ASN A N   1 
ATOM   86   C CA  . ASN A 1 15  ? -9.761  -3.913  12.391  1.00 24.79 ? 51  ASN A CA  1 
ATOM   87   C C   . ASN A 1 15  ? -10.700 -5.084  12.091  1.00 24.95 ? 51  ASN A C   1 
ATOM   88   O O   . ASN A 1 15  ? -11.830 -5.129  12.594  1.00 25.79 ? 51  ASN A O   1 
ATOM   89   C CB  . ASN A 1 15  ? -10.511 -2.622  12.068  1.00 25.33 ? 51  ASN A CB  1 
ATOM   90   C CG  . ASN A 1 15  ? -9.729  -1.373  12.406  1.00 27.89 ? 51  ASN A CG  1 
ATOM   91   O OD1 . ASN A 1 15  ? -9.051  -1.303  13.429  1.00 30.63 ? 51  ASN A OD1 1 
ATOM   92   N ND2 . ASN A 1 15  ? -9.828  -0.362  11.537  1.00 30.14 ? 51  ASN A ND2 1 
ATOM   93   N N   . GLY A 1 16  ? -10.245 -6.017  11.265  1.00 24.70 ? 52  GLY A N   1 
ATOM   94   C CA  . GLY A 1 16  ? -11.026 -7.202  10.942  1.00 25.14 ? 52  GLY A CA  1 
ATOM   95   C C   . GLY A 1 16  ? -11.927 -7.053  9.733   1.00 25.55 ? 52  GLY A C   1 
ATOM   96   O O   . GLY A 1 16  ? -12.648 -7.976  9.396   1.00 26.05 ? 52  GLY A O   1 
ATOM   97   N N   . LYS A 1 17  ? -11.878 -5.904  9.066   1.00 25.73 ? 53  LYS A N   1 
ATOM   98   C CA  . LYS A 1 17  ? -12.661 -5.695  7.862   1.00 26.84 ? 53  LYS A CA  1 
ATOM   99   C C   . LYS A 1 17  ? -12.040 -6.350  6.621   1.00 26.47 ? 53  LYS A C   1 
ATOM   100  O O   . LYS A 1 17  ? -10.858 -6.198  6.327   1.00 25.07 ? 53  LYS A O   1 
ATOM   101  C CB  . LYS A 1 17  ? -12.874 -4.203  7.608   1.00 26.81 ? 53  LYS A CB  1 
ATOM   102  C CG  . LYS A 1 17  ? -13.992 -3.911  6.582   1.00 29.53 ? 53  LYS A CG  1 
ATOM   103  C CD  . LYS A 1 17  ? -14.103 -2.420  6.258   1.00 29.42 ? 53  LYS A CD  1 
ATOM   104  C CE  . LYS A 1 17  ? -13.114 -2.023  5.171   1.00 33.16 ? 53  LYS A CE  1 
ATOM   105  N NZ  . LYS A 1 17  ? -12.957 -0.537  5.108   1.00 35.54 ? 53  LYS A NZ  1 
ATOM   106  N N   . ARG A 1 18  ? -12.875 -7.085  5.902   1.00 26.36 ? 54  ARG A N   1 
ATOM   107  C CA  . ARG A 1 18  ? -12.533 -7.642  4.605   1.00 26.62 ? 54  ARG A CA  1 
ATOM   108  C C   . ARG A 1 18  ? -12.219 -6.518  3.606   1.00 25.12 ? 54  ARG A C   1 
ATOM   109  O O   . ARG A 1 18  ? -13.016 -5.583  3.418   1.00 24.66 ? 54  ARG A O   1 
ATOM   110  C CB  . ARG A 1 18  ? -13.709 -8.506  4.113   1.00 27.10 ? 54  ARG A CB  1 
ATOM   111  C CG  . ARG A 1 18  ? -13.892 -8.565  2.612   1.00 29.05 ? 54  ARG A CG  1 
ATOM   112  C CD  . ARG A 1 18  ? -15.225 -9.222  2.252   1.00 29.25 ? 54  ARG A CD  1 
ATOM   113  N NE  . ARG A 1 18  ? -15.083 -10.183 1.156   1.00 33.41 ? 54  ARG A NE  1 
ATOM   114  C CZ  . ARG A 1 18  ? -14.913 -9.838  -0.114  1.00 35.43 ? 54  ARG A CZ  1 
ATOM   115  N NH1 . ARG A 1 18  ? -14.851 -8.553  -0.446  1.00 36.57 ? 54  ARG A NH1 1 
ATOM   116  N NH2 . ARG A 1 18  ? -14.798 -10.770 -1.051  1.00 37.82 ? 54  ARG A NH2 1 
ATOM   117  N N   . ILE A 1 19  ? -11.041 -6.604  2.993   1.00 23.41 ? 55  ILE A N   1 
ATOM   118  C CA  . ILE A 1 19  ? -10.643 -5.675  1.940   1.00 22.19 ? 55  ILE A CA  1 
ATOM   119  C C   . ILE A 1 19  ? -10.329 -6.451  0.659   1.00 21.20 ? 55  ILE A C   1 
ATOM   120  O O   . ILE A 1 19  ? -9.403  -7.257  0.629   1.00 20.19 ? 55  ILE A O   1 
ATOM   121  C CB  . ILE A 1 19  ? -9.427  -4.792  2.367   1.00 22.59 ? 55  ILE A CB  1 
ATOM   122  C CG1 . ILE A 1 19  ? -9.822  -3.878  3.547   1.00 23.21 ? 55  ILE A CG1 1 
ATOM   123  C CG2 . ILE A 1 19  ? -8.923  -3.953  1.183   1.00 21.12 ? 55  ILE A CG2 1 
ATOM   124  C CD1 . ILE A 1 19  ? -8.809  -2.776  3.881   1.00 24.09 ? 55  ILE A CD1 1 
ATOM   125  N N   . GLU A 1 20  ? -11.112 -6.200  -0.397  1.00 19.64 ? 56  GLU A N   1 
ATOM   126  C CA  . GLU A 1 20  ? -10.877 -6.825  -1.697  1.00 18.96 ? 56  GLU A CA  1 
ATOM   127  C C   . GLU A 1 20  ? -10.322 -5.760  -2.637  1.00 17.72 ? 56  GLU A C   1 
ATOM   128  O O   . GLU A 1 20  ? -10.872 -4.655  -2.720  1.00 17.18 ? 56  GLU A O   1 
ATOM   129  C CB  . GLU A 1 20  ? -12.172 -7.439  -2.238  1.00 18.88 ? 56  GLU A CB  1 
ATOM   130  C CG  . GLU A 1 20  ? -12.056 -8.022  -3.625  1.00 20.14 ? 56  GLU A CG  1 
ATOM   131  C CD  . GLU A 1 20  ? -13.223 -8.940  -4.011  1.00 22.34 ? 56  GLU A CD  1 
ATOM   132  O OE1 . GLU A 1 20  ? -14.229 -9.070  -3.253  1.00 26.75 ? 56  GLU A OE1 1 
ATOM   133  O OE2 . GLU A 1 20  ? -13.123 -9.543  -5.098  1.00 28.63 ? 56  GLU A OE2 1 
ATOM   134  N N   . LEU A 1 21  ? -9.225  -6.071  -3.324  1.00 16.22 ? 57  LEU A N   1 
ATOM   135  C CA  . LEU A 1 21  ? -8.598  -5.084  -4.213  1.00 15.83 ? 57  LEU A CA  1 
ATOM   136  C C   . LEU A 1 21  ? -9.572  -4.523  -5.258  1.00 16.15 ? 57  LEU A C   1 
ATOM   137  O O   . LEU A 1 21  ? -9.623  -3.321  -5.463  1.00 15.57 ? 57  LEU A O   1 
ATOM   138  C CB  . LEU A 1 21  ? -7.327  -5.637  -4.884  1.00 15.26 ? 57  LEU A CB  1 
ATOM   139  C CG  . LEU A 1 21  ? -6.460  -4.637  -5.659  1.00 15.16 ? 57  LEU A CG  1 
ATOM   140  C CD1 . LEU A 1 21  ? -5.913  -3.543  -4.724  1.00 13.52 ? 57  LEU A CD1 1 
ATOM   141  C CD2 . LEU A 1 21  ? -5.305  -5.368  -6.358  1.00 14.53 ? 57  LEU A CD2 1 
ATOM   142  N N   . SER A 1 22  ? -10.344 -5.385  -5.918  1.00 16.56 ? 58  SER A N   1 
ATOM   143  C CA  . SER A 1 22  ? -11.266 -4.915  -6.954  1.00 17.02 ? 58  SER A CA  1 
ATOM   144  C C   . SER A 1 22  ? -12.394 -4.019  -6.411  1.00 17.32 ? 58  SER A C   1 
ATOM   145  O O   . SER A 1 22  ? -13.037 -3.302  -7.183  1.00 18.07 ? 58  SER A O   1 
ATOM   146  C CB  . SER A 1 22  ? -11.842 -6.094  -7.748  1.00 17.71 ? 58  SER A CB  1 
ATOM   147  O OG  . SER A 1 22  ? -12.574 -6.937  -6.884  1.00 18.62 ? 58  SER A OG  1 
ATOM   148  N N   . ASP A 1 23  ? -12.634 -4.042  -5.105  1.00 15.89 ? 59  ASP A N   1 
ATOM   149  C CA  . ASP A 1 23  ? -13.616 -3.151  -4.491  1.00 16.31 ? 59  ASP A CA  1 
ATOM   150  C C   . ASP A 1 23  ? -13.107 -1.704  -4.474  1.00 15.23 ? 59  ASP A C   1 
ATOM   151  O O   . ASP A 1 23  ? -13.833 -0.783  -4.123  1.00 14.86 ? 59  ASP A O   1 
ATOM   152  C CB  . ASP A 1 23  ? -13.949 -3.597  -3.068  1.00 16.53 ? 59  ASP A CB  1 
ATOM   153  C CG  . ASP A 1 23  ? -15.006 -4.720  -3.024  1.00 20.12 ? 59  ASP A CG  1 
ATOM   154  O OD1 . ASP A 1 23  ? -15.613 -5.035  -4.071  1.00 22.38 ? 59  ASP A OD1 1 
ATOM   155  O OD2 . ASP A 1 23  ? -15.239 -5.263  -1.914  1.00 24.75 ? 59  ASP A OD2 1 
ATOM   156  N N   . LEU A 1 24  ? -11.840 -1.540  -4.847  1.00 14.19 ? 60  LEU A N   1 
ATOM   157  C CA  . LEU A 1 24  ? -11.193 -0.236  -4.919  1.00 12.78 ? 60  LEU A CA  1 
ATOM   158  C C   . LEU A 1 24  ? -11.062 0.294   -6.347  1.00 12.85 ? 60  LEU A C   1 
ATOM   159  O O   . LEU A 1 24  ? -10.433 1.330   -6.559  1.00 12.56 ? 60  LEU A O   1 
ATOM   160  C CB  . LEU A 1 24  ? -9.812  -0.288  -4.245  1.00 13.04 ? 60  LEU A CB  1 
ATOM   161  C CG  . LEU A 1 24  ? -9.797  -0.688  -2.770  1.00 12.67 ? 60  LEU A CG  1 
ATOM   162  C CD1 . LEU A 1 24  ? -8.366  -0.828  -2.243  1.00 13.68 ? 60  LEU A CD1 1 
ATOM   163  C CD2 . LEU A 1 24  ? -10.577 0.322   -1.935  1.00 14.75 ? 60  LEU A CD2 1 
ATOM   164  N N   A LYS A 1 25  ? -11.624 -0.405  -7.331  0.50 12.83 ? 61  LYS A N   1 
ATOM   165  N N   B LYS A 1 25  ? -11.659 -0.404  -7.315  0.50 12.80 ? 61  LYS A N   1 
ATOM   166  C CA  A LYS A 1 25  ? -11.601 0.111   -8.692  0.50 13.18 ? 61  LYS A CA  1 
ATOM   167  C CA  B LYS A 1 25  ? -11.739 0.098   -8.680  0.50 13.30 ? 61  LYS A CA  1 
ATOM   168  C C   A LYS A 1 25  ? -12.213 1.516   -8.706  0.50 12.71 ? 61  LYS A C   1 
ATOM   169  C C   B LYS A 1 25  ? -12.212 1.558   -8.667  0.50 12.64 ? 61  LYS A C   1 
ATOM   170  O O   A LYS A 1 25  ? -13.066 1.828   -7.880  0.50 13.01 ? 61  LYS A O   1 
ATOM   171  O O   B LYS A 1 25  ? -12.969 1.954   -7.785  0.50 12.91 ? 61  LYS A O   1 
ATOM   172  C CB  A LYS A 1 25  ? -12.315 -0.826  -9.675  0.50 13.68 ? 61  LYS A CB  1 
ATOM   173  C CB  B LYS A 1 25  ? -12.668 -0.775  -9.541  0.50 13.25 ? 61  LYS A CB  1 
ATOM   174  C CG  A LYS A 1 25  ? -11.562 -2.119  -9.930  0.50 15.18 ? 61  LYS A CG  1 
ATOM   175  C CG  B LYS A 1 25  ? -14.141 -0.789  -9.125  0.50 14.03 ? 61  LYS A CG  1 
ATOM   176  C CD  A LYS A 1 25  ? -11.379 -2.397  -11.417 0.50 19.55 ? 61  LYS A CD  1 
ATOM   177  C CD  B LYS A 1 25  ? -15.018 -1.596  -10.112 0.50 15.07 ? 61  LYS A CD  1 
ATOM   178  C CE  A LYS A 1 25  ? -11.005 -3.857  -11.650 0.50 20.97 ? 61  LYS A CE  1 
ATOM   179  C CE  B LYS A 1 25  ? -15.592 -0.732  -11.224 0.50 19.34 ? 61  LYS A CE  1 
ATOM   180  N NZ  A LYS A 1 25  ? -12.149 -4.771  -11.310 0.50 23.52 ? 61  LYS A NZ  1 
ATOM   181  N NZ  B LYS A 1 25  ? -16.555 -1.480  -12.076 0.50 22.36 ? 61  LYS A NZ  1 
ATOM   182  N N   . GLY A 1 26  ? -11.740 2.359   -9.619  1.00 12.34 ? 62  GLY A N   1 
ATOM   183  C CA  . GLY A 1 26  ? -12.152 3.770   -9.681  1.00 11.73 ? 62  GLY A CA  1 
ATOM   184  C C   . GLY A 1 26  ? -11.251 4.675   -8.866  1.00 12.19 ? 62  GLY A C   1 
ATOM   185  O O   . GLY A 1 26  ? -11.265 5.901   -9.029  1.00 12.23 ? 62  GLY A O   1 
ATOM   186  N N   . LYS A 1 27  ? -10.485 4.075   -7.953  1.00 12.26 ? 63  LYS A N   1 
ATOM   187  C CA  . LYS A 1 27  ? -9.478  4.810   -7.186  1.00 12.20 ? 63  LYS A CA  1 
ATOM   188  C C   . LYS A 1 27  ? -8.072  4.341   -7.587  1.00 12.10 ? 63  LYS A C   1 
ATOM   189  O O   . LYS A 1 27  ? -7.880  3.213   -8.025  1.00 11.72 ? 63  LYS A O   1 
ATOM   190  C CB  . LYS A 1 27  ? -9.654  4.570   -5.685  1.00 12.05 ? 63  LYS A CB  1 
ATOM   191  C CG  . LYS A 1 27  ? -10.877 5.199   -5.043  1.00 13.37 ? 63  LYS A CG  1 
ATOM   192  C CD  . LYS A 1 27  ? -10.720 5.158   -3.518  1.00 13.87 ? 63  LYS A CD  1 
ATOM   193  C CE  . LYS A 1 27  ? -11.749 6.044   -2.847  1.00 17.48 ? 63  LYS A CE  1 
ATOM   194  N NZ  . LYS A 1 27  ? -11.596 6.094   -1.341  1.00 16.76 ? 63  LYS A NZ  1 
ATOM   195  N N   . GLY A 1 28  ? -7.092  5.211   -7.407  1.00 12.44 ? 64  GLY A N   1 
ATOM   196  C CA  . GLY A 1 28  ? -5.719  4.772   -7.457  1.00 11.89 ? 64  GLY A CA  1 
ATOM   197  C C   . GLY A 1 28  ? -5.376  4.028   -6.171  1.00 11.48 ? 64  GLY A C   1 
ATOM   198  O O   . GLY A 1 28  ? -5.819  4.398   -5.081  1.00 11.77 ? 64  GLY A O   1 
ATOM   199  N N   . VAL A 1 29  ? -4.570  2.981   -6.291  1.00 11.75 ? 65  VAL A N   1 
ATOM   200  C CA  . VAL A 1 29  ? -4.149  2.212   -5.115  1.00 10.83 ? 65  VAL A CA  1 
ATOM   201  C C   . VAL A 1 29  ? -2.620  2.190   -5.022  1.00 10.50 ? 65  VAL A C   1 
ATOM   202  O O   . VAL A 1 29  ? -1.941  1.797   -5.967  1.00 10.25 ? 65  VAL A O   1 
ATOM   203  C CB  . VAL A 1 29  ? -4.739  0.771   -5.109  1.00 11.70 ? 65  VAL A CB  1 
ATOM   204  C CG1 . VAL A 1 29  ? -4.327  0.031   -3.826  1.00 11.39 ? 65  VAL A CG1 1 
ATOM   205  C CG2 . VAL A 1 29  ? -6.296  0.826   -5.248  1.00 10.73 ? 65  VAL A CG2 1 
ATOM   206  N N   . PHE A 1 30  ? -2.119  2.665   -3.886  1.00 10.22 ? 66  PHE A N   1 
ATOM   207  C CA  . PHE A 1 30  ? -0.712  2.608   -3.527  1.00 10.47 ? 66  PHE A CA  1 
ATOM   208  C C   . PHE A 1 30  ? -0.584  1.332   -2.695  1.00 10.20 ? 66  PHE A C   1 
ATOM   209  O O   . PHE A 1 30  ? -0.876  1.323   -1.507  1.00 9.10  ? 66  PHE A O   1 
ATOM   210  C CB  . PHE A 1 30  ? -0.391  3.886   -2.719  1.00 10.78 ? 66  PHE A CB  1 
ATOM   211  C CG  . PHE A 1 30  ? 1.075   4.111   -2.454  1.00 12.38 ? 66  PHE A CG  1 
ATOM   212  C CD1 . PHE A 1 30  ? 1.703   3.493   -1.388  1.00 12.27 ? 66  PHE A CD1 1 
ATOM   213  C CD2 . PHE A 1 30  ? 1.812   4.985   -3.264  1.00 12.09 ? 66  PHE A CD2 1 
ATOM   214  C CE1 . PHE A 1 30  ? 3.072   3.719   -1.129  1.00 14.45 ? 66  PHE A CE1 1 
ATOM   215  C CE2 . PHE A 1 30  ? 3.188   5.230   -3.015  1.00 13.10 ? 66  PHE A CE2 1 
ATOM   216  C CZ  . PHE A 1 30  ? 3.812   4.592   -1.966  1.00 13.35 ? 66  PHE A CZ  1 
ATOM   217  N N   . LEU A 1 31  ? -0.188  0.237   -3.349  1.00 10.84 ? 67  LEU A N   1 
ATOM   218  C CA  . LEU A 1 31  ? -0.122  -1.093  -2.717  1.00 12.17 ? 67  LEU A CA  1 
ATOM   219  C C   . LEU A 1 31  ? 1.314   -1.354  -2.256  1.00 12.32 ? 67  LEU A C   1 
ATOM   220  O O   . LEU A 1 31  ? 2.218   -1.418  -3.069  1.00 12.81 ? 67  LEU A O   1 
ATOM   221  C CB  . LEU A 1 31  ? -0.567  -2.173  -3.727  1.00 12.35 ? 67  LEU A CB  1 
ATOM   222  C CG  . LEU A 1 31  ? -0.630  -3.624  -3.214  1.00 14.52 ? 67  LEU A CG  1 
ATOM   223  C CD1 . LEU A 1 31  ? -1.707  -3.788  -2.156  1.00 14.56 ? 67  LEU A CD1 1 
ATOM   224  C CD2 . LEU A 1 31  ? -0.841  -4.632  -4.343  1.00 13.95 ? 67  LEU A CD2 1 
ATOM   225  N N   A ASN A 1 32  ? 1.465   -1.506  -0.948  0.50 12.68 ? 68  ASN A N   1 
ATOM   226  N N   B ASN A 1 32  ? 1.541   -1.511  -0.957  0.50 12.67 ? 68  ASN A N   1 
ATOM   227  C CA  A ASN A 1 32  ? 2.752   -1.673  -0.291  0.50 13.42 ? 68  ASN A CA  1 
ATOM   228  C CA  B ASN A 1 32  ? 2.919   -1.570  -0.425  0.50 13.31 ? 68  ASN A CA  1 
ATOM   229  C C   A ASN A 1 32  ? 2.816   -3.087  0.247   0.50 12.90 ? 68  ASN A C   1 
ATOM   230  C C   B ASN A 1 32  ? 3.091   -2.778  0.499   0.50 12.95 ? 68  ASN A C   1 
ATOM   231  O O   A ASN A 1 32  ? 1.828   -3.605  0.757   0.50 12.12 ? 68  ASN A O   1 
ATOM   232  O O   B ASN A 1 32  ? 2.402   -2.861  1.515   0.50 12.48 ? 68  ASN A O   1 
ATOM   233  C CB  A ASN A 1 32  ? 2.813   -0.688  0.886   0.50 14.07 ? 68  ASN A CB  1 
ATOM   234  C CB  B ASN A 1 32  ? 3.232   -0.228  0.281   0.50 13.83 ? 68  ASN A CB  1 
ATOM   235  C CG  A ASN A 1 32  ? 4.215   -0.344  1.323   0.50 16.68 ? 68  ASN A CG  1 
ATOM   236  C CG  B ASN A 1 32  ? 4.531   -0.237  1.069   0.50 17.03 ? 68  ASN A CG  1 
ATOM   237  O OD1 A ASN A 1 32  ? 4.375   0.411   2.279   0.50 19.70 ? 68  ASN A OD1 1 
ATOM   238  O OD1 B ASN A 1 32  ? 4.581   -0.734  2.200   0.50 18.34 ? 68  ASN A OD1 1 
ATOM   239  N ND2 A ASN A 1 32  ? 5.244   -0.883  0.640   0.50 18.03 ? 68  ASN A ND2 1 
ATOM   240  N ND2 B ASN A 1 32  ? 5.581   0.359   0.494   0.50 19.11 ? 68  ASN A ND2 1 
ATOM   241  N N   . PHE A 1 33  ? 3.978   -3.716  0.117   1.00 12.35 ? 69  PHE A N   1 
ATOM   242  C CA  . PHE A 1 33  ? 4.271   -4.938  0.883   1.00 11.92 ? 69  PHE A CA  1 
ATOM   243  C C   . PHE A 1 33  ? 5.409   -4.606  1.819   1.00 11.75 ? 69  PHE A C   1 
ATOM   244  O O   . PHE A 1 33  ? 6.432   -4.081  1.377   1.00 12.05 ? 69  PHE A O   1 
ATOM   245  C CB  . PHE A 1 33  ? 4.683   -6.088  -0.042  1.00 11.81 ? 69  PHE A CB  1 
ATOM   246  C CG  . PHE A 1 33  ? 3.562   -6.603  -0.889  1.00 10.88 ? 69  PHE A CG  1 
ATOM   247  C CD1 . PHE A 1 33  ? 3.236   -5.980  -2.082  1.00 11.47 ? 69  PHE A CD1 1 
ATOM   248  C CD2 . PHE A 1 33  ? 2.806   -7.699  -0.466  1.00 12.53 ? 69  PHE A CD2 1 
ATOM   249  C CE1 . PHE A 1 33  ? 2.175   -6.439  -2.858  1.00 12.93 ? 69  PHE A CE1 1 
ATOM   250  C CE2 . PHE A 1 33  ? 1.762   -8.170  -1.242  1.00 13.75 ? 69  PHE A CE2 1 
ATOM   251  C CZ  . PHE A 1 33  ? 1.444   -7.546  -2.433  1.00 12.90 ? 69  PHE A CZ  1 
ATOM   252  N N   . TRP A 1 34  ? 5.257   -4.929  3.095   1.00 11.02 ? 70  TRP A N   1 
ATOM   253  C CA  . TRP A 1 34  ? 6.165   -4.416  4.118   1.00 10.88 ? 70  TRP A CA  1 
ATOM   254  C C   . TRP A 1 34  ? 6.293   -5.344  5.310   1.00 10.69 ? 70  TRP A C   1 
ATOM   255  O O   . TRP A 1 34  ? 5.432   -6.193  5.541   1.00 10.65 ? 70  TRP A O   1 
ATOM   256  C CB  . TRP A 1 34  ? 5.695   -3.018  4.586   1.00 10.70 ? 70  TRP A CB  1 
ATOM   257  C CG  . TRP A 1 34  ? 4.380   -3.068  5.385   1.00 10.97 ? 70  TRP A CG  1 
ATOM   258  C CD1 . TRP A 1 34  ? 3.107   -3.212  4.877   1.00 10.02 ? 70  TRP A CD1 1 
ATOM   259  C CD2 . TRP A 1 34  ? 4.239   -3.003  6.805   1.00 11.14 ? 70  TRP A CD2 1 
ATOM   260  N NE1 . TRP A 1 34  ? 2.183   -3.222  5.908   1.00 10.05 ? 70  TRP A NE1 1 
ATOM   261  C CE2 . TRP A 1 34  ? 2.851   -3.091  7.096   1.00 10.32 ? 70  TRP A CE2 1 
ATOM   262  C CE3 . TRP A 1 34  ? 5.150   -2.862  7.870   1.00 9.30  ? 70  TRP A CE3 1 
ATOM   263  C CZ2 . TRP A 1 34  ? 2.357   -3.055  8.402   1.00 10.41 ? 70  TRP A CZ2 1 
ATOM   264  C CZ3 . TRP A 1 34  ? 4.654   -2.818  9.156   1.00 11.43 ? 70  TRP A CZ3 1 
ATOM   265  C CH2 . TRP A 1 34  ? 3.267   -2.920  9.417   1.00 11.15 ? 70  TRP A CH2 1 
ATOM   266  N N   . GLY A 1 35  ? 7.366   -5.155  6.080   1.00 11.34 ? 71  GLY A N   1 
ATOM   267  C CA  . GLY A 1 35  ? 7.550   -5.840  7.358   1.00 11.00 ? 71  GLY A CA  1 
ATOM   268  C C   . GLY A 1 35  ? 7.993   -4.840  8.409   1.00 11.09 ? 71  GLY A C   1 
ATOM   269  O O   . GLY A 1 35  ? 8.583   -3.806  8.086   1.00 11.55 ? 71  GLY A O   1 
ATOM   270  N N   . THR A 1 36  ? 7.697   -5.133  9.671   1.00 11.93 ? 72  THR A N   1 
ATOM   271  C CA  . THR A 1 36  ? 7.987   -4.218  10.775  1.00 11.76 ? 72  THR A CA  1 
ATOM   272  C C   . THR A 1 36  ? 9.481   -3.957  10.957  1.00 12.18 ? 72  THR A C   1 
ATOM   273  O O   . THR A 1 36  ? 9.846   -2.947  11.551  1.00 12.69 ? 72  THR A O   1 
ATOM   274  C CB  . THR A 1 36  ? 7.457   -4.749  12.124  1.00 12.16 ? 72  THR A CB  1 
ATOM   275  O OG1 . THR A 1 36  ? 8.116   -6.001  12.428  1.00 12.86 ? 72  THR A OG1 1 
ATOM   276  C CG2 . THR A 1 36  ? 5.951   -4.957  12.069  1.00 11.41 ? 72  THR A CG2 1 
ATOM   277  N N   . TRP A 1 37  ? 10.325  -4.855  10.441  1.00 12.31 ? 73  TRP A N   1 
ATOM   278  C CA  . TRP A 1 37  ? 11.786  -4.775  10.620  1.00 13.56 ? 73  TRP A CA  1 
ATOM   279  C C   . TRP A 1 37  ? 12.508  -3.977  9.527   1.00 14.64 ? 73  TRP A C   1 
ATOM   280  O O   . TRP A 1 37  ? 13.710  -3.693  9.664   1.00 15.32 ? 73  TRP A O   1 
ATOM   281  C CB  . TRP A 1 37  ? 12.371  -6.192  10.623  1.00 12.74 ? 73  TRP A CB  1 
ATOM   282  C CG  . TRP A 1 37  ? 12.231  -6.904  9.277   1.00 12.63 ? 73  TRP A CG  1 
ATOM   283  C CD1 . TRP A 1 37  ? 13.064  -6.794  8.208   1.00 12.94 ? 73  TRP A CD1 1 
ATOM   284  C CD2 . TRP A 1 37  ? 11.214  -7.838  8.894   1.00 10.87 ? 73  TRP A CD2 1 
ATOM   285  N NE1 . TRP A 1 37  ? 12.634  -7.587  7.186   1.00 13.60 ? 73  TRP A NE1 1 
ATOM   286  C CE2 . TRP A 1 37  ? 11.501  -8.245  7.580   1.00 12.33 ? 73  TRP A CE2 1 
ATOM   287  C CE3 . TRP A 1 37  ? 10.100  -8.386  9.547   1.00 9.94  ? 73  TRP A CE3 1 
ATOM   288  C CZ2 . TRP A 1 37  ? 10.711  -9.163  6.887   1.00 12.44 ? 73  TRP A CZ2 1 
ATOM   289  C CZ3 . TRP A 1 37  ? 9.312   -9.292  8.854   1.00 13.21 ? 73  TRP A CZ3 1 
ATOM   290  C CH2 . TRP A 1 37  ? 9.617   -9.665  7.540   1.00 13.29 ? 73  TRP A CH2 1 
ATOM   291  N N   . CYS A 1 38  ? 11.781  -3.642  8.456   1.00 15.12 ? 74  CYS A N   1 
ATOM   292  C CA  . CYS A 1 38  ? 12.352  -3.065  7.235   1.00 16.55 ? 74  CYS A CA  1 
ATOM   293  C C   . CYS A 1 38  ? 12.771  -1.609  7.464   1.00 16.44 ? 74  CYS A C   1 
ATOM   294  O O   . CYS A 1 38  ? 11.918  -0.784  7.829   1.00 15.65 ? 74  CYS A O   1 
ATOM   295  C CB  . CYS A 1 38  ? 11.330  -3.112  6.084   1.00 16.74 ? 74  CYS A CB  1 
ATOM   296  S SG  . CYS A 1 38  ? 10.730  -4.740  5.559   1.00 21.48 ? 74  CYS A SG  1 
ATOM   297  N N   . PRO A 1 39  ? 14.077  -1.288  7.261   1.00 17.04 ? 75  PRO A N   1 
ATOM   298  C CA  . PRO A 1 39  ? 14.534  0.108   7.425   1.00 17.35 ? 75  PRO A CA  1 
ATOM   299  C C   . PRO A 1 39  ? 13.745  1.072   6.529   1.00 16.64 ? 75  PRO A C   1 
ATOM   300  O O   . PRO A 1 39  ? 13.392  2.164   6.986   1.00 16.09 ? 75  PRO A O   1 
ATOM   301  C CB  . PRO A 1 39  ? 16.013  0.050   6.986   1.00 17.71 ? 75  PRO A CB  1 
ATOM   302  C CG  . PRO A 1 39  ? 16.407  -1.392  7.254   1.00 18.19 ? 75  PRO A CG  1 
ATOM   303  C CD  . PRO A 1 39  ? 15.190  -2.181  6.864   1.00 17.39 ? 75  PRO A CD  1 
ATOM   304  N N   . HIS A 1 40  ? 13.450  0.659   5.289   1.00 15.98 ? 76  HIS A N   1 
ATOM   305  C CA  . HIS A 1 40  ? 12.719  1.521   4.338   1.00 16.32 ? 76  HIS A CA  1 
ATOM   306  C C   . HIS A 1 40  ? 11.350  1.851   4.909   1.00 15.68 ? 76  HIS A C   1 
ATOM   307  O O   . HIS A 1 40  ? 10.935  3.008   4.896   1.00 14.83 ? 76  HIS A O   1 
ATOM   308  C CB  . HIS A 1 40  ? 12.482  0.851   2.993   1.00 16.74 ? 76  HIS A CB  1 
ATOM   309  C CG  . HIS A 1 40  ? 13.681  0.777   2.095   1.00 19.16 ? 76  HIS A CG  1 
ATOM   310  N ND1 . HIS A 1 40  ? 13.567  0.587   0.730   1.00 22.46 ? 76  HIS A ND1 1 
ATOM   311  C CD2 . HIS A 1 40  ? 15.007  0.845   2.357   1.00 19.97 ? 76  HIS A CD2 1 
ATOM   312  C CE1 . HIS A 1 40  ? 14.775  0.526   0.194   1.00 20.91 ? 76  HIS A CE1 1 
ATOM   313  N NE2 . HIS A 1 40  ? 15.664  0.693   1.158   1.00 21.37 ? 76  HIS A NE2 1 
ATOM   314  N N   . CYS A 1 41  ? 10.656  0.823   5.419   1.00 15.35 ? 77  CYS A N   1 
ATOM   315  C CA  . CYS A 1 41  ? 9.316   1.022   5.994   1.00 15.79 ? 77  CYS A CA  1 
ATOM   316  C C   . CYS A 1 41  ? 9.290   1.926   7.211   1.00 14.80 ? 77  CYS A C   1 
ATOM   317  O O   . CYS A 1 41  ? 8.359   2.727   7.355   1.00 14.68 ? 77  CYS A O   1 
ATOM   318  C CB  . CYS A 1 41  ? 8.631   -0.316  6.295   1.00 15.27 ? 77  CYS A CB  1 
ATOM   319  S SG  . CYS A 1 41  ? 8.670   -1.379  4.854   1.00 21.31 ? 77  CYS A SG  1 
ATOM   320  N N   . LYS A 1 42  ? 10.284  1.811   8.099   1.00 14.23 ? 78  LYS A N   1 
ATOM   321  C CA  . LYS A 1 42  ? 10.343  2.707   9.264   1.00 14.56 ? 78  LYS A CA  1 
ATOM   322  C C   . LYS A 1 42  ? 10.472  4.158   8.817   1.00 15.09 ? 78  LYS A C   1 
ATOM   323  O O   . LYS A 1 42  ? 9.921   5.069   9.443   1.00 15.21 ? 78  LYS A O   1 
ATOM   324  C CB  . LYS A 1 42  ? 11.499  2.341   10.211  1.00 15.14 ? 78  LYS A CB  1 
ATOM   325  C CG  . LYS A 1 42  ? 11.373  0.960   10.818  1.00 14.85 ? 78  LYS A CG  1 
ATOM   326  C CD  . LYS A 1 42  ? 12.625  0.592   11.606  1.00 19.51 ? 78  LYS A CD  1 
ATOM   327  C CE  . LYS A 1 42  ? 12.502  -0.810  12.166  1.00 21.93 ? 78  LYS A CE  1 
ATOM   328  N NZ  . LYS A 1 42  ? 13.598  -1.062  13.170  1.00 24.42 ? 78  LYS A NZ  1 
ATOM   329  N N   . LYS A 1 43  ? 11.184  4.372   7.716   1.00 15.00 ? 79  LYS A N   1 
ATOM   330  C CA  . LYS A 1 43  ? 11.393  5.731   7.214   1.00 15.86 ? 79  LYS A CA  1 
ATOM   331  C C   . LYS A 1 43  ? 10.200  6.246   6.417   1.00 15.27 ? 79  LYS A C   1 
ATOM   332  O O   . LYS A 1 43  ? 9.750   7.382   6.599   1.00 16.19 ? 79  LYS A O   1 
ATOM   333  C CB  . LYS A 1 43  ? 12.624  5.779   6.329   1.00 16.11 ? 79  LYS A CB  1 
ATOM   334  C CG  . LYS A 1 43  ? 13.108  7.196   6.175   1.00 19.12 ? 79  LYS A CG  1 
ATOM   335  C CD  . LYS A 1 43  ? 14.358  7.244   5.341   1.00 24.90 ? 79  LYS A CD  1 
ATOM   336  C CE  . LYS A 1 43  ? 14.804  8.686   5.135   1.00 25.02 ? 79  LYS A CE  1 
ATOM   337  N NZ  . LYS A 1 43  ? 16.115  8.672   4.484   1.00 26.90 ? 79  LYS A NZ  1 
ATOM   338  N N   . GLU A 1 44  ? 9.703   5.398   5.535   1.00 14.48 ? 80  GLU A N   1 
ATOM   339  C CA  . GLU A 1 44  ? 8.721   5.805   4.545   1.00 14.91 ? 80  GLU A CA  1 
ATOM   340  C C   . GLU A 1 44  ? 7.289   5.788   5.055   1.00 14.38 ? 80  GLU A C   1 
ATOM   341  O O   . GLU A 1 44  ? 6.464   6.510   4.519   1.00 12.86 ? 80  GLU A O   1 
ATOM   342  C CB  . GLU A 1 44  ? 8.852   4.938   3.297   1.00 15.24 ? 80  GLU A CB  1 
ATOM   343  C CG  . GLU A 1 44  ? 10.136  5.253   2.520   1.00 17.62 ? 80  GLU A CG  1 
ATOM   344  C CD  . GLU A 1 44  ? 10.561  4.142   1.578   1.00 21.35 ? 80  GLU A CD  1 
ATOM   345  O OE1 . GLU A 1 44  ? 9.709   3.280   1.215   1.00 19.97 ? 80  GLU A OE1 1 
ATOM   346  O OE2 . GLU A 1 44  ? 11.756  4.140   1.191   1.00 19.23 ? 80  GLU A OE2 1 
ATOM   347  N N   . PHE A 1 45  ? 6.979   4.971   6.065   1.00 13.85 ? 81  PHE A N   1 
ATOM   348  C CA  . PHE A 1 45  ? 5.599   4.938   6.567   1.00 14.20 ? 81  PHE A CA  1 
ATOM   349  C C   . PHE A 1 45  ? 5.099   6.284   7.100   1.00 14.19 ? 81  PHE A C   1 
ATOM   350  O O   . PHE A 1 45  ? 3.983   6.663   6.797   1.00 13.45 ? 81  PHE A O   1 
ATOM   351  C CB  . PHE A 1 45  ? 5.348   3.795   7.571   1.00 15.68 ? 81  PHE A CB  1 
ATOM   352  C CG  . PHE A 1 45  ? 4.830   2.524   6.930   1.00 16.38 ? 81  PHE A CG  1 
ATOM   353  C CD1 . PHE A 1 45  ? 5.413   2.018   5.771   1.00 19.32 ? 81  PHE A CD1 1 
ATOM   354  C CD2 . PHE A 1 45  ? 3.758   1.845   7.480   1.00 19.84 ? 81  PHE A CD2 1 
ATOM   355  C CE1 . PHE A 1 45  ? 4.936   0.851   5.175   1.00 21.26 ? 81  PHE A CE1 1 
ATOM   356  C CE2 . PHE A 1 45  ? 3.269   0.684   6.877   1.00 20.30 ? 81  PHE A CE2 1 
ATOM   357  C CZ  . PHE A 1 45  ? 3.855   0.196   5.728   1.00 18.15 ? 81  PHE A CZ  1 
ATOM   358  N N   . PRO A 1 46  ? 5.918   7.009   7.894   1.00 14.21 ? 82  PRO A N   1 
ATOM   359  C CA  . PRO A 1 46  ? 5.516   8.372   8.243   1.00 14.12 ? 82  PRO A CA  1 
ATOM   360  C C   . PRO A 1 46  ? 5.249   9.306   7.050   1.00 13.61 ? 82  PRO A C   1 
ATOM   361  O O   . PRO A 1 46  ? 4.356   10.150  7.130   1.00 14.00 ? 82  PRO A O   1 
ATOM   362  C CB  . PRO A 1 46  ? 6.709   8.875   9.056   1.00 14.22 ? 82  PRO A CB  1 
ATOM   363  C CG  . PRO A 1 46  ? 7.246   7.645   9.706   1.00 14.80 ? 82  PRO A CG  1 
ATOM   364  C CD  . PRO A 1 46  ? 7.175   6.638   8.578   1.00 14.03 ? 82  PRO A CD  1 
ATOM   365  N N   . TYR A 1 47  ? 6.023   9.173   5.976   1.00 13.33 ? 83  TYR A N   1 
ATOM   366  C CA  . TYR A 1 47  ? 5.836   9.994   4.780   1.00 13.21 ? 83  TYR A CA  1 
ATOM   367  C C   . TYR A 1 47  ? 4.516   9.626   4.127   1.00 13.37 ? 83  TYR A C   1 
ATOM   368  O O   . TYR A 1 47  ? 3.775   10.506  3.685   1.00 11.92 ? 83  TYR A O   1 
ATOM   369  C CB  . TYR A 1 47  ? 6.930   9.760   3.756   1.00 15.30 ? 83  TYR A CB  1 
ATOM   370  C CG  . TYR A 1 47  ? 8.341   10.055  4.179   1.00 16.02 ? 83  TYR A CG  1 
ATOM   371  C CD1 . TYR A 1 47  ? 8.608   10.903  5.256   1.00 16.09 ? 83  TYR A CD1 1 
ATOM   372  C CD2 . TYR A 1 47  ? 9.409   9.527   3.461   1.00 17.85 ? 83  TYR A CD2 1 
ATOM   373  C CE1 . TYR A 1 47  ? 9.904   11.188  5.628   1.00 20.50 ? 83  TYR A CE1 1 
ATOM   374  C CE2 . TYR A 1 47  ? 10.719  9.804   3.834   1.00 19.49 ? 83  TYR A CE2 1 
ATOM   375  C CZ  . TYR A 1 47  ? 10.944  10.637  4.922   1.00 19.54 ? 83  TYR A CZ  1 
ATOM   376  O OH  . TYR A 1 47  ? 12.220  10.947  5.320   1.00 22.29 ? 83  TYR A OH  1 
ATOM   377  N N   . MET A 1 48  ? 4.223   8.323   4.065   1.00 12.48 ? 84  MET A N   1 
ATOM   378  C CA  . MET A 1 48  ? 2.967   7.859   3.479   1.00 13.48 ? 84  MET A CA  1 
ATOM   379  C C   . MET A 1 48  ? 1.785   8.420   4.245   1.00 12.85 ? 84  MET A C   1 
ATOM   380  O O   . MET A 1 48  ? 0.808   8.849   3.645   1.00 14.16 ? 84  MET A O   1 
ATOM   381  C CB  . MET A 1 48  ? 2.902   6.330   3.468   1.00 12.28 ? 84  MET A CB  1 
ATOM   382  C CG  . MET A 1 48  ? 3.765   5.713   2.386   1.00 14.50 ? 84  MET A CG  1 
ATOM   383  S SD  . MET A 1 48  ? 4.103   3.951   2.715   1.00 16.65 ? 84  MET A SD  1 
ATOM   384  C CE  . MET A 1 48  ? 2.449   3.295   2.496   1.00 16.77 ? 84  MET A CE  1 
ATOM   385  N N   . ALA A 1 49  ? 1.877   8.396   5.564   1.00 13.37 ? 85  ALA A N   1 
ATOM   386  C CA  . ALA A 1 49  ? 0.797   8.865   6.444   1.00 14.52 ? 85  ALA A CA  1 
ATOM   387  C C   . ALA A 1 49  ? 0.516   10.366  6.289   1.00 15.05 ? 85  ALA A C   1 
ATOM   388  O O   . ALA A 1 49  ? -0.652  10.810  6.288   1.00 15.59 ? 85  ALA A O   1 
ATOM   389  C CB  . ALA A 1 49  ? 1.116   8.520   7.892   1.00 13.86 ? 85  ALA A CB  1 
ATOM   390  N N   . ASN A 1 50  ? 1.580   11.148  6.164   1.00 16.11 ? 86  ASN A N   1 
ATOM   391  C CA  . ASN A 1 50  ? 1.457   12.580  5.864   1.00 16.55 ? 86  ASN A CA  1 
ATOM   392  C C   . ASN A 1 50  ? 0.861   12.833  4.474   1.00 16.30 ? 86  ASN A C   1 
ATOM   393  O O   . ASN A 1 50  ? -0.021  13.662  4.323   1.00 17.14 ? 86  ASN A O   1 
ATOM   394  C CB  . ASN A 1 50  ? 2.815   13.274  5.964   1.00 17.14 ? 86  ASN A CB  1 
ATOM   395  C CG  . ASN A 1 50  ? 2.685   14.787  6.089   1.00 20.34 ? 86  ASN A CG  1 
ATOM   396  O OD1 . ASN A 1 50  ? 1.874   15.298  6.885   1.00 22.70 ? 86  ASN A OD1 1 
ATOM   397  N ND2 . ASN A 1 50  ? 3.495   15.511  5.321   1.00 22.24 ? 86  ASN A ND2 1 
ATOM   398  N N   . GLN A 1 51  ? 1.328   12.103  3.466   1.00 15.36 ? 87  GLN A N   1 
ATOM   399  C CA  . GLN A 1 51  ? 0.753   12.206  2.104   1.00 15.30 ? 87  GLN A CA  1 
ATOM   400  C C   . GLN A 1 51  ? -0.701  11.744  1.991   1.00 15.44 ? 87  GLN A C   1 
ATOM   401  O O   . GLN A 1 51  ? -1.491  12.318  1.231   1.00 15.40 ? 87  GLN A O   1 
ATOM   402  C CB  . GLN A 1 51  ? 1.666   11.507  1.091   1.00 15.55 ? 87  GLN A CB  1 
ATOM   403  C CG  . GLN A 1 51  ? 2.981   12.301  0.889   1.00 16.27 ? 87  GLN A CG  1 
ATOM   404  C CD  . GLN A 1 51  ? 2.709   13.739  0.435   1.00 18.23 ? 87  GLN A CD  1 
ATOM   405  O OE1 . GLN A 1 51  ? 1.930   13.950  -0.487  1.00 21.75 ? 87  GLN A OE1 1 
ATOM   406  N NE2 . GLN A 1 51  ? 3.328   14.718  1.088   1.00 18.13 ? 87  GLN A NE2 1 
ATOM   407  N N   . TYR A 1 52  ? -1.059  10.728  2.767   1.00 15.21 ? 88  TYR A N   1 
ATOM   408  C CA  . TYR A 1 52  ? -2.424  10.187  2.743   1.00 16.05 ? 88  TYR A CA  1 
ATOM   409  C C   . TYR A 1 52  ? -3.474  11.209  3.205   1.00 16.82 ? 88  TYR A C   1 
ATOM   410  O O   . TYR A 1 52  ? -4.611  11.176  2.743   1.00 15.70 ? 88  TYR A O   1 
ATOM   411  C CB  . TYR A 1 52  ? -2.502  8.941   3.620   1.00 15.15 ? 88  TYR A CB  1 
ATOM   412  C CG  . TYR A 1 52  ? -3.779  8.147   3.527   1.00 13.53 ? 88  TYR A CG  1 
ATOM   413  C CD1 . TYR A 1 52  ? -4.197  7.568   2.323   1.00 12.85 ? 88  TYR A CD1 1 
ATOM   414  C CD2 . TYR A 1 52  ? -4.549  7.924   4.669   1.00 14.77 ? 88  TYR A CD2 1 
ATOM   415  C CE1 . TYR A 1 52  ? -5.372  6.785   2.267   1.00 14.21 ? 88  TYR A CE1 1 
ATOM   416  C CE2 . TYR A 1 52  ? -5.705  7.152   4.621   1.00 14.74 ? 88  TYR A CE2 1 
ATOM   417  C CZ  . TYR A 1 52  ? -6.110  6.589   3.433   1.00 13.37 ? 88  TYR A CZ  1 
ATOM   418  O OH  . TYR A 1 52  ? -7.272  5.839   3.440   1.00 15.51 ? 88  TYR A OH  1 
ATOM   419  N N   . LYS A 1 53  ? -3.091  12.080  4.135   1.00 17.76 ? 89  LYS A N   1 
ATOM   420  C CA  . LYS A 1 53  ? -3.922  13.219  4.586   1.00 19.40 ? 89  LYS A CA  1 
ATOM   421  C C   . LYS A 1 53  ? -4.374  14.134  3.432   1.00 19.68 ? 89  LYS A C   1 
ATOM   422  O O   . LYS A 1 53  ? -5.428  14.778  3.495   1.00 20.42 ? 89  LYS A O   1 
ATOM   423  C CB  . LYS A 1 53  ? -3.150  14.051  5.614   1.00 19.56 ? 89  LYS A CB  1 
ATOM   424  C CG  . LYS A 1 53  ? -2.957  13.358  6.958   1.00 19.78 ? 89  LYS A CG  1 
ATOM   425  C CD  . LYS A 1 53  ? -2.262  14.282  7.969   1.00 21.40 ? 89  LYS A CD  1 
ATOM   426  C CE  . LYS A 1 53  ? -1.584  13.466  9.067   1.00 24.48 ? 89  LYS A CE  1 
ATOM   427  N NZ  . LYS A 1 53  ? -1.287  14.265  10.305  1.00 27.58 ? 89  LYS A NZ  1 
ATOM   428  N N   . HIS A 1 54  ? -3.549  14.217  2.401   1.00 19.32 ? 90  HIS A N   1 
ATOM   429  C CA  . HIS A 1 54  ? -3.873  14.970  1.213   1.00 19.90 ? 90  HIS A CA  1 
ATOM   430  C C   . HIS A 1 54  ? -4.586  14.116  0.152   1.00 19.09 ? 90  HIS A C   1 
ATOM   431  O O   . HIS A 1 54  ? -5.595  14.529  -0.414  1.00 19.56 ? 90  HIS A O   1 
ATOM   432  C CB  . HIS A 1 54  ? -2.597  15.570  0.628   1.00 20.81 ? 90  HIS A CB  1 
ATOM   433  C CG  . HIS A 1 54  ? -2.811  16.231  -0.693  1.00 24.99 ? 90  HIS A CG  1 
ATOM   434  N ND1 . HIS A 1 54  ? -3.330  17.503  -0.811  1.00 29.79 ? 90  HIS A ND1 1 
ATOM   435  C CD2 . HIS A 1 54  ? -2.611  15.785  -1.957  1.00 28.61 ? 90  HIS A CD2 1 
ATOM   436  C CE1 . HIS A 1 54  ? -3.432  17.817  -2.091  1.00 31.16 ? 90  HIS A CE1 1 
ATOM   437  N NE2 . HIS A 1 54  ? -2.998  16.792  -2.807  1.00 31.56 ? 90  HIS A NE2 1 
ATOM   438  N N   . PHE A 1 55  ? -4.085  12.907  -0.085  1.00 16.51 ? 91  PHE A N   1 
ATOM   439  C CA  . PHE A 1 55  ? -4.552  12.118  -1.218  1.00 16.31 ? 91  PHE A CA  1 
ATOM   440  C C   . PHE A 1 55  ? -5.801  11.263  -1.016  1.00 15.63 ? 91  PHE A C   1 
ATOM   441  O O   . PHE A 1 55  ? -6.422  10.868  -1.995  1.00 15.95 ? 91  PHE A O   1 
ATOM   442  C CB  . PHE A 1 55  ? -3.415  11.271  -1.767  1.00 16.18 ? 91  PHE A CB  1 
ATOM   443  C CG  . PHE A 1 55  ? -2.439  12.043  -2.588  1.00 15.19 ? 91  PHE A CG  1 
ATOM   444  C CD1 . PHE A 1 55  ? -2.720  12.367  -3.912  1.00 16.23 ? 91  PHE A CD1 1 
ATOM   445  C CD2 . PHE A 1 55  ? -1.232  12.467  -2.033  1.00 16.44 ? 91  PHE A CD2 1 
ATOM   446  C CE1 . PHE A 1 55  ? -1.794  13.089  -4.682  1.00 17.28 ? 91  PHE A CE1 1 
ATOM   447  C CE2 . PHE A 1 55  ? -0.305  13.177  -2.787  1.00 14.86 ? 91  PHE A CE2 1 
ATOM   448  C CZ  . PHE A 1 55  ? -0.584  13.482  -4.119  1.00 16.86 ? 91  PHE A CZ  1 
ATOM   449  N N   . LYS A 1 56  ? -6.173  10.994  0.234   1.00 15.17 ? 92  LYS A N   1 
ATOM   450  C CA  . LYS A 1 56  ? -7.388  10.251  0.515   1.00 16.29 ? 92  LYS A CA  1 
ATOM   451  C C   . LYS A 1 56  ? -8.590  10.946  -0.164  1.00 16.49 ? 92  LYS A C   1 
ATOM   452  O O   . LYS A 1 56  ? -9.466  10.295  -0.770  1.00 15.88 ? 92  LYS A O   1 
ATOM   453  C CB  . LYS A 1 56  ? -7.606  10.146  2.021   1.00 16.35 ? 92  LYS A CB  1 
ATOM   454  C CG  . LYS A 1 56  ? -8.753  9.234   2.431   1.00 19.75 ? 92  LYS A CG  1 
ATOM   455  C CD  . LYS A 1 56  ? -8.726  9.021   3.934   1.00 25.33 ? 92  LYS A CD  1 
ATOM   456  C CE  . LYS A 1 56  ? -10.090 8.624   4.490   1.00 29.76 ? 92  LYS A CE  1 
ATOM   457  N NZ  . LYS A 1 56  ? -10.667 7.422   3.813   1.00 30.88 ? 92  LYS A NZ  1 
ATOM   458  N N   . SER A 1 57  ? -8.605  12.269  -0.078  1.00 16.04 ? 93  SER A N   1 
ATOM   459  C CA  . SER A 1 57  ? -9.687  13.056  -0.634  1.00 16.66 ? 93  SER A CA  1 
ATOM   460  C C   . SER A 1 57  ? -9.482  13.404  -2.114  1.00 16.65 ? 93  SER A C   1 
ATOM   461  O O   . SER A 1 57  ? -10.249 14.205  -2.680  1.00 17.34 ? 93  SER A O   1 
ATOM   462  C CB  . SER A 1 57  ? -9.874  14.304  0.223   1.00 17.08 ? 93  SER A CB  1 
ATOM   463  O OG  . SER A 1 57  ? -8.820  15.193  -0.059  1.00 18.78 ? 93  SER A OG  1 
ATOM   464  N N   . GLN A 1 58  ? -8.466  12.793  -2.744  1.00 15.60 ? 94  GLN A N   1 
ATOM   465  C CA  . GLN A 1 58  ? -8.265  12.854  -4.182  1.00 15.74 ? 94  GLN A CA  1 
ATOM   466  C C   . GLN A 1 58  ? -8.479  11.489  -4.840  1.00 14.60 ? 94  GLN A C   1 
ATOM   467  O O   . GLN A 1 58  ? -8.127  11.302  -6.012  1.00 14.77 ? 94  GLN A O   1 
ATOM   468  C CB  . GLN A 1 58  ? -6.845  13.291  -4.510  1.00 16.44 ? 94  GLN A CB  1 
ATOM   469  C CG  . GLN A 1 58  ? -6.402  14.542  -3.839  1.00 21.23 ? 94  GLN A CG  1 
ATOM   470  C CD  . GLN A 1 58  ? -6.485  15.678  -4.779  1.00 27.68 ? 94  GLN A CD  1 
ATOM   471  O OE1 . GLN A 1 58  ? -5.627  15.827  -5.674  1.00 31.61 ? 94  GLN A OE1 1 
ATOM   472  N NE2 . GLN A 1 58  ? -7.536  16.480  -4.637  1.00 27.96 ? 94  GLN A NE2 1 
ATOM   473  N N   . GLY A 1 59  ? -9.034  10.532  -4.093  1.00 13.67 ? 95  GLY A N   1 
ATOM   474  C CA  . GLY A 1 59  ? -9.331  9.230   -4.659  1.00 13.18 ? 95  GLY A CA  1 
ATOM   475  C C   . GLY A 1 59  ? -8.150  8.276   -4.772  1.00 12.74 ? 95  GLY A C   1 
ATOM   476  O O   . GLY A 1 59  ? -8.111  7.447   -5.666  1.00 13.52 ? 95  GLY A O   1 
ATOM   477  N N   . VAL A 1 60  ? -7.181  8.411   -3.873  1.00 13.46 ? 96  VAL A N   1 
ATOM   478  C CA  . VAL A 1 60  ? -6.082  7.457   -3.764  1.00 13.53 ? 96  VAL A CA  1 
ATOM   479  C C   . VAL A 1 60  ? -6.266  6.698   -2.470  1.00 13.12 ? 96  VAL A C   1 
ATOM   480  O O   . VAL A 1 60  ? -6.521  7.294   -1.427  1.00 14.06 ? 96  VAL A O   1 
ATOM   481  C CB  . VAL A 1 60  ? -4.670  8.141   -3.821  1.00 13.34 ? 96  VAL A CB  1 
ATOM   482  C CG1 . VAL A 1 60  ? -3.552  7.152   -3.448  1.00 14.86 ? 96  VAL A CG1 1 
ATOM   483  C CG2 . VAL A 1 60  ? -4.419  8.711   -5.198  1.00 14.80 ? 96  VAL A CG2 1 
ATOM   484  N N   . GLU A 1 61  ? -6.190  5.373   -2.556  1.00 12.24 ? 97  GLU A N   1 
ATOM   485  C CA  . GLU A 1 61  ? -6.199  4.554   -1.364  1.00 12.45 ? 97  GLU A CA  1 
ATOM   486  C C   . GLU A 1 61  ? -4.821  3.892   -1.149  1.00 12.21 ? 97  GLU A C   1 
ATOM   487  O O   . GLU A 1 61  ? -4.117  3.564   -2.102  1.00 12.92 ? 97  GLU A O   1 
ATOM   488  C CB  . GLU A 1 61  ? -7.330  3.516   -1.452  1.00 12.92 ? 97  GLU A CB  1 
ATOM   489  C CG  . GLU A 1 61  ? -7.495  2.652   -0.191  1.00 15.07 ? 97  GLU A CG  1 
ATOM   490  C CD  . GLU A 1 61  ? -7.801  3.478   1.050   1.00 18.39 ? 97  GLU A CD  1 
ATOM   491  O OE1 . GLU A 1 61  ? -6.859  4.067   1.640   1.00 17.13 ? 97  GLU A OE1 1 
ATOM   492  O OE2 . GLU A 1 61  ? -8.987  3.515   1.452   1.00 19.56 ? 97  GLU A OE2 1 
ATOM   493  N N   . ILE A 1 62  ? -4.427  3.732   0.104   1.00 11.68 ? 98  ILE A N   1 
ATOM   494  C CA  . ILE A 1 62  ? -3.225  2.972   0.396   1.00 11.46 ? 98  ILE A CA  1 
ATOM   495  C C   . ILE A 1 62  ? -3.685  1.617   0.908   1.00 11.19 ? 98  ILE A C   1 
ATOM   496  O O   . ILE A 1 62  ? -4.626  1.538   1.672   1.00 11.12 ? 98  ILE A O   1 
ATOM   497  C CB  . ILE A 1 62  ? -2.331  3.658   1.459   1.00 11.39 ? 98  ILE A CB  1 
ATOM   498  C CG1 . ILE A 1 62  ? -1.737  4.959   0.895   1.00 12.07 ? 98  ILE A CG1 1 
ATOM   499  C CG2 . ILE A 1 62  ? -1.195  2.666   1.918   1.00 10.69 ? 98  ILE A CG2 1 
ATOM   500  C CD1 . ILE A 1 62  ? -1.078  5.829   1.944   1.00 15.18 ? 98  ILE A CD1 1 
ATOM   501  N N   . VAL A 1 63  ? -3.053  0.550   0.449   1.00 10.46 ? 99  VAL A N   1 
ATOM   502  C CA  . VAL A 1 63  ? -3.248  -0.751  1.071   1.00 10.29 ? 99  VAL A CA  1 
ATOM   503  C C   . VAL A 1 63  ? -1.843  -1.263  1.382   1.00 10.47 ? 99  VAL A C   1 
ATOM   504  O O   . VAL A 1 63  ? -1.091  -1.621  0.473   1.00 9.67  ? 99  VAL A O   1 
ATOM   505  C CB  . VAL A 1 63  ? -4.001  -1.744  0.151   1.00 10.78 ? 99  VAL A CB  1 
ATOM   506  C CG1 . VAL A 1 63  ? -4.157  -3.085  0.838   1.00 11.06 ? 99  VAL A CG1 1 
ATOM   507  C CG2 . VAL A 1 63  ? -5.397  -1.210  -0.207  1.00 12.02 ? 99  VAL A CG2 1 
ATOM   508  N N   . ALA A 1 64  ? -1.494  -1.260  2.661   1.00 9.59  ? 100 ALA A N   1 
ATOM   509  C CA  . ALA A 1 64  ? -0.170  -1.678  3.090   1.00 9.27  ? 100 ALA A CA  1 
ATOM   510  C C   . ALA A 1 64  ? -0.270  -3.139  3.553   1.00 9.25  ? 100 ALA A C   1 
ATOM   511  O O   . ALA A 1 64  ? -0.790  -3.444  4.646   1.00 8.72  ? 100 ALA A O   1 
ATOM   512  C CB  . ALA A 1 64  ? 0.315   -0.758  4.219   1.00 9.19  ? 100 ALA A CB  1 
ATOM   513  N N   . VAL A 1 65  ? 0.220   -4.036  2.703   1.00 9.67  ? 101 VAL A N   1 
ATOM   514  C CA  . VAL A 1 65  ? 0.145   -5.488  2.963   1.00 9.55  ? 101 VAL A CA  1 
ATOM   515  C C   . VAL A 1 65  ? 1.332   -5.934  3.810   1.00 10.05 ? 101 VAL A C   1 
ATOM   516  O O   . VAL A 1 65  ? 2.484   -5.936  3.372   1.00 10.09 ? 101 VAL A O   1 
ATOM   517  C CB  . VAL A 1 65  ? 0.081   -6.307  1.670   1.00 9.49  ? 101 VAL A CB  1 
ATOM   518  C CG1 . VAL A 1 65  ? -0.158  -7.784  1.988   1.00 9.67  ? 101 VAL A CG1 1 
ATOM   519  C CG2 . VAL A 1 65  ? -1.032  -5.753  0.742   1.00 7.67  ? 101 VAL A CG2 1 
ATOM   520  N N   . ASN A 1 66  ? 1.042   -6.286  5.050   1.00 10.59 ? 102 ASN A N   1 
ATOM   521  C CA  . ASN A 1 66  ? 2.083   -6.806  5.924   1.00 10.17 ? 102 ASN A CA  1 
ATOM   522  C C   . ASN A 1 66  ? 2.318   -8.268  5.601   1.00 10.97 ? 102 ASN A C   1 
ATOM   523  O O   . ASN A 1 66  ? 1.372   -9.045  5.407   1.00 10.41 ? 102 ASN A O   1 
ATOM   524  C CB  . ASN A 1 66  ? 1.722   -6.618  7.405   1.00 10.64 ? 102 ASN A CB  1 
ATOM   525  C CG  . ASN A 1 66  ? 2.739   -7.240  8.322   1.00 10.01 ? 102 ASN A CG  1 
ATOM   526  O OD1 . ASN A 1 66  ? 2.579   -8.379  8.745   1.00 9.53  ? 102 ASN A OD1 1 
ATOM   527  N ND2 . ASN A 1 66  ? 3.829   -6.530  8.570   1.00 8.72  ? 102 ASN A ND2 1 
ATOM   528  N N   . VAL A 1 67  ? 3.591   -8.640  5.550   1.00 11.70 ? 103 VAL A N   1 
ATOM   529  C CA  . VAL A 1 67  ? 3.987   -9.997  5.139   1.00 12.88 ? 103 VAL A CA  1 
ATOM   530  C C   . VAL A 1 67  ? 3.904   -11.083 6.236   1.00 13.78 ? 103 VAL A C   1 
ATOM   531  O O   . VAL A 1 67  ? 4.869   -11.809 6.490   1.00 15.22 ? 103 VAL A O   1 
ATOM   532  C CB  . VAL A 1 67  ? 5.359   -9.985  4.459   1.00 12.10 ? 103 VAL A CB  1 
ATOM   533  C CG1 . VAL A 1 67  ? 5.291   -9.090  3.226   1.00 13.47 ? 103 VAL A CG1 1 
ATOM   534  C CG2 . VAL A 1 67  ? 6.467   -9.507  5.454   1.00 14.58 ? 103 VAL A CG2 1 
ATOM   535  N N   . GLY A 1 68  ? 2.741   -11.206 6.867   1.00 14.44 ? 104 GLY A N   1 
ATOM   536  C CA  . GLY A 1 68  ? 2.454   -12.378 7.702   1.00 14.83 ? 104 GLY A CA  1 
ATOM   537  C C   . GLY A 1 68  ? 2.965   -12.300 9.125   1.00 14.81 ? 104 GLY A C   1 
ATOM   538  O O   . GLY A 1 68  ? 3.053   -13.311 9.807   1.00 14.72 ? 104 GLY A O   1 
ATOM   539  N N   . GLU A 1 69  ? 3.280   -11.097 9.589   1.00 14.07 ? 105 GLU A N   1 
ATOM   540  C CA  . GLU A 1 69  ? 3.618   -10.910 10.990  1.00 14.26 ? 105 GLU A CA  1 
ATOM   541  C C   . GLU A 1 69  ? 2.384   -10.926 11.895  1.00 14.87 ? 105 GLU A C   1 
ATOM   542  O O   . GLU A 1 69  ? 1.245   -10.815 11.425  1.00 15.13 ? 105 GLU A O   1 
ATOM   543  C CB  . GLU A 1 69  ? 4.428   -9.632  11.173  1.00 13.45 ? 105 GLU A CB  1 
ATOM   544  C CG  . GLU A 1 69  ? 5.787   -9.676  10.472  1.00 12.16 ? 105 GLU A CG  1 
ATOM   545  C CD  . GLU A 1 69  ? 6.522   -8.387  10.639  1.00 13.77 ? 105 GLU A CD  1 
ATOM   546  O OE1 . GLU A 1 69  ? 7.265   -8.211  11.641  1.00 12.75 ? 105 GLU A OE1 1 
ATOM   547  O OE2 . GLU A 1 69  ? 6.296   -7.512  9.787   1.00 14.32 ? 105 GLU A OE2 1 
ATOM   548  N N   . SER A 1 70  ? 2.610   -11.038 13.199  1.00 14.97 ? 106 SER A N   1 
ATOM   549  C CA  . SER A 1 70  ? 1.507   -11.122 14.167  1.00 15.36 ? 106 SER A CA  1 
ATOM   550  C C   . SER A 1 70  ? 0.732   -9.820  14.305  1.00 15.65 ? 106 SER A C   1 
ATOM   551  O O   . SER A 1 70  ? 1.251   -8.744  14.018  1.00 14.62 ? 106 SER A O   1 
ATOM   552  C CB  . SER A 1 70  ? 2.014   -11.568 15.541  1.00 14.49 ? 106 SER A CB  1 
ATOM   553  O OG  . SER A 1 70  ? 2.775   -10.561 16.159  1.00 15.73 ? 106 SER A OG  1 
ATOM   554  N N   . LYS A 1 71  ? -0.525  -9.934  14.751  1.00 16.47 ? 107 LYS A N   1 
ATOM   555  C CA  . LYS A 1 71  ? -1.348  -8.762  15.038  1.00 17.88 ? 107 LYS A CA  1 
ATOM   556  C C   . LYS A 1 71  ? -0.656  -7.807  15.986  1.00 17.38 ? 107 LYS A C   1 
ATOM   557  O O   . LYS A 1 71  ? -0.592  -6.611  15.703  1.00 17.54 ? 107 LYS A O   1 
ATOM   558  C CB  . LYS A 1 71  ? -2.728  -9.159  15.562  1.00 17.10 ? 107 LYS A CB  1 
ATOM   559  C CG  . LYS A 1 71  ? -3.637  -9.675  14.452  1.00 19.96 ? 107 LYS A CG  1 
ATOM   560  C CD  . LYS A 1 71  ? -5.069  -9.937  14.970  1.00 21.61 ? 107 LYS A CD  1 
ATOM   561  C CE  . LYS A 1 71  ? -5.898  -10.707 13.938  1.00 27.03 ? 107 LYS A CE  1 
ATOM   562  N NZ  . LYS A 1 71  ? -7.234  -11.112 14.521  1.00 29.57 ? 107 LYS A NZ  1 
ATOM   563  N N   . ILE A 1 72  ? -0.077  -8.329  17.077  1.00 17.28 ? 108 ILE A N   1 
ATOM   564  C CA  . ILE A 1 72  ? 0.637   -7.463  18.034  1.00 17.23 ? 108 ILE A CA  1 
ATOM   565  C C   . ILE A 1 72  ? 1.858   -6.728  17.437  1.00 16.11 ? 108 ILE A C   1 
ATOM   566  O O   . ILE A 1 72  ? 2.050   -5.545  17.686  1.00 15.77 ? 108 ILE A O   1 
ATOM   567  C CB  . ILE A 1 72  ? 1.023   -8.185  19.371  1.00 18.07 ? 108 ILE A CB  1 
ATOM   568  C CG1 . ILE A 1 72  ? 1.491   -7.182  20.446  1.00 21.33 ? 108 ILE A CG1 1 
ATOM   569  C CG2 . ILE A 1 72  ? 2.114   -9.241  19.156  1.00 18.64 ? 108 ILE A CG2 1 
ATOM   570  C CD1 . ILE A 1 72  ? 0.589   -5.958  20.631  1.00 24.77 ? 108 ILE A CD1 1 
ATOM   571  N N   . ALA A 1 73  ? 2.682   -7.432  16.668  1.00 15.39 ? 109 ALA A N   1 
ATOM   572  C CA  . ALA A 1 73  ? 3.843   -6.789  16.044  1.00 14.39 ? 109 ALA A CA  1 
ATOM   573  C C   . ALA A 1 73  ? 3.370   -5.689  15.075  1.00 14.10 ? 109 ALA A C   1 
ATOM   574  O O   . ALA A 1 73  ? 3.961   -4.602  15.008  1.00 14.66 ? 109 ALA A O   1 
ATOM   575  C CB  . ALA A 1 73  ? 4.702   -7.811  15.333  1.00 13.58 ? 109 ALA A CB  1 
ATOM   576  N N   . VAL A 1 74  ? 2.292   -5.958  14.350  1.00 13.93 ? 110 VAL A N   1 
ATOM   577  C CA  . VAL A 1 74  ? 1.770   -4.972  13.410  1.00 13.40 ? 110 VAL A CA  1 
ATOM   578  C C   . VAL A 1 74  ? 1.193   -3.748  14.136  1.00 15.29 ? 110 VAL A C   1 
ATOM   579  O O   . VAL A 1 74  ? 1.459   -2.602  13.771  1.00 14.56 ? 110 VAL A O   1 
ATOM   580  C CB  . VAL A 1 74  ? 0.750   -5.604  12.465  1.00 13.66 ? 110 VAL A CB  1 
ATOM   581  C CG1 . VAL A 1 74  ? 0.126   -4.512  11.557  1.00 12.19 ? 110 VAL A CG1 1 
ATOM   582  C CG2 . VAL A 1 74  ? 1.427   -6.673  11.607  1.00 12.08 ? 110 VAL A CG2 1 
ATOM   583  N N   . HIS A 1 75  ? 0.401   -4.014  15.164  1.00 16.63 ? 111 HIS A N   1 
ATOM   584  C CA  . HIS A 1 75  ? -0.179  -2.959  15.983  1.00 18.77 ? 111 HIS A CA  1 
ATOM   585  C C   . HIS A 1 75  ? 0.893   -2.074  16.585  1.00 18.46 ? 111 HIS A C   1 
ATOM   586  O O   . HIS A 1 75  ? 0.784   -0.834  16.541  1.00 18.59 ? 111 HIS A O   1 
ATOM   587  C CB  . HIS A 1 75  ? -1.057  -3.566  17.076  1.00 20.35 ? 111 HIS A CB  1 
ATOM   588  C CG  . HIS A 1 75  ? -1.584  -2.558  18.049  1.00 25.61 ? 111 HIS A CG  1 
ATOM   589  N ND1 . HIS A 1 75  ? -0.950  -2.275  19.240  1.00 30.50 ? 111 HIS A ND1 1 
ATOM   590  C CD2 . HIS A 1 75  ? -2.665  -1.745  17.992  1.00 28.38 ? 111 HIS A CD2 1 
ATOM   591  C CE1 . HIS A 1 75  ? -1.629  -1.341  19.884  1.00 32.14 ? 111 HIS A CE1 1 
ATOM   592  N NE2 . HIS A 1 75  ? -2.675  -1.003  19.149  1.00 31.60 ? 111 HIS A NE2 1 
ATOM   593  N N   . ASN A 1 76  ? 1.933   -2.694  17.148  1.00 18.48 ? 112 ASN A N   1 
ATOM   594  C CA  . ASN A 1 76  ? 3.019   -1.931  17.743  1.00 18.42 ? 112 ASN A CA  1 
ATOM   595  C C   . ASN A 1 76  ? 3.707   -1.013  16.717  1.00 17.62 ? 112 ASN A C   1 
ATOM   596  O O   . ASN A 1 76  ? 3.992   0.136   17.014  1.00 18.35 ? 112 ASN A O   1 
ATOM   597  C CB  . ASN A 1 76  ? 4.038   -2.850  18.432  1.00 18.81 ? 112 ASN A CB  1 
ATOM   598  C CG  . ASN A 1 76  ? 3.534   -3.400  19.784  1.00 22.09 ? 112 ASN A CG  1 
ATOM   599  O OD1 . ASN A 1 76  ? 4.161   -4.282  20.380  1.00 26.18 ? 112 ASN A OD1 1 
ATOM   600  N ND2 . ASN A 1 76  ? 2.422   -2.872  20.266  1.00 21.44 ? 112 ASN A ND2 1 
ATOM   601  N N   . PHE A 1 77  ? 3.971   -1.532  15.522  1.00 16.68 ? 113 PHE A N   1 
ATOM   602  C CA  . PHE A 1 77  ? 4.557   -0.731  14.438  1.00 15.78 ? 113 PHE A CA  1 
ATOM   603  C C   . PHE A 1 77  ? 3.634   0.426   14.028  1.00 15.72 ? 113 PHE A C   1 
ATOM   604  O O   . PHE A 1 77  ? 4.077   1.573   13.872  1.00 15.44 ? 113 PHE A O   1 
ATOM   605  C CB  . PHE A 1 77  ? 4.860   -1.626  13.236  1.00 15.23 ? 113 PHE A CB  1 
ATOM   606  C CG  . PHE A 1 77  ? 5.625   -0.932  12.143  1.00 14.64 ? 113 PHE A CG  1 
ATOM   607  C CD1 . PHE A 1 77  ? 4.968   -0.154  11.184  1.00 14.20 ? 113 PHE A CD1 1 
ATOM   608  C CD2 . PHE A 1 77  ? 7.000   -1.054  12.077  1.00 14.87 ? 113 PHE A CD2 1 
ATOM   609  C CE1 . PHE A 1 77  ? 5.691   0.481   10.170  1.00 14.91 ? 113 PHE A CE1 1 
ATOM   610  C CE2 . PHE A 1 77  ? 7.738   -0.433  11.070  1.00 15.73 ? 113 PHE A CE2 1 
ATOM   611  C CZ  . PHE A 1 77  ? 7.096   0.333   10.124  1.00 14.95 ? 113 PHE A CZ  1 
ATOM   612  N N   . MET A 1 78  ? 2.349   0.127   13.830  1.00 16.26 ? 114 MET A N   1 
ATOM   613  C CA  . MET A 1 78  ? 1.412   1.147   13.391  1.00 16.86 ? 114 MET A CA  1 
ATOM   614  C C   . MET A 1 78  ? 1.341   2.322   14.363  1.00 18.59 ? 114 MET A C   1 
ATOM   615  O O   . MET A 1 78  ? 1.303   3.488   13.934  1.00 17.93 ? 114 MET A O   1 
ATOM   616  C CB  . MET A 1 78  ? 0.024   0.561   13.155  1.00 16.59 ? 114 MET A CB  1 
ATOM   617  C CG  . MET A 1 78  ? -0.053  -0.322  11.927  1.00 16.26 ? 114 MET A CG  1 
ATOM   618  S SD  . MET A 1 78  ? -1.625  -1.194  11.836  1.00 16.85 ? 114 MET A SD  1 
ATOM   619  C CE  . MET A 1 78  ? -2.705  0.149   11.333  1.00 17.69 ? 114 MET A CE  1 
ATOM   620  N N   . LYS A 1 79  ? 1.335   2.015   15.660  1.00 19.95 ? 115 LYS A N   1 
ATOM   621  C CA  . LYS A 1 79  ? 1.330   3.060   16.692  1.00 22.73 ? 115 LYS A CA  1 
ATOM   622  C C   . LYS A 1 79  ? 2.647   3.847   16.746  1.00 22.13 ? 115 LYS A C   1 
ATOM   623  O O   . LYS A 1 79  ? 2.629   5.074   16.886  1.00 22.44 ? 115 LYS A O   1 
ATOM   624  C CB  . LYS A 1 79  ? 0.945   2.490   18.071  1.00 22.73 ? 115 LYS A CB  1 
ATOM   625  C CG  . LYS A 1 79  ? 0.727   3.589   19.143  1.00 25.08 ? 115 LYS A CG  1 
ATOM   626  C CD  . LYS A 1 79  ? 0.111   3.038   20.418  1.00 26.87 ? 115 LYS A CD  1 
ATOM   627  C CE  . LYS A 1 79  ? 0.739   3.682   21.654  1.00 31.35 ? 115 LYS A CE  1 
ATOM   628  N NZ  . LYS A 1 79  ? 0.145   3.082   22.889  1.00 34.90 ? 115 LYS A NZ  1 
ATOM   629  N N   . SER A 1 80  ? 3.785   3.157   16.629  1.00 22.33 ? 116 SER A N   1 
ATOM   630  C CA  . SER A 1 80  ? 5.084   3.838   16.668  1.00 21.81 ? 116 SER A CA  1 
ATOM   631  C C   . SER A 1 80  ? 5.281   4.790   15.500  1.00 21.52 ? 116 SER A C   1 
ATOM   632  O O   . SER A 1 80  ? 5.922   5.818   15.650  1.00 20.93 ? 116 SER A O   1 
ATOM   633  C CB  . SER A 1 80  ? 6.255   2.855   16.704  1.00 22.11 ? 116 SER A CB  1 
ATOM   634  O OG  . SER A 1 80  ? 6.258   2.089   17.899  1.00 22.43 ? 116 SER A OG  1 
ATOM   635  N N   . TYR A 1 81  ? 4.754   4.430   14.332  1.00 21.35 ? 117 TYR A N   1 
ATOM   636  C CA  . TYR A 1 81  ? 5.015   5.190   13.106  1.00 20.79 ? 117 TYR A CA  1 
ATOM   637  C C   . TYR A 1 81  ? 3.817   5.997   12.609  1.00 21.22 ? 117 TYR A C   1 
ATOM   638  O O   . TYR A 1 81  ? 3.828   6.485   11.480  1.00 21.86 ? 117 TYR A O   1 
ATOM   639  C CB  . TYR A 1 81  ? 5.614   4.270   12.017  1.00 20.92 ? 117 TYR A CB  1 
ATOM   640  C CG  . TYR A 1 81  ? 6.988   3.780   12.437  1.00 20.46 ? 117 TYR A CG  1 
ATOM   641  C CD1 . TYR A 1 81  ? 8.115   4.596   12.295  1.00 18.59 ? 117 TYR A CD1 1 
ATOM   642  C CD2 . TYR A 1 81  ? 7.144   2.548   13.062  1.00 21.30 ? 117 TYR A CD2 1 
ATOM   643  C CE1 . TYR A 1 81  ? 9.362   4.173   12.721  1.00 19.58 ? 117 TYR A CE1 1 
ATOM   644  C CE2 . TYR A 1 81  ? 8.393   2.103   13.499  1.00 21.24 ? 117 TYR A CE2 1 
ATOM   645  C CZ  . TYR A 1 81  ? 9.495   2.928   13.318  1.00 21.69 ? 117 TYR A CZ  1 
ATOM   646  O OH  . TYR A 1 81  ? 10.717  2.502   13.754  1.00 20.93 ? 117 TYR A OH  1 
ATOM   647  N N   . GLY A 1 82  ? 2.796   6.142   13.464  1.00 20.65 ? 118 GLY A N   1 
ATOM   648  C CA  . GLY A 1 82  ? 1.634   7.005   13.185  1.00 20.11 ? 118 GLY A CA  1 
ATOM   649  C C   . GLY A 1 82  ? 0.840   6.640   11.948  1.00 18.97 ? 118 GLY A C   1 
ATOM   650  O O   . GLY A 1 82  ? 0.401   7.510   11.198  1.00 18.55 ? 118 GLY A O   1 
ATOM   651  N N   . VAL A 1 83  ? 0.658   5.343   11.720  1.00 18.35 ? 119 VAL A N   1 
ATOM   652  C CA  . VAL A 1 83  ? -0.009  4.873   10.513  1.00 17.95 ? 119 VAL A CA  1 
ATOM   653  C C   . VAL A 1 83  ? -1.482  5.246   10.573  1.00 18.35 ? 119 VAL A C   1 
ATOM   654  O O   . VAL A 1 83  ? -2.166  4.946   11.563  1.00 18.79 ? 119 VAL A O   1 
ATOM   655  C CB  . VAL A 1 83  ? 0.164   3.351   10.338  1.00 17.98 ? 119 VAL A CB  1 
ATOM   656  C CG1 . VAL A 1 83  ? -0.729  2.827   9.198   1.00 16.57 ? 119 VAL A CG1 1 
ATOM   657  C CG2 . VAL A 1 83  ? 1.638   3.025   10.085  1.00 16.47 ? 119 VAL A CG2 1 
ATOM   658  N N   . ASN A 1 84  ? -1.959  5.901   9.517   1.00 17.78 ? 120 ASN A N   1 
ATOM   659  C CA  . ASN A 1 84  ? -3.350  6.382   9.441   1.00 17.07 ? 120 ASN A CA  1 
ATOM   660  C C   . ASN A 1 84  ? -4.105  5.824   8.232   1.00 16.29 ? 120 ASN A C   1 
ATOM   661  O O   . ASN A 1 84  ? -5.180  6.302   7.894   1.00 16.08 ? 120 ASN A O   1 
ATOM   662  C CB  . ASN A 1 84  ? -3.366  7.924   9.418   1.00 17.17 ? 120 ASN A CB  1 
ATOM   663  C CG  . ASN A 1 84  ? -2.694  8.505   8.166   1.00 17.60 ? 120 ASN A CG  1 
ATOM   664  O OD1 . ASN A 1 84  ? -2.157  7.766   7.339   1.00 17.26 ? 120 ASN A OD1 1 
ATOM   665  N ND2 . ASN A 1 84  ? -2.734  9.820   8.021   1.00 14.44 ? 120 ASN A ND2 1 
ATOM   666  N N   . PHE A 1 85  ? -3.512  4.828   7.571   1.00 15.00 ? 121 PHE A N   1 
ATOM   667  C CA  . PHE A 1 85  ? -4.026  4.248   6.332   1.00 14.21 ? 121 PHE A CA  1 
ATOM   668  C C   . PHE A 1 85  ? -4.262  2.732   6.532   1.00 14.53 ? 121 PHE A C   1 
ATOM   669  O O   . PHE A 1 85  ? -3.802  2.154   7.537   1.00 14.20 ? 121 PHE A O   1 
ATOM   670  C CB  . PHE A 1 85  ? -3.054  4.509   5.161   1.00 14.26 ? 121 PHE A CB  1 
ATOM   671  C CG  . PHE A 1 85  ? -1.609  4.174   5.476   1.00 15.60 ? 121 PHE A CG  1 
ATOM   672  C CD1 . PHE A 1 85  ? -1.163  2.857   5.457   1.00 14.64 ? 121 PHE A CD1 1 
ATOM   673  C CD2 . PHE A 1 85  ? -0.707  5.178   5.802   1.00 14.33 ? 121 PHE A CD2 1 
ATOM   674  C CE1 . PHE A 1 85  ? 0.172   2.550   5.753   1.00 14.91 ? 121 PHE A CE1 1 
ATOM   675  C CE2 . PHE A 1 85  ? 0.616   4.886   6.098   1.00 14.71 ? 121 PHE A CE2 1 
ATOM   676  C CZ  . PHE A 1 85  ? 1.064   3.576   6.074   1.00 15.07 ? 121 PHE A CZ  1 
ATOM   677  N N   . PRO A 1 86  ? -5.023  2.092   5.617   1.00 14.13 ? 122 PRO A N   1 
ATOM   678  C CA  . PRO A 1 86  ? -5.346  0.670   5.726   1.00 13.66 ? 122 PRO A CA  1 
ATOM   679  C C   . PRO A 1 86  ? -4.115  -0.229  5.703   1.00 13.64 ? 122 PRO A C   1 
ATOM   680  O O   . PRO A 1 86  ? -3.269  -0.137  4.794   1.00 13.94 ? 122 PRO A O   1 
ATOM   681  C CB  . PRO A 1 86  ? -6.209  0.393   4.479   1.00 14.09 ? 122 PRO A CB  1 
ATOM   682  C CG  . PRO A 1 86  ? -6.755  1.712   4.084   1.00 13.43 ? 122 PRO A CG  1 
ATOM   683  C CD  . PRO A 1 86  ? -5.713  2.726   4.476   1.00 14.48 ? 122 PRO A CD  1 
ATOM   684  N N   . VAL A 1 87  ? -4.034  -1.085  6.709   1.00 12.41 ? 123 VAL A N   1 
ATOM   685  C CA  . VAL A 1 87  ? -3.050  -2.140  6.776   1.00 11.56 ? 123 VAL A CA  1 
ATOM   686  C C   . VAL A 1 87  ? -3.795  -3.462  6.759   1.00 11.43 ? 123 VAL A C   1 
ATOM   687  O O   . VAL A 1 87  ? -4.720  -3.645  7.542   1.00 11.65 ? 123 VAL A O   1 
ATOM   688  C CB  . VAL A 1 87  ? -2.213  -2.005  8.068   1.00 11.65 ? 123 VAL A CB  1 
ATOM   689  C CG1 . VAL A 1 87  ? -1.293  -3.202  8.249   1.00 11.14 ? 123 VAL A CG1 1 
ATOM   690  C CG2 . VAL A 1 87  ? -1.394  -0.693  8.025   1.00 12.11 ? 123 VAL A CG2 1 
ATOM   691  N N   . VAL A 1 88  ? -3.399  -4.371  5.862   1.00 11.31 ? 124 VAL A N   1 
ATOM   692  C CA  . VAL A 1 88  ? -3.953  -5.722  5.817   1.00 11.96 ? 124 VAL A CA  1 
ATOM   693  C C   . VAL A 1 88  ? -2.900  -6.789  6.149   1.00 12.82 ? 124 VAL A C   1 
ATOM   694  O O   . VAL A 1 88  ? -1.704  -6.556  6.027   1.00 11.47 ? 124 VAL A O   1 
ATOM   695  C CB  . VAL A 1 88  ? -4.634  -6.043  4.444   1.00 10.89 ? 124 VAL A CB  1 
ATOM   696  C CG1 . VAL A 1 88  ? -5.897  -5.169  4.237   1.00 11.62 ? 124 VAL A CG1 1 
ATOM   697  C CG2 . VAL A 1 88  ? -3.657  -5.865  3.306   1.00 10.89 ? 124 VAL A CG2 1 
ATOM   698  N N   . LEU A 1 89  ? -3.371  -7.966  6.555   1.00 13.91 ? 125 LEU A N   1 
ATOM   699  C CA  . LEU A 1 89  ? -2.486  -9.025  7.043   1.00 15.48 ? 125 LEU A CA  1 
ATOM   700  C C   . LEU A 1 89  ? -2.448  -10.176 6.070   1.00 15.73 ? 125 LEU A C   1 
ATOM   701  O O   . LEU A 1 89  ? -3.435  -10.888 5.908   1.00 16.45 ? 125 LEU A O   1 
ATOM   702  C CB  . LEU A 1 89  ? -2.903  -9.482  8.454   1.00 16.12 ? 125 LEU A CB  1 
ATOM   703  C CG  . LEU A 1 89  ? -3.152  -8.313  9.422   1.00 17.54 ? 125 LEU A CG  1 
ATOM   704  C CD1 . LEU A 1 89  ? -4.046  -8.671  10.645  1.00 18.81 ? 125 LEU A CD1 1 
ATOM   705  C CD2 . LEU A 1 89  ? -1.818  -7.685  9.863   1.00 18.89 ? 125 LEU A CD2 1 
ATOM   706  N N   . ASP A 1 90  ? -1.312  -10.337 5.392   1.00 16.18 ? 126 ASP A N   1 
ATOM   707  C CA  . ASP A 1 90  ? -1.121  -11.413 4.424   1.00 18.07 ? 126 ASP A CA  1 
ATOM   708  C C   . ASP A 1 90  ? -0.662  -12.635 5.209   1.00 18.29 ? 126 ASP A C   1 
ATOM   709  O O   . ASP A 1 90  ? 0.507   -13.022 5.143   1.00 18.88 ? 126 ASP A O   1 
ATOM   710  C CB  . ASP A 1 90  ? -0.070  -10.991 3.390   1.00 18.35 ? 126 ASP A CB  1 
ATOM   711  C CG  . ASP A 1 90  ? -0.048  -11.876 2.140   1.00 20.53 ? 126 ASP A CG  1 
ATOM   712  O OD1 . ASP A 1 90  ? -0.943  -12.749 1.927   1.00 20.98 ? 126 ASP A OD1 1 
ATOM   713  O OD2 . ASP A 1 90  ? 0.891   -11.675 1.342   1.00 22.09 ? 126 ASP A OD2 1 
ATOM   714  N N   . THR A 1 91  ? -1.592  -13.215 5.967   1.00 18.84 ? 127 THR A N   1 
ATOM   715  C CA  . THR A 1 91  ? -1.268  -14.135 7.061   1.00 19.56 ? 127 THR A CA  1 
ATOM   716  C C   . THR A 1 91  ? -0.456  -15.351 6.602   1.00 18.98 ? 127 THR A C   1 
ATOM   717  O O   . THR A 1 91  ? 0.415   -15.840 7.330   1.00 19.09 ? 127 THR A O   1 
ATOM   718  C CB  . THR A 1 91  ? -2.551  -14.565 7.864   1.00 19.90 ? 127 THR A CB  1 
ATOM   719  O OG1 . THR A 1 91  ? -3.556  -15.035 6.960   1.00 23.38 ? 127 THR A OG1 1 
ATOM   720  C CG2 . THR A 1 91  ? -3.152  -13.391 8.635   1.00 22.10 ? 127 THR A CG2 1 
ATOM   721  N N   . ASP A 1 92  ? -0.743  -15.833 5.391   1.00 18.43 ? 128 ASP A N   1 
ATOM   722  C CA  . ASP A 1 92  ? -0.041  -16.994 4.817   1.00 17.91 ? 128 ASP A CA  1 
ATOM   723  C C   . ASP A 1 92  ? 0.855   -16.631 3.636   1.00 16.54 ? 128 ASP A C   1 
ATOM   724  O O   . ASP A 1 92  ? 1.363   -17.504 2.935   1.00 16.28 ? 128 ASP A O   1 
ATOM   725  C CB  . ASP A 1 92  ? -1.044  -18.074 4.412   1.00 17.98 ? 128 ASP A CB  1 
ATOM   726  C CG  . ASP A 1 92  ? -1.821  -18.616 5.599   1.00 19.30 ? 128 ASP A CG  1 
ATOM   727  O OD1 . ASP A 1 92  ? -1.191  -19.045 6.612   1.00 19.82 ? 128 ASP A OD1 1 
ATOM   728  O OD2 . ASP A 1 92  ? -3.067  -18.625 5.523   1.00 19.72 ? 128 ASP A OD2 1 
ATOM   729  N N   A ARG A 1 93  ? 1.068   -15.333 3.440   0.50 16.48 ? 129 ARG A N   1 
ATOM   730  N N   B ARG A 1 93  ? 1.009   -15.330 3.417   0.50 15.86 ? 129 ARG A N   1 
ATOM   731  C CA  A ARG A 1 93  ? 1.949   -14.818 2.389   0.50 16.59 ? 129 ARG A CA  1 
ATOM   732  C CA  B ARG A 1 93  ? 1.796   -14.772 2.315   0.50 15.27 ? 129 ARG A CA  1 
ATOM   733  C C   A ARG A 1 93  ? 1.438   -15.196 0.992   0.50 15.84 ? 129 ARG A C   1 
ATOM   734  C C   B ARG A 1 93  ? 1.330   -15.196 0.915   0.50 14.85 ? 129 ARG A C   1 
ATOM   735  O O   A ARG A 1 93  ? 2.190   -15.249 0.025   0.50 15.65 ? 129 ARG A O   1 
ATOM   736  O O   B ARG A 1 93  ? 2.106   -15.196 -0.039  0.50 14.39 ? 129 ARG A O   1 
ATOM   737  C CB  A ARG A 1 93  ? 3.406   -15.259 2.617   0.50 16.53 ? 129 ARG A CB  1 
ATOM   738  C CB  B ARG A 1 93  ? 3.296   -14.994 2.535   0.50 15.27 ? 129 ARG A CB  1 
ATOM   739  C CG  A ARG A 1 93  ? 3.931   -14.968 4.033   0.50 18.45 ? 129 ARG A CG  1 
ATOM   740  C CG  B ARG A 1 93  ? 3.890   -14.054 3.586   0.50 16.23 ? 129 ARG A CG  1 
ATOM   741  C CD  A ARG A 1 93  ? 5.403   -15.388 4.233   0.50 18.85 ? 129 ARG A CD  1 
ATOM   742  C CD  B ARG A 1 93  ? 5.235   -14.565 4.138   0.50 15.81 ? 129 ARG A CD  1 
ATOM   743  N NE  A ARG A 1 93  ? 6.346   -14.426 3.659   0.50 23.12 ? 129 ARG A NE  1 
ATOM   744  N NE  B ARG A 1 93  ? 5.101   -15.882 4.771   0.50 18.06 ? 129 ARG A NE  1 
ATOM   745  C CZ  A ARG A 1 93  ? 7.663   -14.410 3.879   0.50 24.43 ? 129 ARG A CZ  1 
ATOM   746  C CZ  B ARG A 1 93  ? 4.850   -16.075 6.060   0.50 17.25 ? 129 ARG A CZ  1 
ATOM   747  N NH1 A ARG A 1 93  ? 8.233   -15.301 4.679   0.50 24.88 ? 129 ARG A NH1 1 
ATOM   748  N NH1 B ARG A 1 93  ? 4.712   -15.045 6.876   0.50 16.61 ? 129 ARG A NH1 1 
ATOM   749  N NH2 A ARG A 1 93  ? 8.416   -13.480 3.305   0.50 24.73 ? 129 ARG A NH2 1 
ATOM   750  N NH2 B ARG A 1 93  ? 4.731   -17.303 6.536   0.50 19.31 ? 129 ARG A NH2 1 
ATOM   751  N N   A GLN A 1 94  ? 0.134   -15.431 0.886   0.50 15.45 ? 130 GLN A N   1 
ATOM   752  N N   B GLN A 1 94  ? 0.047   -15.517 0.772   0.50 14.55 ? 130 GLN A N   1 
ATOM   753  C CA  A GLN A 1 94  ? -0.459  -15.820 -0.386  0.50 15.08 ? 130 GLN A CA  1 
ATOM   754  C CA  B GLN A 1 94  ? -0.461  -15.874 -0.547  0.50 14.52 ? 130 GLN A CA  1 
ATOM   755  C C   A GLN A 1 94  ? -0.385  -14.694 -1.427  0.50 15.17 ? 130 GLN A C   1 
ATOM   756  C C   B GLN A 1 94  ? -0.426  -14.680 -1.505  0.50 14.79 ? 130 GLN A C   1 
ATOM   757  O O   A GLN A 1 94  ? -0.048  -14.920 -2.595  0.50 14.19 ? 130 GLN A O   1 
ATOM   758  O O   B GLN A 1 94  ? -0.129  -14.836 -2.694  0.50 13.82 ? 130 GLN A O   1 
ATOM   759  C CB  A GLN A 1 94  ? -1.915  -16.223 -0.164  0.50 15.40 ? 130 GLN A CB  1 
ATOM   760  C CB  B GLN A 1 94  ? -1.880  -16.452 -0.461  0.50 14.81 ? 130 GLN A CB  1 
ATOM   761  C CG  A GLN A 1 94  ? -2.542  -16.905 -1.347  0.50 15.57 ? 130 GLN A CG  1 
ATOM   762  C CG  B GLN A 1 94  ? -1.958  -17.760 0.316   0.50 14.75 ? 130 GLN A CG  1 
ATOM   763  C CD  A GLN A 1 94  ? -3.941  -17.411 -1.064  0.50 15.87 ? 130 GLN A CD  1 
ATOM   764  C CD  B GLN A 1 94  ? -3.035  -18.701 -0.199  0.50 15.74 ? 130 GLN A CD  1 
ATOM   765  O OE1 A GLN A 1 94  ? -4.642  -16.909 -0.181  0.50 15.81 ? 130 GLN A OE1 1 
ATOM   766  O OE1 B GLN A 1 94  ? -4.128  -18.278 -0.554  0.50 16.83 ? 130 GLN A OE1 1 
ATOM   767  N NE2 A GLN A 1 94  ? -4.353  -18.419 -1.809  0.50 16.59 ? 130 GLN A NE2 1 
ATOM   768  N NE2 B GLN A 1 94  ? -2.724  -19.995 -0.226  0.50 15.91 ? 130 GLN A NE2 1 
ATOM   769  N N   . VAL A 1 95  ? -0.730  -13.488 -0.986  1.00 14.63 ? 131 VAL A N   1 
ATOM   770  C CA  . VAL A 1 95  ? -0.717  -12.278 -1.835  1.00 15.37 ? 131 VAL A CA  1 
ATOM   771  C C   . VAL A 1 95  ? 0.719   -11.874 -2.202  1.00 15.64 ? 131 VAL A C   1 
ATOM   772  O O   . VAL A 1 95  ? 0.993   -11.499 -3.332  1.00 15.62 ? 131 VAL A O   1 
ATOM   773  C CB  . VAL A 1 95  ? -1.486  -11.149 -1.163  1.00 14.63 ? 131 VAL A CB  1 
ATOM   774  C CG1 . VAL A 1 95  ? -1.541  -9.921  -2.062  1.00 15.89 ? 131 VAL A CG1 1 
ATOM   775  C CG2 . VAL A 1 95  ? -2.911  -11.650 -0.838  1.00 14.66 ? 131 VAL A CG2 1 
ATOM   776  N N   . LEU A 1 96  ? 1.626   -11.981 -1.229  1.00 16.36 ? 132 LEU A N   1 
ATOM   777  C CA  . LEU A 1 96  ? 3.041   -11.744 -1.445  1.00 17.68 ? 132 LEU A CA  1 
ATOM   778  C C   . LEU A 1 96  ? 3.541   -12.630 -2.586  1.00 18.28 ? 132 LEU A C   1 
ATOM   779  O O   . LEU A 1 96  ? 4.201   -12.145 -3.525  1.00 18.34 ? 132 LEU A O   1 
ATOM   780  C CB  . LEU A 1 96  ? 3.824   -11.994 -0.151  1.00 18.32 ? 132 LEU A CB  1 
ATOM   781  C CG  . LEU A 1 96  ? 5.352   -11.957 -0.246  1.00 20.61 ? 132 LEU A CG  1 
ATOM   782  C CD1 . LEU A 1 96  ? 5.825   -10.520 -0.263  1.00 22.26 ? 132 LEU A CD1 1 
ATOM   783  C CD2 . LEU A 1 96  ? 5.953   -12.627 0.935   1.00 22.13 ? 132 LEU A CD2 1 
ATOM   784  N N   . ASP A 1 97  ? 3.180   -13.913 -2.538  1.00 19.05 ? 133 ASP A N   1 
ATOM   785  C CA  . ASP A 1 97  ? 3.522   -14.850 -3.608  1.00 20.10 ? 133 ASP A CA  1 
ATOM   786  C C   . ASP A 1 97  ? 2.863   -14.520 -4.957  1.00 19.71 ? 133 ASP A C   1 
ATOM   787  O O   . ASP A 1 97  ? 3.514   -14.642 -6.005  1.00 20.03 ? 133 ASP A O   1 
ATOM   788  C CB  . ASP A 1 97  ? 3.229   -16.291 -3.180  1.00 21.42 ? 133 ASP A CB  1 
ATOM   789  C CG  . ASP A 1 97  ? 4.049   -16.725 -1.962  1.00 24.51 ? 133 ASP A CG  1 
ATOM   790  O OD1 . ASP A 1 97  ? 5.029   -16.026 -1.580  1.00 28.93 ? 133 ASP A OD1 1 
ATOM   791  O OD2 . ASP A 1 97  ? 3.703   -17.759 -1.361  1.00 27.65 ? 133 ASP A OD2 1 
ATOM   792  N N   . ALA A 1 98  ? 1.615   -14.048 -4.942  1.00 18.91 ? 134 ALA A N   1 
ATOM   793  C CA  . ALA A 1 98  ? 0.904   -13.711 -6.193  1.00 18.51 ? 134 ALA A CA  1 
ATOM   794  C C   . ALA A 1 98  ? 1.515   -12.522 -6.916  1.00 18.81 ? 134 ALA A C   1 
ATOM   795  O O   . ALA A 1 98  ? 1.453   -12.425 -8.153  1.00 18.96 ? 134 ALA A O   1 
ATOM   796  C CB  . ALA A 1 98  ? -0.592  -13.473 -5.933  1.00 18.66 ? 134 ALA A CB  1 
ATOM   797  N N   . TYR A 1 99  ? 2.112   -11.613 -6.145  1.00 18.12 ? 135 TYR A N   1 
ATOM   798  C CA  . TYR A 1 99  ? 2.734   -10.419 -6.697  1.00 17.89 ? 135 TYR A CA  1 
ATOM   799  C C   . TYR A 1 99  ? 4.244   -10.608 -6.951  1.00 18.82 ? 135 TYR A C   1 
ATOM   800  O O   . TYR A 1 99  ? 4.932   -9.669  -7.368  1.00 18.60 ? 135 TYR A O   1 
ATOM   801  C CB  . TYR A 1 99  ? 2.465   -9.214  -5.776  1.00 16.56 ? 135 TYR A CB  1 
ATOM   802  C CG  . TYR A 1 99  ? 1.106   -8.582  -6.011  1.00 16.60 ? 135 TYR A CG  1 
ATOM   803  C CD1 . TYR A 1 99  ? -0.074  -9.208  -5.574  1.00 14.08 ? 135 TYR A CD1 1 
ATOM   804  C CD2 . TYR A 1 99  ? 0.998   -7.370  -6.679  1.00 16.16 ? 135 TYR A CD2 1 
ATOM   805  C CE1 . TYR A 1 99  ? -1.318  -8.624  -5.794  1.00 12.75 ? 135 TYR A CE1 1 
ATOM   806  C CE2 . TYR A 1 99  ? -0.253  -6.781  -6.913  1.00 15.43 ? 135 TYR A CE2 1 
ATOM   807  C CZ  . TYR A 1 99  ? -1.395  -7.419  -6.464  1.00 15.27 ? 135 TYR A CZ  1 
ATOM   808  O OH  . TYR A 1 99  ? -2.609  -6.836  -6.700  1.00 15.39 ? 135 TYR A OH  1 
ATOM   809  N N   . ASP A 1 100 ? 4.735   -11.814 -6.685  1.00 19.97 ? 136 ASP A N   1 
ATOM   810  C CA  . ASP A 1 100 ? 6.150   -12.180 -6.852  1.00 22.08 ? 136 ASP A CA  1 
ATOM   811  C C   . ASP A 1 100 ? 7.089   -11.145 -6.222  1.00 22.48 ? 136 ASP A C   1 
ATOM   812  O O   . ASP A 1 100 ? 8.044   -10.682 -6.854  1.00 22.93 ? 136 ASP A O   1 
ATOM   813  C CB  . ASP A 1 100 ? 6.477   -12.402 -8.339  1.00 22.76 ? 136 ASP A CB  1 
ATOM   814  C CG  . ASP A 1 100 ? 7.895   -12.953 -8.566  1.00 26.64 ? 136 ASP A CG  1 
ATOM   815  O OD1 . ASP A 1 100 ? 8.373   -13.788 -7.759  1.00 32.09 ? 136 ASP A OD1 1 
ATOM   816  O OD2 . ASP A 1 100 ? 8.539   -12.535 -9.555  1.00 30.36 ? 136 ASP A OD2 1 
ATOM   817  N N   . VAL A 1 101 ? 6.821   -10.796 -4.969  1.00 22.41 ? 137 VAL A N   1 
ATOM   818  C CA  . VAL A 1 101 ? 7.553   -9.732  -4.288  1.00 22.13 ? 137 VAL A CA  1 
ATOM   819  C C   . VAL A 1 101 ? 8.896   -10.276 -3.792  1.00 23.17 ? 137 VAL A C   1 
ATOM   820  O O   . VAL A 1 101 ? 8.915   -11.286 -3.102  1.00 23.53 ? 137 VAL A O   1 
ATOM   821  C CB  . VAL A 1 101 ? 6.737   -9.210  -3.089  1.00 22.05 ? 137 VAL A CB  1 
ATOM   822  C CG1 . VAL A 1 101 ? 7.553   -8.228  -2.218  1.00 20.33 ? 137 VAL A CG1 1 
ATOM   823  C CG2 . VAL A 1 101 ? 5.441   -8.564  -3.577  1.00 21.28 ? 137 VAL A CG2 1 
ATOM   824  N N   A SER A 1 102 ? 10.004  -9.612  -4.160  0.50 23.44 ? 138 SER A N   1 
ATOM   825  N N   B SER A 1 102 ? 9.991   -9.624  -4.177  0.50 23.20 ? 138 SER A N   1 
ATOM   826  C CA  A SER A 1 102 ? 11.345  -9.986  -3.658  0.50 24.10 ? 138 SER A CA  1 
ATOM   827  C CA  B SER A 1 102 ? 11.300  -9.873  -3.586  0.50 23.56 ? 138 SER A CA  1 
ATOM   828  C C   A SER A 1 102 ? 11.878  -9.112  -2.510  0.50 23.68 ? 138 SER A C   1 
ATOM   829  C C   B SER A 1 102 ? 12.194  -8.673  -3.885  0.50 23.49 ? 138 SER A C   1 
ATOM   830  O O   A SER A 1 102 ? 11.625  -9.459  -1.357  0.50 24.08 ? 138 SER A O   1 
ATOM   831  O O   B SER A 1 102 ? 12.476  -8.386  -5.056  0.50 23.79 ? 138 SER A O   1 
ATOM   832  C CB  A SER A 1 102 ? 12.379  -10.176 -4.783  0.50 24.20 ? 138 SER A CB  1 
ATOM   833  C CB  B SER A 1 102 ? 11.924  -11.181 -4.096  0.50 23.57 ? 138 SER A CB  1 
ATOM   834  O OG  A SER A 1 102 ? 13.613  -10.625 -4.220  0.50 25.46 ? 138 SER A OG  1 
ATOM   835  O OG  B SER A 1 102 ? 13.041  -11.533 -3.295  0.50 23.13 ? 138 SER A OG  1 
ATOM   836  N N   . PRO A 1 103 ? 12.605  -7.983  -2.796  1.00 23.69 ? 139 PRO A N   1 
ATOM   837  C CA  . PRO A 1 103 ? 12.982  -7.052  -1.702  1.00 23.30 ? 139 PRO A CA  1 
ATOM   838  C C   . PRO A 1 103 ? 11.557  -6.741  -1.276  1.00 22.62 ? 139 PRO A C   1 
ATOM   839  O O   . PRO A 1 103 ? 10.760  -6.386  -2.121  1.00 21.66 ? 139 PRO A O   1 
ATOM   840  C CB  . PRO A 1 103 ? 13.756  -5.915  -2.390  1.00 23.50 ? 139 PRO A CB  1 
ATOM   841  C CG  . PRO A 1 103 ? 13.341  -5.920  -3.704  1.00 23.87 ? 139 PRO A CG  1 
ATOM   842  C CD  . PRO A 1 103 ? 13.154  -7.372  -4.036  1.00 23.32 ? 139 PRO A CD  1 
ATOM   843  N N   . LEU A 1 104 ? 11.155  -6.882  -0.022  1.00 22.90 ? 140 LEU A N   1 
ATOM   844  C CA  . LEU A 1 104 ? 10.928  -5.888  1.024   1.00 21.46 ? 140 LEU A CA  1 
ATOM   845  C C   . LEU A 1 104 ? 11.611  -4.576  1.323   1.00 20.64 ? 140 LEU A C   1 
ATOM   846  O O   . LEU A 1 104 ? 12.769  -4.541  1.716   1.00 21.99 ? 140 LEU A O   1 
ATOM   847  C CB  . LEU A 1 104 ? 10.537  -6.587  2.328   1.00 21.96 ? 140 LEU A CB  1 
ATOM   848  C CG  . LEU A 1 104 ? 9.445   -7.655  2.346   1.00 24.58 ? 140 LEU A CG  1 
ATOM   849  C CD1 . LEU A 1 104 ? 9.109   -7.903  3.806   1.00 25.16 ? 140 LEU A CD1 1 
ATOM   850  C CD2 . LEU A 1 104 ? 8.173   -7.326  1.556   1.00 22.23 ? 140 LEU A CD2 1 
ATOM   851  N N   . PRO A 1 105 ? 10.824  -3.486  1.250   1.00 19.21 ? 141 PRO A N   1 
ATOM   852  C CA  . PRO A 1 105 ? 9.446   -3.471  0.734   1.00 18.09 ? 141 PRO A CA  1 
ATOM   853  C C   . PRO A 1 105 ? 9.336   -3.442  -0.791  1.00 16.52 ? 141 PRO A C   1 
ATOM   854  O O   . PRO A 1 105 ? 10.325  -3.200  -1.486  1.00 16.35 ? 141 PRO A O   1 
ATOM   855  C CB  . PRO A 1 105 ? 8.896   -2.163  1.307   1.00 18.17 ? 141 PRO A CB  1 
ATOM   856  C CG  . PRO A 1 105 ? 10.073  -1.281  1.375   1.00 19.10 ? 141 PRO A CG  1 
ATOM   857  C CD  . PRO A 1 105 ? 11.197  -2.177  1.815   1.00 18.98 ? 141 PRO A CD  1 
ATOM   858  N N   . THR A 1 106 ? 8.142   -3.699  -1.314  1.00 15.27 ? 142 THR A N   1 
ATOM   859  C CA  . THR A 1 106 ? 7.873   -3.408  -2.727  1.00 13.77 ? 142 THR A CA  1 
ATOM   860  C C   . THR A 1 106 ? 6.543   -2.660  -2.825  1.00 13.32 ? 142 THR A C   1 
ATOM   861  O O   . THR A 1 106 ? 5.581   -2.992  -2.123  1.00 12.44 ? 142 THR A O   1 
ATOM   862  C CB  . THR A 1 106 ? 7.873   -4.677  -3.626  1.00 13.55 ? 142 THR A CB  1 
ATOM   863  O OG1 . THR A 1 106 ? 9.189   -5.263  -3.650  1.00 14.14 ? 142 THR A OG1 1 
ATOM   864  C CG2 . THR A 1 106 ? 7.504   -4.320  -5.062  1.00 13.80 ? 142 THR A CG2 1 
ATOM   865  N N   . THR A 1 107 ? 6.505   -1.650  -3.682  1.00 12.23 ? 143 THR A N   1 
ATOM   866  C CA  . THR A 1 107 ? 5.287   -0.877  -3.877  1.00 12.63 ? 143 THR A CA  1 
ATOM   867  C C   . THR A 1 107 ? 4.830   -1.005  -5.307  1.00 11.26 ? 143 THR A C   1 
ATOM   868  O O   . THR A 1 107 ? 5.646   -0.886  -6.227  1.00 11.54 ? 143 THR A O   1 
ATOM   869  C CB  . THR A 1 107 ? 5.538   0.616   -3.555  1.00 12.99 ? 143 THR A CB  1 
ATOM   870  O OG1 . THR A 1 107 ? 5.904   0.726   -2.189  1.00 13.24 ? 143 THR A OG1 1 
ATOM   871  C CG2 . THR A 1 107 ? 4.291   1.427   -3.795  1.00 14.16 ? 143 THR A CG2 1 
ATOM   872  N N   . PHE A 1 108 ? 3.522   -1.231  -5.483  1.00 11.09 ? 144 PHE A N   1 
ATOM   873  C CA  . PHE A 1 108 ? 2.888   -1.302  -6.784  1.00 10.71 ? 144 PHE A CA  1 
ATOM   874  C C   . PHE A 1 108 ? 1.940   -0.116  -6.901  1.00 10.81 ? 144 PHE A C   1 
ATOM   875  O O   . PHE A 1 108 ? 1.089   0.097   -6.031  1.00 9.71  ? 144 PHE A O   1 
ATOM   876  C CB  . PHE A 1 108 ? 2.112   -2.624  -6.927  1.00 11.54 ? 144 PHE A CB  1 
ATOM   877  C CG  . PHE A 1 108 ? 2.986   -3.845  -6.886  1.00 11.51 ? 144 PHE A CG  1 
ATOM   878  C CD1 . PHE A 1 108 ? 3.439   -4.362  -5.655  1.00 13.43 ? 144 PHE A CD1 1 
ATOM   879  C CD2 . PHE A 1 108 ? 3.379   -4.466  -8.070  1.00 12.52 ? 144 PHE A CD2 1 
ATOM   880  C CE1 . PHE A 1 108 ? 4.262   -5.492  -5.611  1.00 14.15 ? 144 PHE A CE1 1 
ATOM   881  C CE2 . PHE A 1 108 ? 4.210   -5.598  -8.040  1.00 12.13 ? 144 PHE A CE2 1 
ATOM   882  C CZ  . PHE A 1 108 ? 4.652   -6.104  -6.808  1.00 14.25 ? 144 PHE A CZ  1 
ATOM   883  N N   . LEU A 1 109 ? 2.121   0.688   -7.944  1.00 10.43 ? 145 LEU A N   1 
ATOM   884  C CA  . LEU A 1 109 ? 1.216   1.808   -8.199  1.00 10.93 ? 145 LEU A CA  1 
ATOM   885  C C   . LEU A 1 109 ? 0.143   1.255   -9.129  1.00 10.91 ? 145 LEU A C   1 
ATOM   886  O O   . LEU A 1 109 ? 0.440   0.842   -10.245 1.00 10.58 ? 145 LEU A O   1 
ATOM   887  C CB  . LEU A 1 109 ? 1.964   2.999   -8.827  1.00 11.49 ? 145 LEU A CB  1 
ATOM   888  C CG  . LEU A 1 109 ? 3.077   3.592   -7.939  1.00 12.09 ? 145 LEU A CG  1 
ATOM   889  C CD1 . LEU A 1 109 ? 3.703   4.797   -8.651  1.00 12.70 ? 145 LEU A CD1 1 
ATOM   890  C CD2 . LEU A 1 109 ? 2.539   3.987   -6.528  1.00 10.26 ? 145 LEU A CD2 1 
ATOM   891  N N   . ILE A 1 110 ? -1.087  1.213   -8.629  1.00 10.42 ? 146 ILE A N   1 
ATOM   892  C CA  . ILE A 1 110 ? -2.214  0.676   -9.373  1.00 10.83 ? 146 ILE A CA  1 
ATOM   893  C C   . ILE A 1 110 ? -3.160  1.816   -9.758  1.00 11.32 ? 146 ILE A C   1 
ATOM   894  O O   . ILE A 1 110 ? -3.597  2.592   -8.904  1.00 10.56 ? 146 ILE A O   1 
ATOM   895  C CB  . ILE A 1 110 ? -2.942  -0.413  -8.537  1.00 10.97 ? 146 ILE A CB  1 
ATOM   896  C CG1 . ILE A 1 110 ? -1.988  -1.612  -8.337  1.00 12.17 ? 146 ILE A CG1 1 
ATOM   897  C CG2 . ILE A 1 110 ? -4.191  -0.932  -9.251  1.00 11.28 ? 146 ILE A CG2 1 
ATOM   898  C CD1 . ILE A 1 110 ? -2.360  -2.531  -7.207  1.00 12.22 ? 146 ILE A CD1 1 
ATOM   899  N N   . ASN A 1 111 ? -3.456  1.921   -11.045 1.00 12.18 ? 147 ASN A N   1 
ATOM   900  C CA  . ASN A 1 111 ? -4.382  2.977   -11.512 1.00 13.72 ? 147 ASN A CA  1 
ATOM   901  C C   . ASN A 1 111 ? -5.870  2.653   -11.268 1.00 14.12 ? 147 ASN A C   1 
ATOM   902  O O   . ASN A 1 111 ? -6.209  1.530   -10.876 1.00 13.50 ? 147 ASN A O   1 
ATOM   903  C CB  . ASN A 1 111 ? -4.046  3.460   -12.953 1.00 13.96 ? 147 ASN A CB  1 
ATOM   904  C CG  . ASN A 1 111 ? -4.357  2.428   -14.047 1.00 15.96 ? 147 ASN A CG  1 
ATOM   905  O OD1 . ASN A 1 111 ? -3.838  2.537   -15.168 1.00 19.65 ? 147 ASN A OD1 1 
ATOM   906  N ND2 . ASN A 1 111 ? -5.200  1.457   -13.750 1.00 11.03 ? 147 ASN A ND2 1 
ATOM   907  N N   . PRO A 1 112 ? -6.771  3.638   -11.467 1.00 15.55 ? 148 PRO A N   1 
ATOM   908  C CA  . PRO A 1 112 ? -8.194  3.388   -11.256 1.00 16.00 ? 148 PRO A CA  1 
ATOM   909  C C   . PRO A 1 112 ? -8.774  2.190   -12.022 1.00 17.04 ? 148 PRO A C   1 
ATOM   910  O O   . PRO A 1 112 ? -9.805  1.655   -11.608 1.00 16.86 ? 148 PRO A O   1 
ATOM   911  C CB  . PRO A 1 112 ? -8.833  4.708   -11.692 1.00 15.93 ? 148 PRO A CB  1 
ATOM   912  C CG  . PRO A 1 112 ? -7.768  5.729   -11.348 1.00 15.43 ? 148 PRO A CG  1 
ATOM   913  C CD  . PRO A 1 112 ? -6.530  5.045   -11.845 1.00 15.56 ? 148 PRO A CD  1 
ATOM   914  N N   . GLU A 1 113 ? -8.103  1.754   -13.097 1.00 17.90 ? 149 GLU A N   1 
ATOM   915  C CA  . GLU A 1 113 ? -8.537  0.571   -13.864 1.00 19.54 ? 149 GLU A CA  1 
ATOM   916  C C   . GLU A 1 113 ? -7.985  -0.751  -13.335 1.00 19.13 ? 149 GLU A C   1 
ATOM   917  O O   . GLU A 1 113 ? -8.285  -1.815  -13.881 1.00 19.71 ? 149 GLU A O   1 
ATOM   918  C CB  . GLU A 1 113 ? -8.151  0.710   -15.333 1.00 20.84 ? 149 GLU A CB  1 
ATOM   919  C CG  . GLU A 1 113 ? -8.876  1.827   -16.078 1.00 25.36 ? 149 GLU A CG  1 
ATOM   920  C CD  . GLU A 1 113 ? -8.417  3.228   -15.690 1.00 32.89 ? 149 GLU A CD  1 
ATOM   921  O OE1 . GLU A 1 113 ? -7.185  3.465   -15.573 1.00 35.61 ? 149 GLU A OE1 1 
ATOM   922  O OE2 . GLU A 1 113 ? -9.297  4.115   -15.513 1.00 35.23 ? 149 GLU A OE2 1 
ATOM   923  N N   . GLY A 1 114 ? -7.157  -0.693  -12.298 1.00 18.02 ? 150 GLY A N   1 
ATOM   924  C CA  . GLY A 1 114 ? -6.543  -1.904  -11.750 1.00 17.18 ? 150 GLY A CA  1 
ATOM   925  C C   . GLY A 1 114 ? -5.275  -2.369  -12.451 1.00 17.13 ? 150 GLY A C   1 
ATOM   926  O O   . GLY A 1 114 ? -4.855  -3.517  -12.287 1.00 17.56 ? 150 GLY A O   1 
ATOM   927  N N   A LYS A 1 115 ? -4.672  -1.491  -13.244 0.50 16.79 ? 151 LYS A N   1 
ATOM   928  N N   B LYS A 1 115 ? -4.678  -1.479  -13.242 0.50 16.96 ? 151 LYS A N   1 
ATOM   929  C CA  A LYS A 1 115 ? -3.444  -1.819  -13.952 0.50 17.10 ? 151 LYS A CA  1 
ATOM   930  C CA  B LYS A 1 115 ? -3.429  -1.759  -13.946 0.50 17.45 ? 151 LYS A CA  1 
ATOM   931  C C   A LYS A 1 115 ? -2.223  -1.324  -13.166 0.50 16.93 ? 151 LYS A C   1 
ATOM   932  C C   B LYS A 1 115 ? -2.248  -1.356  -13.067 0.50 17.11 ? 151 LYS A C   1 
ATOM   933  O O   A LYS A 1 115 ? -2.213  -0.186  -12.681 0.50 16.33 ? 151 LYS A O   1 
ATOM   934  O O   B LYS A 1 115 ? -2.278  -0.302  -12.433 0.50 16.62 ? 151 LYS A O   1 
ATOM   935  C CB  A LYS A 1 115 ? -3.470  -1.216  -15.360 0.50 17.46 ? 151 LYS A CB  1 
ATOM   936  C CB  B LYS A 1 115 ? -3.340  -0.953  -15.252 0.50 17.90 ? 151 LYS A CB  1 
ATOM   937  C CG  A LYS A 1 115 ? -2.113  -1.099  -16.039 0.50 17.90 ? 151 LYS A CG  1 
ATOM   938  C CG  B LYS A 1 115 ? -4.630  -0.835  -16.029 0.50 19.34 ? 151 LYS A CG  1 
ATOM   939  C CD  A LYS A 1 115 ? -2.284  -0.664  -17.479 0.50 20.47 ? 151 LYS A CD  1 
ATOM   940  C CD  B LYS A 1 115 ? -4.787  -1.952  -17.023 0.50 23.15 ? 151 LYS A CD  1 
ATOM   941  C CE  A LYS A 1 115 ? -0.986  -0.191  -18.076 0.50 20.75 ? 151 LYS A CE  1 
ATOM   942  C CE  B LYS A 1 115 ? -6.253  -2.197  -17.280 0.50 23.30 ? 151 LYS A CE  1 
ATOM   943  N NZ  A LYS A 1 115 ? -1.268  0.573   -19.320 0.50 24.57 ? 151 LYS A NZ  1 
ATOM   944  N NZ  B LYS A 1 115 ? -6.846  -2.758  -16.042 0.50 24.86 ? 151 LYS A NZ  1 
ATOM   945  N N   . VAL A 1 116 ? -1.196  -2.173  -13.058 1.00 16.83 ? 152 VAL A N   1 
ATOM   946  C CA  . VAL A 1 116 ? 0.038   -1.800  -12.381 1.00 16.48 ? 152 VAL A CA  1 
ATOM   947  C C   . VAL A 1 116 ? 0.794   -0.883  -13.337 1.00 16.77 ? 152 VAL A C   1 
ATOM   948  O O   . VAL A 1 116 ? 1.159   -1.277  -14.440 1.00 17.02 ? 152 VAL A O   1 
ATOM   949  C CB  . VAL A 1 116 ? 0.938   -3.003  -11.984 1.00 16.61 ? 152 VAL A CB  1 
ATOM   950  C CG1 . VAL A 1 116 ? 2.242   -2.502  -11.315 1.00 16.06 ? 152 VAL A CG1 1 
ATOM   951  C CG2 . VAL A 1 116 ? 0.191   -3.966  -11.068 1.00 16.04 ? 152 VAL A CG2 1 
ATOM   952  N N   . VAL A 1 117 ? 1.008   0.351   -12.907 1.00 16.76 ? 153 VAL A N   1 
ATOM   953  C CA  . VAL A 1 117 ? 1.714   1.310   -13.739 1.00 16.96 ? 153 VAL A CA  1 
ATOM   954  C C   . VAL A 1 117 ? 3.183   1.485   -13.350 1.00 16.67 ? 153 VAL A C   1 
ATOM   955  O O   . VAL A 1 117 ? 3.991   1.959   -14.157 1.00 16.52 ? 153 VAL A O   1 
ATOM   956  C CB  . VAL A 1 117 ? 0.947   2.643   -13.819 1.00 17.29 ? 153 VAL A CB  1 
ATOM   957  C CG1 . VAL A 1 117 ? -0.436  2.386   -14.442 1.00 17.64 ? 153 VAL A CG1 1 
ATOM   958  C CG2 . VAL A 1 117 ? 0.788   3.271   -12.451 1.00 16.95 ? 153 VAL A CG2 1 
ATOM   959  N N   . LYS A 1 118 ? 3.541   1.103   -12.126 1.00 15.87 ? 154 LYS A N   1 
ATOM   960  C CA  . LYS A 1 118 ? 4.940   1.179   -11.719 1.00 16.32 ? 154 LYS A CA  1 
ATOM   961  C C   . LYS A 1 118 ? 5.170   0.228   -10.551 1.00 15.74 ? 154 LYS A C   1 
ATOM   962  O O   . LYS A 1 118 ? 4.296   0.087   -9.698  1.00 15.58 ? 154 LYS A O   1 
ATOM   963  C CB  . LYS A 1 118 ? 5.300   2.617   -11.309 1.00 16.00 ? 154 LYS A CB  1 
ATOM   964  C CG  . LYS A 1 118 ? 6.793   2.934   -11.267 1.00 17.97 ? 154 LYS A CG  1 
ATOM   965  C CD  . LYS A 1 118 ? 7.071   4.323   -10.680 1.00 17.81 ? 154 LYS A CD  1 
ATOM   966  C CE  . LYS A 1 118 ? 8.144   5.072   -11.483 1.00 26.54 ? 154 LYS A CE  1 
ATOM   967  N NZ  . LYS A 1 118 ? 9.378   4.254   -11.838 1.00 26.61 ? 154 LYS A NZ  1 
ATOM   968  N N   . VAL A 1 119 ? 6.340   -0.406  -10.516 1.00 15.76 ? 155 VAL A N   1 
ATOM   969  C CA  . VAL A 1 119 ? 6.751   -1.255  -9.386  1.00 15.86 ? 155 VAL A CA  1 
ATOM   970  C C   . VAL A 1 119 ? 7.990   -0.583  -8.821  1.00 16.55 ? 155 VAL A C   1 
ATOM   971  O O   . VAL A 1 119 ? 8.934   -0.258  -9.563  1.00 16.66 ? 155 VAL A O   1 
ATOM   972  C CB  . VAL A 1 119 ? 7.065   -2.716  -9.838  1.00 15.85 ? 155 VAL A CB  1 
ATOM   973  C CG1 . VAL A 1 119 ? 7.513   -3.589  -8.675  1.00 15.01 ? 155 VAL A CG1 1 
ATOM   974  C CG2 . VAL A 1 119 ? 5.864   -3.338  -10.488 1.00 15.31 ? 155 VAL A CG2 1 
ATOM   975  N N   . VAL A 1 120 ? 7.959   -0.304  -7.526  1.00 16.49 ? 156 VAL A N   1 
ATOM   976  C CA  . VAL A 1 120 ? 9.008   0.468   -6.875  1.00 16.49 ? 156 VAL A CA  1 
ATOM   977  C C   . VAL A 1 120 ? 9.661   -0.329  -5.736  1.00 16.55 ? 156 VAL A C   1 
ATOM   978  O O   . VAL A 1 120 ? 8.992   -0.723  -4.784  1.00 15.06 ? 156 VAL A O   1 
ATOM   979  C CB  . VAL A 1 120 ? 8.452   1.856   -6.378  1.00 16.41 ? 156 VAL A CB  1 
ATOM   980  C CG1 . VAL A 1 120 ? 9.519   2.635   -5.615  1.00 18.14 ? 156 VAL A CG1 1 
ATOM   981  C CG2 . VAL A 1 120 ? 7.961   2.686   -7.548  1.00 16.62 ? 156 VAL A CG2 1 
ATOM   982  N N   . THR A 1 121 ? 10.969  -0.573  -5.842  1.00 17.73 ? 157 THR A N   1 
ATOM   983  C CA  . THR A 1 121 ? 11.714  -1.230  -4.753  1.00 19.15 ? 157 THR A CA  1 
ATOM   984  C C   . THR A 1 121 ? 12.774  -0.326  -4.106  1.00 20.36 ? 157 THR A C   1 
ATOM   985  O O   . THR A 1 121 ? 13.332  -0.654  -3.033  1.00 20.59 ? 157 THR A O   1 
ATOM   986  C CB  . THR A 1 121 ? 12.376  -2.524  -5.228  1.00 19.49 ? 157 THR A CB  1 
ATOM   987  O OG1 . THR A 1 121 ? 13.190  -2.237  -6.360  1.00 20.62 ? 157 THR A OG1 1 
ATOM   988  C CG2 . THR A 1 121 ? 11.326  -3.537  -5.645  1.00 20.13 ? 157 THR A CG2 1 
ATOM   989  N N   . GLY A 1 122 ? 13.047  0.810   -4.741  1.00 20.49 ? 158 GLY A N   1 
ATOM   990  C CA  . GLY A 1 122 ? 14.000  1.755   -4.189  1.00 20.93 ? 158 GLY A CA  1 
ATOM   991  C C   . GLY A 1 122 ? 13.471  2.571   -3.022  1.00 21.08 ? 158 GLY A C   1 
ATOM   992  O O   . GLY A 1 122 ? 12.253  2.571   -2.737  1.00 21.42 ? 158 GLY A O   1 
ATOM   993  N N   A THR A 1 123 ? 14.388  3.276   -2.365  0.50 20.52 ? 159 THR A N   1 
ATOM   994  N N   B THR A 1 123 ? 14.381  3.255   -2.332  0.50 20.23 ? 159 THR A N   1 
ATOM   995  C CA  A THR A 1 123 ? 14.075  4.283   -1.348  0.50 20.67 ? 159 THR A CA  1 
ATOM   996  C CA  B THR A 1 123 ? 13.992  4.248   -1.333  0.50 20.11 ? 159 THR A CA  1 
ATOM   997  C C   A THR A 1 123 ? 13.192  5.396   -1.947  0.50 20.02 ? 159 THR A C   1 
ATOM   998  C C   B THR A 1 123 ? 13.075  5.272   -1.999  0.50 19.69 ? 159 THR A C   1 
ATOM   999  O O   A THR A 1 123 ? 13.446  5.861   -3.056  0.50 20.16 ? 159 THR A O   1 
ATOM   1000 O O   B THR A 1 123 ? 13.187  5.555   -3.191  0.50 19.72 ? 159 THR A O   1 
ATOM   1001 C CB  A THR A 1 123 ? 15.382  4.889   -0.779  0.50 20.76 ? 159 THR A CB  1 
ATOM   1002 C CB  B THR A 1 123 ? 15.189  5.009   -0.734  0.50 19.94 ? 159 THR A CB  1 
ATOM   1003 O OG1 A THR A 1 123 ? 16.183  3.845   -0.195  0.50 21.79 ? 159 THR A OG1 1 
ATOM   1004 O OG1 B THR A 1 123 ? 16.022  5.482   -1.797  0.50 18.97 ? 159 THR A OG1 1 
ATOM   1005 C CG2 A THR A 1 123 ? 15.097  5.948   0.260   0.50 20.75 ? 159 THR A CG2 1 
ATOM   1006 C CG2 B THR A 1 123 ? 16.008  4.112   0.214   0.50 20.67 ? 159 THR A CG2 1 
ATOM   1007 N N   . MET A 1 124 ? 12.157  5.801   -1.211  1.00 19.41 ? 160 MET A N   1 
ATOM   1008 C CA  . MET A 1 124 ? 11.230  6.803   -1.680  1.00 19.31 ? 160 MET A CA  1 
ATOM   1009 C C   . MET A 1 124 ? 11.290  7.945   -0.711  1.00 17.45 ? 160 MET A C   1 
ATOM   1010 O O   . MET A 1 124 ? 11.060  7.766   0.482   1.00 17.64 ? 160 MET A O   1 
ATOM   1011 C CB  . MET A 1 124 ? 9.808   6.243   -1.722  1.00 19.26 ? 160 MET A CB  1 
ATOM   1012 C CG  . MET A 1 124 ? 9.577   5.254   -2.839  1.00 21.36 ? 160 MET A CG  1 
ATOM   1013 S SD  . MET A 1 124 ? 7.837   4.768   -2.938  1.00 22.82 ? 160 MET A SD  1 
ATOM   1014 C CE  . MET A 1 124 ? 7.593   3.880   -1.389  1.00 20.98 ? 160 MET A CE  1 
ATOM   1015 N N   . THR A 1 125 ? 11.634  9.122   -1.215  1.00 16.50 ? 161 THR A N   1 
ATOM   1016 C CA  . THR A 1 125 ? 11.416  10.350  -0.452  1.00 15.48 ? 161 THR A CA  1 
ATOM   1017 C C   . THR A 1 125 ? 9.906   10.659  -0.372  1.00 14.90 ? 161 THR A C   1 
ATOM   1018 O O   . THR A 1 125 ? 9.105   10.138  -1.162  1.00 14.64 ? 161 THR A O   1 
ATOM   1019 C CB  . THR A 1 125 ? 12.077  11.554  -1.154  1.00 15.66 ? 161 THR A CB  1 
ATOM   1020 O OG1 . THR A 1 125 ? 11.500  11.699  -2.455  1.00 15.18 ? 161 THR A OG1 1 
ATOM   1021 C CG2 . THR A 1 125 ? 13.575  11.363  -1.297  1.00 15.32 ? 161 THR A CG2 1 
ATOM   1022 N N   . GLU A 1 126 ? 9.517   11.512  0.569   1.00 14.35 ? 162 GLU A N   1 
ATOM   1023 C CA  . GLU A 1 126 ? 8.127   11.955  0.637   1.00 15.11 ? 162 GLU A CA  1 
ATOM   1024 C C   . GLU A 1 126 ? 7.715   12.610  -0.692  1.00 14.75 ? 162 GLU A C   1 
ATOM   1025 O O   . GLU A 1 126 ? 6.577   12.426  -1.144  1.00 14.54 ? 162 GLU A O   1 
ATOM   1026 C CB  . GLU A 1 126 ? 7.908   12.887  1.822   1.00 14.61 ? 162 GLU A CB  1 
ATOM   1027 C CG  . GLU A 1 126 ? 6.421   13.182  2.113   1.00 17.33 ? 162 GLU A CG  1 
ATOM   1028 C CD  . GLU A 1 126 ? 6.198   13.919  3.429   1.00 18.85 ? 162 GLU A CD  1 
ATOM   1029 O OE1 . GLU A 1 126 ? 7.129   13.951  4.267   1.00 24.09 ? 162 GLU A OE1 1 
ATOM   1030 O OE2 . GLU A 1 126 ? 5.082   14.456  3.629   1.00 20.91 ? 162 GLU A OE2 1 
ATOM   1031 N N   . SER A 1 127 ? 8.636   13.331  -1.346  1.00 14.23 ? 163 SER A N   1 
ATOM   1032 C CA  . SER A 1 127 ? 8.335   13.909  -2.688  1.00 14.81 ? 163 SER A CA  1 
ATOM   1033 C C   . SER A 1 127 ? 8.026   12.879  -3.747  1.00 14.61 ? 163 SER A C   1 
ATOM   1034 O O   . SER A 1 127 ? 7.121   13.079  -4.564  1.00 14.76 ? 163 SER A O   1 
ATOM   1035 C CB  . SER A 1 127 ? 9.465   14.802  -3.209  1.00 14.91 ? 163 SER A CB  1 
ATOM   1036 O OG  . SER A 1 127 ? 9.562   15.963  -2.428  1.00 15.80 ? 163 SER A OG  1 
ATOM   1037 N N   . MET A 1 128 ? 8.785   11.786  -3.760  1.00 13.78 ? 164 MET A N   1 
ATOM   1038 C CA  . MET A 1 128 ? 8.522   10.702  -4.698  1.00 15.66 ? 164 MET A CA  1 
ATOM   1039 C C   . MET A 1 128 ? 7.163   10.055  -4.415  1.00 14.40 ? 164 MET A C   1 
ATOM   1040 O O   . MET A 1 128 ? 6.408   9.776   -5.354  1.00 14.42 ? 164 MET A O   1 
ATOM   1041 C CB  . MET A 1 128 ? 9.625   9.653   -4.660  1.00 15.35 ? 164 MET A CB  1 
ATOM   1042 C CG  . MET A 1 128 ? 10.986  10.168  -5.110  1.00 17.60 ? 164 MET A CG  1 
ATOM   1043 S SD  . MET A 1 128 ? 12.319  9.008   -4.704  1.00 21.19 ? 164 MET A SD  1 
ATOM   1044 C CE  . MET A 1 128 ? 11.617  7.532   -5.449  1.00 21.09 ? 164 MET A CE  1 
ATOM   1045 N N   . ILE A 1 129 ? 6.866   9.835   -3.141  1.00 14.21 ? 165 ILE A N   1 
ATOM   1046 C CA  . ILE A 1 129 ? 5.554   9.330   -2.705  1.00 14.50 ? 165 ILE A CA  1 
ATOM   1047 C C   . ILE A 1 129 ? 4.405   10.231  -3.187  1.00 15.32 ? 165 ILE A C   1 
ATOM   1048 O O   . ILE A 1 129 ? 3.445   9.729   -3.784  1.00 15.44 ? 165 ILE A O   1 
ATOM   1049 C CB  . ILE A 1 129 ? 5.526   9.094   -1.190  1.00 14.80 ? 165 ILE A CB  1 
ATOM   1050 C CG1 . ILE A 1 129 ? 6.458   7.923   -0.857  1.00 13.93 ? 165 ILE A CG1 1 
ATOM   1051 C CG2 . ILE A 1 129 ? 4.074   8.826   -0.666  1.00 13.91 ? 165 ILE A CG2 1 
ATOM   1052 C CD1 . ILE A 1 129 ? 6.765   7.724   0.627   1.00 17.76 ? 165 ILE A CD1 1 
ATOM   1053 N N   . HIS A 1 130 ? 4.529   11.545  -2.955  1.00 15.29 ? 166 HIS A N   1 
ATOM   1054 C CA  . HIS A 1 130 ? 3.608   12.546  -3.504  1.00 16.25 ? 166 HIS A CA  1 
ATOM   1055 C C   . HIS A 1 130 ? 3.406   12.412  -5.029  1.00 15.70 ? 166 HIS A C   1 
ATOM   1056 O O   . HIS A 1 130 ? 2.266   12.385  -5.521  1.00 15.56 ? 166 HIS A O   1 
ATOM   1057 C CB  . HIS A 1 130 ? 4.067   13.978  -3.097  1.00 16.55 ? 166 HIS A CB  1 
ATOM   1058 C CG  . HIS A 1 130 ? 3.156   15.072  -3.569  1.00 18.07 ? 166 HIS A CG  1 
ATOM   1059 N ND1 . HIS A 1 130 ? 3.203   15.584  -4.851  1.00 22.24 ? 166 HIS A ND1 1 
ATOM   1060 C CD2 . HIS A 1 130 ? 2.186   15.763  -2.927  1.00 19.86 ? 166 HIS A CD2 1 
ATOM   1061 C CE1 . HIS A 1 130 ? 2.295   16.535  -4.980  1.00 19.39 ? 166 HIS A CE1 1 
ATOM   1062 N NE2 . HIS A 1 130 ? 1.660   16.659  -3.830  1.00 20.27 ? 166 HIS A NE2 1 
ATOM   1063 N N   . ASP A 1 131 ? 4.498   12.332  -5.781  1.00 15.23 ? 167 ASP A N   1 
ATOM   1064 C CA  . ASP A 1 131 ? 4.417   12.232  -7.242  1.00 15.35 ? 167 ASP A CA  1 
ATOM   1065 C C   . ASP A 1 131 ? 3.811   10.891  -7.676  1.00 14.57 ? 167 ASP A C   1 
ATOM   1066 O O   . ASP A 1 131 ? 3.115   10.810  -8.684  1.00 13.45 ? 167 ASP A O   1 
ATOM   1067 C CB  . ASP A 1 131 ? 5.797   12.350  -7.869  1.00 15.92 ? 167 ASP A CB  1 
ATOM   1068 C CG  . ASP A 1 131 ? 6.431   13.718  -7.653  1.00 18.42 ? 167 ASP A CG  1 
ATOM   1069 O OD1 . ASP A 1 131 ? 5.729   14.646  -7.215  1.00 22.31 ? 167 ASP A OD1 1 
ATOM   1070 O OD2 . ASP A 1 131 ? 7.635   13.846  -7.910  1.00 21.25 ? 167 ASP A OD2 1 
ATOM   1071 N N   . TYR A 1 132 ? 4.135   9.835   -6.947  1.00 14.41 ? 168 TYR A N   1 
ATOM   1072 C CA  . TYR A 1 132 ? 3.575   8.505   -7.250  1.00 15.38 ? 168 TYR A CA  1 
ATOM   1073 C C   . TYR A 1 132 ? 2.058   8.459   -7.038  1.00 15.65 ? 168 TYR A C   1 
ATOM   1074 O O   . TYR A 1 132 ? 1.321   7.844   -7.821  1.00 15.94 ? 168 TYR A O   1 
ATOM   1075 C CB  . TYR A 1 132 ? 4.269   7.445   -6.391  1.00 16.75 ? 168 TYR A CB  1 
ATOM   1076 C CG  . TYR A 1 132 ? 5.700   7.167   -6.788  1.00 19.18 ? 168 TYR A CG  1 
ATOM   1077 C CD1 . TYR A 1 132 ? 6.203   7.562   -8.039  1.00 20.52 ? 168 TYR A CD1 1 
ATOM   1078 C CD2 . TYR A 1 132 ? 6.548   6.476   -5.930  1.00 20.47 ? 168 TYR A CD2 1 
ATOM   1079 C CE1 . TYR A 1 132 ? 7.536   7.299   -8.397  1.00 22.82 ? 168 TYR A CE1 1 
ATOM   1080 C CE2 . TYR A 1 132 ? 7.856   6.206   -6.281  1.00 21.41 ? 168 TYR A CE2 1 
ATOM   1081 C CZ  . TYR A 1 132 ? 8.347   6.626   -7.503  1.00 21.21 ? 168 TYR A CZ  1 
ATOM   1082 O OH  . TYR A 1 132 ? 9.654   6.326   -7.823  1.00 22.84 ? 168 TYR A OH  1 
ATOM   1083 N N   . MET A 1 133 ? 1.592   9.114   -5.976  1.00 15.44 ? 169 MET A N   1 
ATOM   1084 C CA  . MET A 1 133 ? 0.161   9.200   -5.704  1.00 16.01 ? 169 MET A CA  1 
ATOM   1085 C C   . MET A 1 133 ? -0.549  10.049  -6.763  1.00 16.69 ? 169 MET A C   1 
ATOM   1086 O O   . MET A 1 133 ? -1.643  9.708   -7.212  1.00 17.11 ? 169 MET A O   1 
ATOM   1087 C CB  . MET A 1 133 ? -0.084  9.703   -4.297  1.00 15.21 ? 169 MET A CB  1 
ATOM   1088 C CG  . MET A 1 133 ? 0.236   8.646   -3.258  1.00 14.79 ? 169 MET A CG  1 
ATOM   1089 S SD  . MET A 1 133 ? -0.076  9.214   -1.604  1.00 18.17 ? 169 MET A SD  1 
ATOM   1090 C CE  . MET A 1 133 ? 0.424   7.739   -0.711  1.00 16.88 ? 169 MET A CE  1 
ATOM   1091 N N   . ASN A 1 134 ? 0.094   11.136  -7.188  1.00 17.58 ? 170 ASN A N   1 
ATOM   1092 C CA  . ASN A 1 134 ? -0.376  11.900  -8.358  1.00 18.10 ? 170 ASN A CA  1 
ATOM   1093 C C   . ASN A 1 134 ? -0.470  11.092  -9.659  1.00 17.96 ? 170 ASN A C   1 
ATOM   1094 O O   . ASN A 1 134 ? -1.404  11.299  -10.476 1.00 18.42 ? 170 ASN A O   1 
ATOM   1095 C CB  . ASN A 1 134 ? 0.532   13.113  -8.585  1.00 18.55 ? 170 ASN A CB  1 
ATOM   1096 C CG  . ASN A 1 134 ? 0.030   14.338  -7.905  1.00 19.87 ? 170 ASN A CG  1 
ATOM   1097 O OD1 . ASN A 1 134 ? -1.162  14.463  -7.622  1.00 20.04 ? 170 ASN A OD1 1 
ATOM   1098 N ND2 . ASN A 1 134 ? 0.933   15.284  -7.655  1.00 21.46 ? 170 ASN A ND2 1 
ATOM   1099 N N   A LEU A 1 135 ? 0.481   10.179  -9.846  0.50 17.15 ? 171 LEU A N   1 
ATOM   1100 N N   B LEU A 1 135 ? 0.493   10.202  -9.873  0.50 16.90 ? 171 LEU A N   1 
ATOM   1101 C CA  A LEU A 1 135 ? 0.537   9.298   -11.015 0.50 17.20 ? 171 LEU A CA  1 
ATOM   1102 C CA  B LEU A 1 135 ? 0.470   9.339   -11.044 0.50 16.87 ? 171 LEU A CA  1 
ATOM   1103 C C   A LEU A 1 135 ? -0.672  8.358   -11.137 0.50 16.73 ? 171 LEU A C   1 
ATOM   1104 C C   B LEU A 1 135 ? -0.843  8.567   -11.134 0.50 16.55 ? 171 LEU A C   1 
ATOM   1105 O O   A LEU A 1 135 ? -1.030  7.928   -12.244 0.50 16.85 ? 171 LEU A O   1 
ATOM   1106 O O   B LEU A 1 135 ? -1.451  8.478   -12.203 0.50 16.74 ? 171 LEU A O   1 
ATOM   1107 C CB  A LEU A 1 135 ? 1.837   8.473   -10.984 0.50 17.03 ? 171 LEU A CB  1 
ATOM   1108 C CB  B LEU A 1 135 ? 1.650   8.357   -11.025 0.50 16.71 ? 171 LEU A CB  1 
ATOM   1109 C CG  A LEU A 1 135 ? 2.129   7.439   -12.081 0.50 17.52 ? 171 LEU A CG  1 
ATOM   1110 C CG  B LEU A 1 135 ? 3.012   8.855   -11.503 0.50 17.25 ? 171 LEU A CG  1 
ATOM   1111 C CD1 A LEU A 1 135 ? 2.327   8.108   -13.444 0.50 19.40 ? 171 LEU A CD1 1 
ATOM   1112 C CD1 B LEU A 1 135 ? 4.039   7.736   -11.346 0.50 17.67 ? 171 LEU A CD1 1 
ATOM   1113 C CD2 A LEU A 1 135 ? 3.355   6.615   -11.724 0.50 17.84 ? 171 LEU A CD2 1 
ATOM   1114 C CD2 B LEU A 1 135 ? 2.929   9.320   -12.953 0.50 17.73 ? 171 LEU A CD2 1 
ATOM   1115 N N   . ILE A 1 136 ? -1.285  8.022   -10.005 1.00 16.00 ? 172 ILE A N   1 
ATOM   1116 C CA  . ILE A 1 136 ? -2.439  7.088   -10.002 1.00 15.12 ? 172 ILE A CA  1 
ATOM   1117 C C   . ILE A 1 136 ? -3.807  7.642   -9.580  1.00 15.10 ? 172 ILE A C   1 
ATOM   1118 O O   . ILE A 1 136 ? -4.816  6.913   -9.649  1.00 15.41 ? 172 ILE A O   1 
ATOM   1119 C CB  . ILE A 1 136 ? -2.129  5.804   -9.141  1.00 14.92 ? 172 ILE A CB  1 
ATOM   1120 C CG1 . ILE A 1 136 ? -1.778  6.192   -7.711  1.00 14.50 ? 172 ILE A CG1 1 
ATOM   1121 C CG2 . ILE A 1 136 ? -1.027  4.972   -9.798  1.00 15.28 ? 172 ILE A CG2 1 
ATOM   1122 C CD1 . ILE A 1 136 ? -1.452  5.011   -6.791  1.00 13.81 ? 172 ILE A CD1 1 
ATOM   1123 N N   . LYS A 1 137 ? -3.869  8.883   -9.109  1.00 14.64 ? 173 LYS A N   1 
ATOM   1124 C CA  . LYS A 1 137 ? -5.154  9.443   -8.702  1.00 15.36 ? 173 LYS A CA  1 
ATOM   1125 C C   . LYS A 1 137 ? -6.105  9.552   -9.912  1.00 16.02 ? 173 LYS A C   1 
ATOM   1126 O O   . LYS A 1 137 ? -5.652  9.759   -11.027 1.00 16.23 ? 173 LYS A O   1 
ATOM   1127 C CB  . LYS A 1 137 ? -5.017  10.783  -7.963  1.00 14.65 ? 173 LYS A CB  1 
ATOM   1128 C CG  . LYS A 1 137 ? -4.581  11.967  -8.827  1.00 15.17 ? 173 LYS A CG  1 
ATOM   1129 C CD  . LYS A 1 137 ? -4.358  13.198  -7.951  1.00 16.59 ? 173 LYS A CD  1 
ATOM   1130 C CE  . LYS A 1 137 ? -4.262  14.470  -8.798  1.00 20.66 ? 173 LYS A CE  1 
ATOM   1131 N NZ  . LYS A 1 137 ? -3.939  15.635  -7.922  1.00 24.29 ? 173 LYS A NZ  1 
ATOM   1132 N N   . PRO A 1 138 ? -7.409  9.313   -9.690  1.00 16.75 ? 174 PRO A N   1 
ATOM   1133 C CA  . PRO A 1 138 ? -8.406  9.415   -10.756 1.00 18.76 ? 174 PRO A CA  1 
ATOM   1134 C C   . PRO A 1 138 ? -8.686  10.882  -11.109 1.00 20.61 ? 174 PRO A C   1 
ATOM   1135 O O   . PRO A 1 138 ? -9.499  11.525  -10.445 1.00 22.50 ? 174 PRO A O   1 
ATOM   1136 C CB  . PRO A 1 138 ? -9.654  8.777   -10.131 1.00 18.28 ? 174 PRO A CB  1 
ATOM   1137 C CG  . PRO A 1 138 ? -9.488  8.966   -8.667  1.00 17.17 ? 174 PRO A CG  1 
ATOM   1138 C CD  . PRO A 1 138 ? -7.999  8.888   -8.410  1.00 16.41 ? 174 PRO A CD  1 
ATOM   1139 N N   . GLY A 1 139 ? -7.998  11.394  -12.125 1.00 21.91 ? 175 GLY A N   1 
ATOM   1140 C CA  . GLY A 1 139 ? -8.211  12.764  -12.615 1.00 23.32 ? 175 GLY A CA  1 
ATOM   1141 C C   . GLY A 1 139 ? -8.042  13.855  -11.560 1.00 23.80 ? 175 GLY A C   1 
ATOM   1142 O O   . GLY A 1 139 ? -7.217  13.737  -10.657 1.00 23.99 ? 175 GLY A O   1 
ATOM   1143 N N   . GLU A 1 140 ? -8.835  14.916  -11.670 1.00 24.17 ? 176 GLU A N   1 
ATOM   1144 C CA  . GLU A 1 140 ? -8.716  16.046  -10.757 1.00 25.27 ? 176 GLU A CA  1 
ATOM   1145 C C   . GLU A 1 140 ? -9.946  16.126  -9.872  1.00 25.04 ? 176 GLU A C   1 
ATOM   1146 O O   . GLU A 1 140 ? -11.067 16.035  -10.367 1.00 25.15 ? 176 GLU A O   1 
ATOM   1147 C CB  . GLU A 1 140 ? -8.507  17.362  -11.520 1.00 25.27 ? 176 GLU A CB  1 
ATOM   1148 C CG  . GLU A 1 140 ? -7.276  17.389  -12.454 1.00 29.82 ? 176 GLU A CG  1 
ATOM   1149 C CD  . GLU A 1 140 ? -5.932  17.059  -11.757 1.00 35.55 ? 176 GLU A CD  1 
ATOM   1150 O OE1 . GLU A 1 140 ? -5.710  17.508  -10.602 1.00 36.08 ? 176 GLU A OE1 1 
ATOM   1151 O OE2 . GLU A 1 140 ? -5.084  16.359  -12.387 1.00 37.64 ? 176 GLU A OE2 1 
ATOM   1152 N N   . THR A 1 141 ? -9.726  16.282  -8.567  1.00 24.27 ? 177 THR A N   1 
ATOM   1153 C CA  . THR A 1 141 ? -10.816 16.428  -7.608  1.00 24.24 ? 177 THR A CA  1 
ATOM   1154 C C   . THR A 1 141 ? -10.808 17.812  -6.970  1.00 25.20 ? 177 THR A C   1 
ATOM   1155 O O   . THR A 1 141 ? -9.775  18.266  -6.472  1.00 24.73 ? 177 THR A O   1 
ATOM   1156 C CB  . THR A 1 141 ? -10.755 15.327  -6.530  1.00 23.62 ? 177 THR A CB  1 
ATOM   1157 O OG1 . THR A 1 141 ? -10.945 14.046  -7.162  1.00 22.98 ? 177 THR A OG1 1 
ATOM   1158 C CG2 . THR A 1 141 ? -11.818 15.541  -5.461  1.00 23.52 ? 177 THR A CG2 1 
ATOM   1159 N N   . SER A 1 142 ? -11.969 18.469  -6.979  1.00 26.00 ? 178 SER A N   1 
ATOM   1160 C CA  . SER A 1 142 ? -12.129 19.803  -6.374  1.00 27.27 ? 178 SER A CA  1 
ATOM   1161 C C   . SER A 1 142 ? -12.104 19.822  -4.846  1.00 28.44 ? 178 SER A C   1 
ATOM   1162 O O   . SER A 1 142 ? -12.699 18.959  -4.189  1.00 28.23 ? 178 SER A O   1 
ATOM   1163 C CB  . SER A 1 142 ? -13.430 20.445  -6.857  1.00 27.36 ? 178 SER A CB  1 
ATOM   1164 O OG  . SER A 1 142 ? -13.388 20.695  -8.247  1.00 26.75 ? 178 SER A OG  1 
ATOM   1165 N N   . GLY A 1 143 ? -11.455 20.846  -4.291  1.00 29.87 ? 179 GLY A N   1 
ATOM   1166 C CA  . GLY A 1 143 ? -11.277 20.989  -2.842  1.00 31.87 ? 179 GLY A CA  1 
ATOM   1167 C C   . GLY A 1 143 ? -12.546 20.832  -2.029  1.00 33.24 ? 179 GLY A C   1 
ATOM   1168 O O   . GLY A 1 143 ? -12.536 20.968  -0.790  1.00 35.70 ? 179 GLY A O   1 
HETATM 1169 C C1  . EDO B 2 .   ? -7.632  -5.043  -10.009 1.00 46.94 ? 1   EDO A C1  1 
HETATM 1170 O O1  . EDO B 2 .   ? -8.521  -4.075  -9.434  1.00 45.14 ? 1   EDO A O1  1 
HETATM 1171 C C2  . EDO B 2 .   ? -8.154  -6.419  -9.616  1.00 47.15 ? 1   EDO A C2  1 
HETATM 1172 O O2  . EDO B 2 .   ? -7.963  -6.555  -8.209  1.00 48.39 ? 1   EDO A O2  1 
HETATM 1173 O O   . HOH C 3 .   ? -7.004  -11.137 -10.391 1.00 26.22 ? 180 HOH A O   1 
HETATM 1174 O O   . HOH C 3 .   ? -7.122  -13.407 -1.769  1.00 24.56 ? 181 HOH A O   1 
HETATM 1175 O O   . HOH C 3 .   ? -6.034  -11.431 6.320   1.00 18.28 ? 182 HOH A O   1 
HETATM 1176 O O   . HOH C 3 .   ? -7.708  -8.437  11.566  1.00 31.12 ? 183 HOH A O   1 
HETATM 1177 O O   . HOH C 3 .   ? -13.467 -1.770  10.623  1.00 35.54 ? 184 HOH A O   1 
HETATM 1178 O O   . HOH C 3 .   ? -13.545 -4.466  -0.016  1.00 28.76 ? 185 HOH A O   1 
HETATM 1179 O O   . HOH C 3 .   ? -8.186  -2.008  -7.983  1.00 21.03 ? 186 HOH A O   1 
HETATM 1180 O O   . HOH C 3 .   ? -8.048  0.530   -8.755  1.00 12.48 ? 187 HOH A O   1 
HETATM 1181 O O   . HOH C 3 .   ? -12.537 6.944   -11.009 1.00 13.49 ? 188 HOH A O   1 
HETATM 1182 O O   . HOH C 3 .   ? -13.902 7.090   -0.792  1.00 22.76 ? 189 HOH A O   1 
HETATM 1183 O O   . HOH C 3 .   ? -9.484  7.876   -1.202  1.00 21.43 ? 190 HOH A O   1 
HETATM 1184 O O   . HOH C 3 .   ? -9.446  13.537  3.865   1.00 34.05 ? 191 HOH A O   1 
HETATM 1185 O O   . HOH C 3 .   ? -8.518  13.107  -7.955  1.00 21.78 ? 192 HOH A O   1 
HETATM 1186 O O   . HOH C 3 .   ? -10.657 0.783   4.296   1.00 36.43 ? 193 HOH A O   1 
HETATM 1187 O O   . HOH C 3 .   ? 0.311   -9.961  8.313   1.00 17.01 ? 194 HOH A O   1 
HETATM 1188 O O   . HOH C 3 .   ? -0.503  -11.160 18.051  1.00 22.62 ? 195 HOH A O   1 
HETATM 1189 O O   . HOH C 3 .   ? 6.370   -4.347  16.081  1.00 19.69 ? 196 HOH A O   1 
HETATM 1190 O O   . HOH C 3 .   ? 6.230   -9.087  18.397  1.00 41.05 ? 197 HOH A O   1 
HETATM 1191 O O   . HOH C 3 .   ? 8.289   -8.801  16.288  1.00 30.36 ? 198 HOH A O   1 
HETATM 1192 O O   . HOH C 3 .   ? 7.600   -1.839  15.683  1.00 20.73 ? 199 HOH A O   1 
HETATM 1193 O O   . HOH C 3 .   ? 9.727   -2.152  14.294  1.00 26.02 ? 200 HOH A O   1 
HETATM 1194 O O   . HOH C 3 .   ? -6.048  -0.888  8.927   1.00 18.62 ? 201 HOH A O   1 
HETATM 1195 O O   . HOH C 3 .   ? 13.023  4.070   13.067  1.00 26.85 ? 202 HOH A O   1 
HETATM 1196 O O   . HOH C 3 .   ? -2.487  -20.750 8.270   1.00 16.65 ? 203 HOH A O   1 
HETATM 1197 O O   . HOH C 3 .   ? -4.369  -17.647 7.649   1.00 31.49 ? 204 HOH A O   1 
HETATM 1198 O O   . HOH C 3 .   ? 7.764   -7.782  -8.177  1.00 41.36 ? 205 HOH A O   1 
HETATM 1199 O O   . HOH C 3 .   ? 9.494   -7.075  -5.563  1.00 23.77 ? 206 HOH A O   1 
HETATM 1200 O O   . HOH C 3 .   ? -2.590  5.036   -15.649 1.00 21.16 ? 207 HOH A O   1 
HETATM 1201 O O   . HOH C 3 .   ? 7.089   2.944   -14.785 1.00 49.45 ? 208 HOH A O   1 
HETATM 1202 O O   . HOH C 3 .   ? 8.806   0.162   -1.975  1.00 20.93 ? 209 HOH A O   1 
HETATM 1203 O O   . HOH C 3 .   ? 10.700  1.600   -0.820  1.00 19.37 ? 210 HOH A O   1 
HETATM 1204 O O   . HOH C 3 .   ? 12.967  -2.535  -1.432  1.00 18.92 ? 211 HOH A O   1 
HETATM 1205 O O   . HOH C 3 .   ? -14.921 17.461  -4.684  1.00 20.40 ? 212 HOH A O   1 
HETATM 1206 O O   . HOH C 3 .   ? -6.107  -1.050  13.336  1.00 24.64 ? 213 HOH A O   1 
HETATM 1207 O O   . HOH C 3 .   ? -11.475 -1.140  9.152   1.00 34.53 ? 214 HOH A O   1 
HETATM 1208 O O   . HOH C 3 .   ? -10.350 0.255   1.831   1.00 39.66 ? 215 HOH A O   1 
HETATM 1209 O O   . HOH C 3 .   ? -15.535 -3.618  -8.197  1.00 31.02 ? 216 HOH A O   1 
HETATM 1210 O O   . HOH C 3 .   ? -18.531 -3.666  -8.171  1.00 20.72 ? 217 HOH A O   1 
HETATM 1211 O O   . HOH C 3 .   ? -14.359 1.537   -5.628  1.00 14.01 ? 218 HOH A O   1 
HETATM 1212 O O   . HOH C 3 .   ? -13.887 3.546   -3.930  1.00 16.87 ? 219 HOH A O   1 
HETATM 1213 O O   . HOH C 3 .   ? -11.241 3.668   -0.076  1.00 26.40 ? 220 HOH A O   1 
HETATM 1214 O O   . HOH C 3 .   ? 13.556  5.174   2.702   1.00 24.77 ? 221 HOH A O   1 
HETATM 1215 O O   . HOH C 3 .   ? 10.535  7.145   10.716  1.00 21.88 ? 222 HOH A O   1 
HETATM 1216 O O   . HOH C 3 .   ? 10.400  9.168   8.546   1.00 17.76 ? 223 HOH A O   1 
HETATM 1217 O O   . HOH C 3 .   ? 9.188   11.299  9.227   1.00 23.97 ? 224 HOH A O   1 
HETATM 1218 O O   . HOH C 3 .   ? 15.000  3.621   8.671   1.00 29.57 ? 225 HOH A O   1 
HETATM 1219 O O   . HOH C 3 .   ? 3.590   11.182  9.213   1.00 29.02 ? 226 HOH A O   1 
HETATM 1220 O O   . HOH C 3 .   ? 3.942   9.499   11.095  1.00 29.29 ? 227 HOH A O   1 
HETATM 1221 O O   . HOH C 3 .   ? -0.253  16.274  3.642   1.00 31.61 ? 228 HOH A O   1 
HETATM 1222 O O   . HOH C 3 .   ? -8.552  5.070   5.636   1.00 27.99 ? 229 HOH A O   1 
HETATM 1223 O O   . HOH C 3 .   ? -7.310  4.029   7.504   1.00 28.96 ? 230 HOH A O   1 
HETATM 1224 O O   . HOH C 3 .   ? -7.419  13.611  2.277   1.00 29.89 ? 231 HOH A O   1 
HETATM 1225 O O   . HOH C 3 .   ? -0.777  -12.250 10.247  1.00 37.16 ? 232 HOH A O   1 
HETATM 1226 O O   . HOH C 3 .   ? -2.172  -14.932 2.935   1.00 21.08 ? 233 HOH A O   1 
HETATM 1227 O O   . HOH C 3 .   ? -4.771  -15.063 3.095   1.00 19.66 ? 234 HOH A O   1 
HETATM 1228 O O   . HOH C 3 .   ? -1.251  -20.715 1.763   1.00 14.91 ? 235 HOH A O   1 
HETATM 1229 O O   . HOH C 3 .   ? 0.640   -19.194 -2.471  1.00 38.02 ? 236 HOH A O   1 
HETATM 1230 O O   . HOH C 3 .   ? -0.407  -17.026 -4.024  1.00 31.30 ? 237 HOH A O   1 
HETATM 1231 O O   . HOH C 3 .   ? 6.245   -15.787 -6.252  1.00 36.98 ? 238 HOH A O   1 
HETATM 1232 O O   . HOH C 3 .   ? 4.122   -5.690  23.052  1.00 39.72 ? 239 HOH A O   1 
HETATM 1233 O O   . HOH C 3 .   ? 7.221   -0.397  17.876  1.00 39.20 ? 240 HOH A O   1 
HETATM 1234 O O   . HOH C 3 .   ? 7.290   -1.933  20.120  1.00 37.95 ? 241 HOH A O   1 
HETATM 1235 O O   . HOH C 3 .   ? 9.808   1.336   17.457  1.00 47.03 ? 242 HOH A O   1 
HETATM 1236 O O   . HOH C 3 .   ? 15.848  11.493  1.856   1.00 27.37 ? 243 HOH A O   1 
HETATM 1237 O O   . HOH C 3 .   ? 13.572  11.008  2.638   1.00 34.78 ? 244 HOH A O   1 
HETATM 1238 O O   . HOH C 3 .   ? 7.847   -0.051  -12.972 1.00 16.49 ? 245 HOH A O   1 
HETATM 1239 O O   . HOH C 3 .   ? 9.521   11.804  -7.991  1.00 27.79 ? 246 HOH A O   1 
HETATM 1240 O O   . HOH C 3 .   ? 0.475   16.117  -0.153  1.00 44.21 ? 247 HOH A O   1 
HETATM 1241 O O   . HOH C 3 .   ? 2.593   18.704  -7.358  1.00 38.84 ? 248 HOH A O   1 
HETATM 1242 O O   . HOH C 3 .   ? 3.529   15.244  -9.157  1.00 24.72 ? 249 HOH A O   1 
HETATM 1243 O O   . HOH C 3 .   ? 3.482   12.456  -10.795 1.00 23.71 ? 250 HOH A O   1 
HETATM 1244 O O   . HOH C 3 .   ? -7.208  15.516  -7.581  1.00 38.91 ? 251 HOH A O   1 
HETATM 1245 O O   . HOH C 3 .   ? -10.224 17.126  -2.509  1.00 32.68 ? 252 HOH A O   1 
HETATM 1246 O O   . HOH C 3 .   ? -5.796  -13.950 5.263   1.00 29.99 ? 253 HOH A O   1 
HETATM 1247 O O   . HOH C 3 .   ? -4.919  2.031   9.874   1.00 40.69 ? 254 HOH A O   1 
HETATM 1248 O O   . HOH C 3 .   ? 1.555   -19.763 6.689   1.00 23.47 ? 255 HOH A O   1 
HETATM 1249 O O   . HOH C 3 .   ? 15.288  8.170   -2.806  1.00 30.24 ? 256 HOH A O   1 
HETATM 1250 O O   . HOH C 3 .   ? -5.134  7.972   -13.171 1.00 38.48 ? 257 HOH A O   1 
HETATM 1251 O O   . HOH C 3 .   ? -3.505  10.783  -12.121 1.00 29.15 ? 258 HOH A O   1 
HETATM 1252 O O   . HOH C 3 .   ? 2.822   -2.885  -16.514 1.00 34.44 ? 259 HOH A O   1 
HETATM 1253 O O   . HOH C 3 .   ? 13.251  7.953   2.244   1.00 47.66 ? 260 HOH A O   1 
HETATM 1254 O O   . HOH C 3 .   ? -2.888  -12.471 12.156  1.00 43.12 ? 261 HOH A O   1 
HETATM 1255 O O   . HOH C 3 .   ? 7.128   -14.695 -2.919  1.00 45.64 ? 262 HOH A O   1 
HETATM 1256 O O   . HOH C 3 .   ? 6.589   -16.574 0.375   1.00 36.53 ? 263 HOH A O   1 
HETATM 1257 O O   . HOH C 3 .   ? 10.085  -11.248 -0.034  1.00 39.36 ? 264 HOH A O   1 
HETATM 1258 O O   . HOH C 3 .   ? 4.077   0.815   19.827  1.00 32.43 ? 265 HOH A O   1 
HETATM 1259 O O   . HOH C 3 .   ? -10.317 -12.769 4.546   1.00 45.51 ? 266 HOH A O   1 
HETATM 1260 O O   . HOH C 3 .   ? 0.524   9.998   11.329  1.00 35.20 ? 267 HOH A O   1 
HETATM 1261 O O   . HOH C 3 .   ? 0.427   18.223  -0.726  1.00 40.54 ? 268 HOH A O   1 
HETATM 1262 O O   . HOH C 3 .   ? -2.975  -5.909  18.969  1.00 32.19 ? 269 HOH A O   1 
HETATM 1263 O O   . HOH C 3 .   ? 8.258   -6.142  15.444  1.00 32.54 ? 270 HOH A O   1 
HETATM 1264 O O   . HOH C 3 .   ? 17.157  2.655   -3.469  1.00 38.32 ? 271 HOH A O   1 
HETATM 1265 O O   . HOH C 3 .   ? 6.926   9.576   -10.879 1.00 36.47 ? 272 HOH A O   1 
HETATM 1266 O O   . HOH C 3 .   ? -3.599  18.785  -5.694  1.00 37.99 ? 273 HOH A O   1 
HETATM 1267 O O   . HOH C 3 .   ? 7.965   1.420   2.696   1.00 24.17 ? 274 HOH A O   1 
HETATM 1268 O O   . HOH C 3 .   ? -5.401  -6.739  14.144  1.00 33.61 ? 275 HOH A O   1 
HETATM 1269 O O   . HOH C 3 .   ? -12.342 -1.658  0.108   1.00 51.81 ? 276 HOH A O   1 
HETATM 1270 O O   . HOH C 3 .   ? 10.833  0.260   15.139  1.00 32.20 ? 277 HOH A O   1 
HETATM 1271 O O   . HOH C 3 .   ? 16.362  11.442  4.441   1.00 43.60 ? 278 HOH A O   1 
HETATM 1272 O O   . HOH C 3 .   ? 6.051   13.795  6.887   1.00 40.04 ? 279 HOH A O   1 
HETATM 1273 O O   . HOH C 3 .   ? -4.265  11.334  10.053  1.00 34.21 ? 280 HOH A O   1 
HETATM 1274 O O   . HOH C 3 .   ? -8.915  -12.562 12.374  1.00 41.91 ? 281 HOH A O   1 
HETATM 1275 O O   . HOH C 3 .   ? 6.618   -5.406  18.671  1.00 33.80 ? 282 HOH A O   1 
HETATM 1276 O O   . HOH C 3 .   ? -2.625  -5.552  14.233  1.00 24.67 ? 283 HOH A O   1 
HETATM 1277 O O   . HOH C 3 .   ? 2.746   -19.680 4.562   1.00 42.44 ? 284 HOH A O   1 
HETATM 1278 O O   . HOH C 3 .   ? 0.265   -17.289 -6.555  1.00 38.57 ? 285 HOH A O   1 
HETATM 1279 O O   . HOH C 3 .   ? 5.254   -1.718  -15.288 1.00 34.71 ? 286 HOH A O   1 
HETATM 1280 O O   . HOH C 3 .   ? 11.776  4.769   -7.915  1.00 31.47 ? 287 HOH A O   1 
HETATM 1281 O O   . HOH C 3 .   ? 1.235   12.742  -12.786 1.00 35.29 ? 288 HOH A O   1 
HETATM 1282 O O   . HOH C 3 .   ? -5.019  12.713  -12.689 1.00 43.25 ? 289 HOH A O   1 
HETATM 1283 O O   . HOH C 3 .   ? 10.614  7.536   -9.993  1.00 44.24 ? 290 HOH A O   1 
HETATM 1284 O O   . HOH C 3 .   ? -15.002 -6.150  -6.366  1.00 35.76 ? 291 HOH A O   1 
HETATM 1285 O O   . HOH C 3 .   ? 6.643   16.612  -5.305  1.00 33.92 ? 292 HOH A O   1 
HETATM 1286 O O   . HOH C 3 .   ? -4.970  -14.162 0.006   1.00 48.39 ? 293 HOH A O   1 
HETATM 1287 O O   . HOH C 3 .   ? -12.490 5.770   5.501   1.00 44.22 ? 294 HOH A O   1 
HETATM 1288 O O   . HOH C 3 .   ? -5.979  17.843  2.750   1.00 44.45 ? 295 HOH A O   1 
HETATM 1289 O O   . HOH C 3 .   ? 9.877   14.642  4.056   1.00 41.55 ? 296 HOH A O   1 
HETATM 1290 O O   . HOH C 3 .   ? -5.040  -8.401  -17.884 1.00 38.74 ? 297 HOH A O   1 
HETATM 1291 O O   . HOH C 3 .   ? -2.293  -8.271  -17.219 1.00 29.89 ? 298 HOH A O   1 
HETATM 1292 O O   . HOH C 3 .   ? 7.365   2.075   1.424   0.50 16.96 ? 299 HOH A O   1 
HETATM 1293 O O   . HOH C 3 .   ? -6.945  -8.158  -11.825 1.00 45.59 ? 300 HOH A O   1 
HETATM 1294 O O   . HOH C 3 .   ? 15.929  -1.880  -5.146  1.00 40.19 ? 301 HOH A O   1 
HETATM 1295 O O   . HOH C 3 .   ? -0.218  19.213  -6.393  1.00 41.23 ? 302 HOH A O   1 
# 
